data_4HIU
# 
_entry.id   4HIU 
# 
_audit_conform.dict_name       mmcif_pdbx.dic 
_audit_conform.dict_version    5.379 
_audit_conform.dict_location   http://mmcif.pdb.org/dictionaries/ascii/mmcif_pdbx.dic 
# 
loop_
_database_2.database_id 
_database_2.database_code 
_database_2.pdbx_database_accession 
_database_2.pdbx_DOI 
PDB   4HIU         pdb_00004hiu 10.2210/pdb4hiu/pdb 
RCSB  RCSB075519   ?            ?                   
WWPDB D_1000075519 ?            ?                   
# 
loop_
_pdbx_database_related.db_name 
_pdbx_database_related.db_id 
_pdbx_database_related.details 
_pdbx_database_related.content_type 
PDB 3F1J WILD-TYPE unspecified 
PDB 4HI5 .         unspecified 
PDB 4HI6 .         unspecified 
PDB 4HIT .         unspecified 
PDB 4HIY .         unspecified 
PDB 4HIW .         unspecified 
# 
_pdbx_database_status.status_code                     REL 
_pdbx_database_status.entry_id                        4HIU 
_pdbx_database_status.recvd_initial_deposition_date   2012-10-12 
_pdbx_database_status.deposit_site                    RCSB 
_pdbx_database_status.process_site                    RCSB 
_pdbx_database_status.status_code_sf                  REL 
_pdbx_database_status.status_code_mr                  ? 
_pdbx_database_status.SG_entry                        ? 
_pdbx_database_status.status_code_cs                  ? 
_pdbx_database_status.methods_development_category    ? 
_pdbx_database_status.pdb_format_compatible           Y 
_pdbx_database_status.status_code_nmr_data            ? 
# 
loop_
_audit_author.name 
_audit_author.pdbx_ordinal 
'Dautel, P.'   1 
'Kolenko, P.'  2 
'Stubbs, M.T.' 3 
# 
_citation.id                        primary 
_citation.title                     'Matrix protein variants provide support for alternative borna disease virus infection pathway' 
_citation.journal_abbrev            'To be Published' 
_citation.journal_volume            ? 
_citation.page_first                ? 
_citation.page_last                 ? 
_citation.year                      ? 
_citation.journal_id_ASTM           ? 
_citation.country                   ? 
_citation.journal_id_ISSN           ? 
_citation.journal_id_CSD            0353 
_citation.book_publisher            ? 
_citation.pdbx_database_id_PubMed   ? 
_citation.pdbx_database_id_DOI      ? 
# 
loop_
_citation_author.citation_id 
_citation_author.name 
_citation_author.ordinal 
_citation_author.identifier_ORCID 
primary 'Dautel, P.'   1 ? 
primary 'Kolenko, P.'  2 ? 
primary 'Stubbs, M.T.' 3 ? 
# 
_cell.entry_id           4HIU 
_cell.length_a           139.732 
_cell.length_b           139.732 
_cell.length_c           139.732 
_cell.angle_alpha        90.00 
_cell.angle_beta         90.00 
_cell.angle_gamma        90.00 
_cell.Z_PDB              48 
_cell.pdbx_unique_axis   ? 
_cell.length_a_esd       ? 
_cell.length_b_esd       ? 
_cell.length_c_esd       ? 
_cell.angle_alpha_esd    ? 
_cell.angle_beta_esd     ? 
_cell.angle_gamma_esd    ? 
# 
_symmetry.entry_id                         4HIU 
_symmetry.space_group_name_H-M             'I 4 3 2' 
_symmetry.pdbx_full_space_group_name_H-M   ? 
_symmetry.cell_setting                     ? 
_symmetry.Int_Tables_number                211 
_symmetry.space_group_name_Hall            ? 
# 
loop_
_entity.id 
_entity.type 
_entity.src_method 
_entity.pdbx_description 
_entity.formula_weight 
_entity.pdbx_number_of_molecules 
_entity.pdbx_ec 
_entity.pdbx_mutation 
_entity.pdbx_fragment 
_entity.details 
1 polymer     man 'Matrix protein'             16105.587 1 ? 'R34A, R53A' ? ? 
2 non-polymer syn "CYTIDINE-5'-MONOPHOSPHATE"  323.197   1 ? ?            ? ? 
3 non-polymer syn "GUANOSINE-5'-MONOPHOSPHATE" 363.221   1 ? ?            ? ? 
# 
_entity_name_com.entity_id   1 
_entity_name_com.name        'gp18, p16' 
# 
_entity_poly.entity_id                      1 
_entity_poly.type                           'polypeptide(L)' 
_entity_poly.nstd_linkage                   no 
_entity_poly.nstd_monomer                   no 
_entity_poly.pdbx_seq_one_letter_code       
;MNSKHSYVELKDKVIVPGWPTLMLEIDFVGGTSANQFLNIPFLSVKEPLQLPAEKKLTDYFTIDVEPAGHSLVNIYFQID
DFLLLTLNSLSVYKDPIRKYMFLRLNKEQSKHAINAAFNVFSYRLRNIGVGPLGPDIRSSGP
;
_entity_poly.pdbx_seq_one_letter_code_can   
;MNSKHSYVELKDKVIVPGWPTLMLEIDFVGGTSANQFLNIPFLSVKEPLQLPAEKKLTDYFTIDVEPAGHSLVNIYFQID
DFLLLTLNSLSVYKDPIRKYMFLRLNKEQSKHAINAAFNVFSYRLRNIGVGPLGPDIRSSGP
;
_entity_poly.pdbx_strand_id                 A 
_entity_poly.pdbx_target_identifier         ? 
# 
loop_
_entity_poly_seq.entity_id 
_entity_poly_seq.num 
_entity_poly_seq.mon_id 
_entity_poly_seq.hetero 
1 1   MET n 
1 2   ASN n 
1 3   SER n 
1 4   LYS n 
1 5   HIS n 
1 6   SER n 
1 7   TYR n 
1 8   VAL n 
1 9   GLU n 
1 10  LEU n 
1 11  LYS n 
1 12  ASP n 
1 13  LYS n 
1 14  VAL n 
1 15  ILE n 
1 16  VAL n 
1 17  PRO n 
1 18  GLY n 
1 19  TRP n 
1 20  PRO n 
1 21  THR n 
1 22  LEU n 
1 23  MET n 
1 24  LEU n 
1 25  GLU n 
1 26  ILE n 
1 27  ASP n 
1 28  PHE n 
1 29  VAL n 
1 30  GLY n 
1 31  GLY n 
1 32  THR n 
1 33  SER n 
1 34  ALA n 
1 35  ASN n 
1 36  GLN n 
1 37  PHE n 
1 38  LEU n 
1 39  ASN n 
1 40  ILE n 
1 41  PRO n 
1 42  PHE n 
1 43  LEU n 
1 44  SER n 
1 45  VAL n 
1 46  LYS n 
1 47  GLU n 
1 48  PRO n 
1 49  LEU n 
1 50  GLN n 
1 51  LEU n 
1 52  PRO n 
1 53  ALA n 
1 54  GLU n 
1 55  LYS n 
1 56  LYS n 
1 57  LEU n 
1 58  THR n 
1 59  ASP n 
1 60  TYR n 
1 61  PHE n 
1 62  THR n 
1 63  ILE n 
1 64  ASP n 
1 65  VAL n 
1 66  GLU n 
1 67  PRO n 
1 68  ALA n 
1 69  GLY n 
1 70  HIS n 
1 71  SER n 
1 72  LEU n 
1 73  VAL n 
1 74  ASN n 
1 75  ILE n 
1 76  TYR n 
1 77  PHE n 
1 78  GLN n 
1 79  ILE n 
1 80  ASP n 
1 81  ASP n 
1 82  PHE n 
1 83  LEU n 
1 84  LEU n 
1 85  LEU n 
1 86  THR n 
1 87  LEU n 
1 88  ASN n 
1 89  SER n 
1 90  LEU n 
1 91  SER n 
1 92  VAL n 
1 93  TYR n 
1 94  LYS n 
1 95  ASP n 
1 96  PRO n 
1 97  ILE n 
1 98  ARG n 
1 99  LYS n 
1 100 TYR n 
1 101 MET n 
1 102 PHE n 
1 103 LEU n 
1 104 ARG n 
1 105 LEU n 
1 106 ASN n 
1 107 LYS n 
1 108 GLU n 
1 109 GLN n 
1 110 SER n 
1 111 LYS n 
1 112 HIS n 
1 113 ALA n 
1 114 ILE n 
1 115 ASN n 
1 116 ALA n 
1 117 ALA n 
1 118 PHE n 
1 119 ASN n 
1 120 VAL n 
1 121 PHE n 
1 122 SER n 
1 123 TYR n 
1 124 ARG n 
1 125 LEU n 
1 126 ARG n 
1 127 ASN n 
1 128 ILE n 
1 129 GLY n 
1 130 VAL n 
1 131 GLY n 
1 132 PRO n 
1 133 LEU n 
1 134 GLY n 
1 135 PRO n 
1 136 ASP n 
1 137 ILE n 
1 138 ARG n 
1 139 SER n 
1 140 SER n 
1 141 GLY n 
1 142 PRO n 
# 
_entity_src_gen.entity_id                          1 
_entity_src_gen.pdbx_src_id                        1 
_entity_src_gen.pdbx_alt_source_flag               sample 
_entity_src_gen.pdbx_seq_type                      ? 
_entity_src_gen.pdbx_beg_seq_num                   ? 
_entity_src_gen.pdbx_end_seq_num                   ? 
_entity_src_gen.gene_src_common_name               BDV 
_entity_src_gen.gene_src_genus                     ? 
_entity_src_gen.pdbx_gene_src_gene                 M 
_entity_src_gen.gene_src_species                   ? 
_entity_src_gen.gene_src_strain                    ? 
_entity_src_gen.gene_src_tissue                    ? 
_entity_src_gen.gene_src_tissue_fraction           ? 
_entity_src_gen.gene_src_details                   ? 
_entity_src_gen.pdbx_gene_src_fragment             ? 
_entity_src_gen.pdbx_gene_src_scientific_name      'Borna disease virus' 
_entity_src_gen.pdbx_gene_src_ncbi_taxonomy_id     12455 
_entity_src_gen.pdbx_gene_src_variant              ? 
_entity_src_gen.pdbx_gene_src_cell_line            ? 
_entity_src_gen.pdbx_gene_src_atcc                 ? 
_entity_src_gen.pdbx_gene_src_organ                ? 
_entity_src_gen.pdbx_gene_src_organelle            ? 
_entity_src_gen.pdbx_gene_src_cell                 ? 
_entity_src_gen.pdbx_gene_src_cellular_location    ? 
_entity_src_gen.host_org_common_name               ? 
_entity_src_gen.pdbx_host_org_scientific_name      'Escherichia coli' 
_entity_src_gen.pdbx_host_org_ncbi_taxonomy_id     511693 
_entity_src_gen.host_org_genus                     ? 
_entity_src_gen.pdbx_host_org_gene                 ? 
_entity_src_gen.pdbx_host_org_organ                ? 
_entity_src_gen.host_org_species                   ? 
_entity_src_gen.pdbx_host_org_tissue               ? 
_entity_src_gen.pdbx_host_org_tissue_fraction      ? 
_entity_src_gen.pdbx_host_org_strain               BL21 
_entity_src_gen.pdbx_host_org_variant              ? 
_entity_src_gen.pdbx_host_org_cell_line            ? 
_entity_src_gen.pdbx_host_org_atcc                 ? 
_entity_src_gen.pdbx_host_org_culture_collection   ? 
_entity_src_gen.pdbx_host_org_cell                 ? 
_entity_src_gen.pdbx_host_org_organelle            ? 
_entity_src_gen.pdbx_host_org_cellular_location    ? 
_entity_src_gen.pdbx_host_org_vector_type          PLASMID 
_entity_src_gen.pdbx_host_org_vector               ? 
_entity_src_gen.host_org_details                   ? 
_entity_src_gen.expression_system_id               ? 
_entity_src_gen.plasmid_name                       PMAL-C2 
_entity_src_gen.plasmid_details                    ? 
_entity_src_gen.pdbx_description                   ? 
# 
_struct_ref.id                         1 
_struct_ref.db_name                    UNP 
_struct_ref.db_code                    MATRX_BDV 
_struct_ref.pdbx_db_accession          P0C794 
_struct_ref.entity_id                  1 
_struct_ref.pdbx_seq_one_letter_code   
;MNSKHSYVELKDKVIVPGWPTLMLEIDFVGGTSRNQFLNIPFLSVKEPLQLPREKKLTDYFTIDVEPAGHSLVNIYFQID
DFLLLTLNSLSVYKDPIRKYMFLRLNKEQSKHAINAAFNVFSYRLRNIGVGPLGPDIRSSGP
;
_struct_ref.pdbx_align_begin           1 
_struct_ref.pdbx_db_isoform            ? 
# 
_struct_ref_seq.align_id                      1 
_struct_ref_seq.ref_id                        1 
_struct_ref_seq.pdbx_PDB_id_code              4HIU 
_struct_ref_seq.pdbx_strand_id                A 
_struct_ref_seq.seq_align_beg                 1 
_struct_ref_seq.pdbx_seq_align_beg_ins_code   ? 
_struct_ref_seq.seq_align_end                 142 
_struct_ref_seq.pdbx_seq_align_end_ins_code   ? 
_struct_ref_seq.pdbx_db_accession             P0C794 
_struct_ref_seq.db_align_beg                  1 
_struct_ref_seq.pdbx_db_align_beg_ins_code    ? 
_struct_ref_seq.db_align_end                  142 
_struct_ref_seq.pdbx_db_align_end_ins_code    ? 
_struct_ref_seq.pdbx_auth_seq_align_beg       1 
_struct_ref_seq.pdbx_auth_seq_align_end       142 
# 
loop_
_struct_ref_seq_dif.align_id 
_struct_ref_seq_dif.pdbx_pdb_id_code 
_struct_ref_seq_dif.mon_id 
_struct_ref_seq_dif.pdbx_pdb_strand_id 
_struct_ref_seq_dif.seq_num 
_struct_ref_seq_dif.pdbx_pdb_ins_code 
_struct_ref_seq_dif.pdbx_seq_db_name 
_struct_ref_seq_dif.pdbx_seq_db_accession_code 
_struct_ref_seq_dif.db_mon_id 
_struct_ref_seq_dif.pdbx_seq_db_seq_num 
_struct_ref_seq_dif.details 
_struct_ref_seq_dif.pdbx_auth_seq_num 
_struct_ref_seq_dif.pdbx_ordinal 
1 4HIU ALA A 34 ? UNP P0C794 ARG 34 'engineered mutation' 34 1 
1 4HIU ALA A 53 ? UNP P0C794 ARG 53 'engineered mutation' 53 2 
# 
loop_
_chem_comp.id 
_chem_comp.type 
_chem_comp.mon_nstd_flag 
_chem_comp.name 
_chem_comp.pdbx_synonyms 
_chem_comp.formula 
_chem_comp.formula_weight 
5GP non-polymer         . "GUANOSINE-5'-MONOPHOSPHATE" ? 'C10 H14 N5 O8 P' 363.221 
ALA 'L-peptide linking' y ALANINE                      ? 'C3 H7 N O2'      89.093  
ARG 'L-peptide linking' y ARGININE                     ? 'C6 H15 N4 O2 1'  175.209 
ASN 'L-peptide linking' y ASPARAGINE                   ? 'C4 H8 N2 O3'     132.118 
ASP 'L-peptide linking' y 'ASPARTIC ACID'              ? 'C4 H7 N O4'      133.103 
C5P non-polymer         . "CYTIDINE-5'-MONOPHOSPHATE"  ? 'C9 H14 N3 O8 P'  323.197 
GLN 'L-peptide linking' y GLUTAMINE                    ? 'C5 H10 N2 O3'    146.144 
GLU 'L-peptide linking' y 'GLUTAMIC ACID'              ? 'C5 H9 N O4'      147.129 
GLY 'peptide linking'   y GLYCINE                      ? 'C2 H5 N O2'      75.067  
HIS 'L-peptide linking' y HISTIDINE                    ? 'C6 H10 N3 O2 1'  156.162 
ILE 'L-peptide linking' y ISOLEUCINE                   ? 'C6 H13 N O2'     131.173 
LEU 'L-peptide linking' y LEUCINE                      ? 'C6 H13 N O2'     131.173 
LYS 'L-peptide linking' y LYSINE                       ? 'C6 H15 N2 O2 1'  147.195 
MET 'L-peptide linking' y METHIONINE                   ? 'C5 H11 N O2 S'   149.211 
PHE 'L-peptide linking' y PHENYLALANINE                ? 'C9 H11 N O2'     165.189 
PRO 'L-peptide linking' y PROLINE                      ? 'C5 H9 N O2'      115.130 
SER 'L-peptide linking' y SERINE                       ? 'C3 H7 N O3'      105.093 
THR 'L-peptide linking' y THREONINE                    ? 'C4 H9 N O3'      119.119 
TRP 'L-peptide linking' y TRYPTOPHAN                   ? 'C11 H12 N2 O2'   204.225 
TYR 'L-peptide linking' y TYROSINE                     ? 'C9 H11 N O3'     181.189 
VAL 'L-peptide linking' y VALINE                       ? 'C5 H11 N O2'     117.146 
# 
_exptl.entry_id          4HIU 
_exptl.method            'X-RAY DIFFRACTION' 
_exptl.crystals_number   1 
# 
_exptl_crystal.id                    1 
_exptl_crystal.density_meas          ? 
_exptl_crystal.density_Matthews      3.53 
_exptl_crystal.density_percent_sol   65.15 
_exptl_crystal.description           ? 
_exptl_crystal.F_000                 ? 
_exptl_crystal.preparation           ? 
# 
_exptl_crystal_grow.crystal_id      1 
_exptl_crystal_grow.method          'VAPOR DIFFUSION, HANGING DROP' 
_exptl_crystal_grow.temp            293 
_exptl_crystal_grow.temp_details    ? 
_exptl_crystal_grow.pH              7.5 
_exptl_crystal_grow.pdbx_pH_range   ? 
_exptl_crystal_grow.pdbx_details    
'0.09 M NPS buffer, 30% GLYCEROL, PEG4000, 0.1 M HEPES (MOPS), pH 7.5, VAPOR DIFFUSION, HANGING DROP, temperature 293K' 
# 
_diffrn.id                     1 
_diffrn.ambient_temp           100 
_diffrn.ambient_temp_details   ? 
_diffrn.crystal_id             1 
# 
_diffrn_detector.diffrn_id              1 
_diffrn_detector.detector               CCD 
_diffrn_detector.type                   'MARMOSAIC 225 mm CCD' 
_diffrn_detector.pdbx_collection_date   2010-07-10 
_diffrn_detector.details                MIRRORS 
# 
_diffrn_radiation.diffrn_id                        1 
_diffrn_radiation.wavelength_id                    1 
_diffrn_radiation.pdbx_monochromatic_or_laue_m_l   M 
_diffrn_radiation.monochromator                    'SI 111 CHANNEL' 
_diffrn_radiation.pdbx_diffrn_protocol             'SINGLE WAVELENGTH' 
_diffrn_radiation.pdbx_scattering_type             x-ray 
# 
_diffrn_radiation_wavelength.id           1 
_diffrn_radiation_wavelength.wavelength   0.91841 
_diffrn_radiation_wavelength.wt           1.0 
# 
_diffrn_source.diffrn_id                   1 
_diffrn_source.source                      SYNCHROTRON 
_diffrn_source.type                        'BESSY BEAMLINE 14.1' 
_diffrn_source.pdbx_synchrotron_site       BESSY 
_diffrn_source.pdbx_synchrotron_beamline   14.1 
_diffrn_source.pdbx_wavelength             0.91841 
_diffrn_source.pdbx_wavelength_list        ? 
# 
_reflns.pdbx_diffrn_id               1 
_reflns.pdbx_ordinal                 1 
_reflns.entry_id                     4HIU 
_reflns.observed_criterion_sigma_I   -3.700 
_reflns.observed_criterion_sigma_F   ? 
_reflns.d_resolution_low             50.000 
_reflns.d_resolution_high            3.300 
_reflns.number_obs                   3751 
_reflns.number_all                   ? 
_reflns.percent_possible_obs         100.0 
_reflns.pdbx_Rmerge_I_obs            0.09000 
_reflns.pdbx_Rsym_value              ? 
_reflns.pdbx_netI_over_sigmaI        25.5000 
_reflns.B_iso_Wilson_estimate        93.00 
_reflns.pdbx_redundancy              11.000 
_reflns.R_free_details               ? 
_reflns.limit_h_max                  ? 
_reflns.limit_h_min                  ? 
_reflns.limit_k_max                  ? 
_reflns.limit_k_min                  ? 
_reflns.limit_l_max                  ? 
_reflns.limit_l_min                  ? 
_reflns.observed_criterion_F_max     ? 
_reflns.observed_criterion_F_min     ? 
_reflns.pdbx_chi_squared             ? 
_reflns.pdbx_scaling_rejects         ? 
# 
_reflns_shell.pdbx_diffrn_id         1 
_reflns_shell.pdbx_ordinal           1 
_reflns_shell.d_res_high             3.30 
_reflns_shell.d_res_low              3.48 
_reflns_shell.percent_possible_all   100.0 
_reflns_shell.Rmerge_I_obs           0.70300 
_reflns_shell.pdbx_Rsym_value        ? 
_reflns_shell.meanI_over_sigI_obs    3.600 
_reflns_shell.pdbx_redundancy        11.40 
_reflns_shell.percent_possible_obs   ? 
_reflns_shell.number_unique_all      ? 
_reflns_shell.number_measured_all    ? 
_reflns_shell.number_measured_obs    ? 
_reflns_shell.number_unique_obs      ? 
_reflns_shell.pdbx_chi_squared       ? 
# 
_refine.pdbx_refine_id                           'X-RAY DIFFRACTION' 
_refine.entry_id                                 4HIU 
_refine.pdbx_diffrn_id                           1 
_refine.pdbx_TLS_residual_ADP_flag               ? 
_refine.ls_number_reflns_obs                     3736 
_refine.ls_number_reflns_all                     3751 
_refine.pdbx_ls_sigma_I                          ? 
_refine.pdbx_ls_sigma_F                          ? 
_refine.pdbx_data_cutoff_high_absF               ? 
_refine.pdbx_data_cutoff_low_absF                ? 
_refine.pdbx_data_cutoff_high_rms_absF           ? 
_refine.ls_d_res_low                             50.00 
_refine.ls_d_res_high                            3.30 
_refine.ls_percent_reflns_obs                    99.8 
_refine.ls_R_factor_obs                          0.187 
_refine.ls_R_factor_all                          ? 
_refine.ls_R_factor_R_work                       0.185 
_refine.ls_R_factor_R_free                       ? 
_refine.ls_R_factor_R_free_error                 ? 
_refine.ls_R_factor_R_free_error_details         ? 
_refine.ls_percent_reflns_R_free                 ? 
_refine.ls_number_reflns_R_free                  ? 
_refine.ls_number_parameters                     ? 
_refine.ls_number_restraints                     ? 
_refine.occupancy_min                            ? 
_refine.occupancy_max                            ? 
_refine.correlation_coeff_Fo_to_Fc               0.935 
_refine.correlation_coeff_Fo_to_Fc_free          ? 
_refine.B_iso_mean                               75.69 
_refine.aniso_B[1][1]                            ? 
_refine.aniso_B[2][2]                            ? 
_refine.aniso_B[3][3]                            ? 
_refine.aniso_B[1][2]                            ? 
_refine.aniso_B[1][3]                            ? 
_refine.aniso_B[2][3]                            ? 
_refine.solvent_model_details                    MASK 
_refine.solvent_model_param_ksol                 ? 
_refine.solvent_model_param_bsol                 ? 
_refine.pdbx_solvent_vdw_probe_radii             1.20 
_refine.pdbx_solvent_ion_probe_radii             0.80 
_refine.pdbx_solvent_shrinkage_radii             0.80 
_refine.pdbx_ls_cross_valid_method               THROUGHOUT 
_refine.details                                  'HYDROGENS HAVE BEEN ADDED IN THE RIDING POSITIONS' 
_refine.pdbx_starting_model                      'PDB ENTRY 3F1J' 
_refine.pdbx_method_to_determine_struct          'MOLECULAR REPLACEMENT' 
_refine.pdbx_isotropic_thermal_model             Isotropic 
_refine.pdbx_stereochemistry_target_values       'MAXIMUM LIKELIHOOD' 
_refine.pdbx_stereochem_target_val_spec_case     ? 
_refine.pdbx_R_Free_selection_details            RANDOM 
_refine.pdbx_overall_ESU_R                       ? 
_refine.pdbx_overall_ESU_R_Free                  ? 
_refine.overall_SU_ML                            0.229 
_refine.pdbx_overall_phase_error                 ? 
_refine.overall_SU_B                             14.243 
_refine.overall_SU_R_Cruickshank_DPI             ? 
_refine.pdbx_overall_SU_R_free_Cruickshank_DPI   ? 
_refine.pdbx_overall_SU_R_Blow_DPI               ? 
_refine.pdbx_overall_SU_R_free_Blow_DPI          ? 
_refine.ls_redundancy_reflns_obs                 ? 
_refine.B_iso_min                                ? 
_refine.B_iso_max                                ? 
_refine.overall_SU_R_free                        ? 
_refine.ls_wR_factor_R_free                      ? 
_refine.ls_wR_factor_R_work                      ? 
_refine.overall_FOM_free_R_set                   ? 
_refine.overall_FOM_work_R_set                   ? 
# 
_refine_hist.pdbx_refine_id                   'X-RAY DIFFRACTION' 
_refine_hist.cycle_id                         LAST 
_refine_hist.pdbx_number_atoms_protein        1078 
_refine_hist.pdbx_number_atoms_nucleic_acid   0 
_refine_hist.pdbx_number_atoms_ligand         45 
_refine_hist.number_atoms_solvent             0 
_refine_hist.number_atoms_total               1123 
_refine_hist.d_res_high                       3.30 
_refine_hist.d_res_low                        50.00 
# 
loop_
_refine_ls_restr.type 
_refine_ls_restr.dev_ideal 
_refine_ls_restr.dev_ideal_target 
_refine_ls_restr.weight 
_refine_ls_restr.number 
_refine_ls_restr.pdbx_refine_id 
_refine_ls_restr.pdbx_restraint_function 
r_bond_refined_d             0.013  0.022  ? 1153 'X-RAY DIFFRACTION' ? 
r_bond_other_d               0.003  0.020  ? 780  'X-RAY DIFFRACTION' ? 
r_angle_refined_deg          1.474  2.029  ? 1571 'X-RAY DIFFRACTION' ? 
r_angle_other_deg            1.006  3.014  ? 1911 'X-RAY DIFFRACTION' ? 
r_dihedral_angle_1_deg       7.515  5.000  ? 130  'X-RAY DIFFRACTION' ? 
r_dihedral_angle_2_deg       27.332 24.200 ? 50   'X-RAY DIFFRACTION' ? 
r_dihedral_angle_3_deg       16.136 15.000 ? 195  'X-RAY DIFFRACTION' ? 
r_dihedral_angle_4_deg       15.334 15.000 ? 5    'X-RAY DIFFRACTION' ? 
r_chiral_restr               0.091  0.200  ? 179  'X-RAY DIFFRACTION' ? 
r_gen_planes_refined         0.005  0.021  ? 1208 'X-RAY DIFFRACTION' ? 
r_gen_planes_other           0.001  0.020  ? 226  'X-RAY DIFFRACTION' ? 
r_nbd_refined                ?      ?      ? ?    'X-RAY DIFFRACTION' ? 
r_nbd_other                  ?      ?      ? ?    'X-RAY DIFFRACTION' ? 
r_nbtor_refined              ?      ?      ? ?    'X-RAY DIFFRACTION' ? 
r_nbtor_other                ?      ?      ? ?    'X-RAY DIFFRACTION' ? 
r_xyhbond_nbd_refined        ?      ?      ? ?    'X-RAY DIFFRACTION' ? 
r_xyhbond_nbd_other          ?      ?      ? ?    'X-RAY DIFFRACTION' ? 
r_metal_ion_refined          ?      ?      ? ?    'X-RAY DIFFRACTION' ? 
r_metal_ion_other            ?      ?      ? ?    'X-RAY DIFFRACTION' ? 
r_symmetry_vdw_refined       ?      ?      ? ?    'X-RAY DIFFRACTION' ? 
r_symmetry_vdw_other         ?      ?      ? ?    'X-RAY DIFFRACTION' ? 
r_symmetry_hbond_refined     ?      ?      ? ?    'X-RAY DIFFRACTION' ? 
r_symmetry_hbond_other       ?      ?      ? ?    'X-RAY DIFFRACTION' ? 
r_symmetry_metal_ion_refined ?      ?      ? ?    'X-RAY DIFFRACTION' ? 
r_symmetry_metal_ion_other   ?      ?      ? ?    'X-RAY DIFFRACTION' ? 
r_mcbond_it                  ?      ?      ? ?    'X-RAY DIFFRACTION' ? 
r_mcbond_other               ?      ?      ? ?    'X-RAY DIFFRACTION' ? 
r_mcangle_it                 ?      ?      ? ?    'X-RAY DIFFRACTION' ? 
r_scbond_it                  ?      ?      ? ?    'X-RAY DIFFRACTION' ? 
r_scangle_it                 ?      ?      ? ?    'X-RAY DIFFRACTION' ? 
r_rigid_bond_restr           ?      ?      ? ?    'X-RAY DIFFRACTION' ? 
r_sphericity_free            ?      ?      ? ?    'X-RAY DIFFRACTION' ? 
r_sphericity_bonded          ?      ?      ? ?    'X-RAY DIFFRACTION' ? 
# 
_refine_ls_shell.pdbx_refine_id                   'X-RAY DIFFRACTION' 
_refine_ls_shell.pdbx_total_number_of_bins_used   20 
_refine_ls_shell.d_res_high                       3.303 
_refine_ls_shell.d_res_low                        3.388 
_refine_ls_shell.number_reflns_R_work             233 
_refine_ls_shell.R_factor_R_work                  0.279 
_refine_ls_shell.percent_reflns_obs               ? 
_refine_ls_shell.R_factor_R_free                  ? 
_refine_ls_shell.R_factor_R_free_error            ? 
_refine_ls_shell.percent_reflns_R_free            ? 
_refine_ls_shell.number_reflns_R_free             ? 
_refine_ls_shell.number_reflns_all                ? 
_refine_ls_shell.R_factor_all                     ? 
_refine_ls_shell.redundancy_reflns_obs            ? 
_refine_ls_shell.number_reflns_obs                ? 
# 
_struct.entry_id                  4HIU 
_struct.title                     'Crystal structure of R34/53A mutant of borna disease virus matrix protein' 
_struct.pdbx_model_details        ? 
_struct.pdbx_CASP_flag            ? 
_struct.pdbx_model_type_details   ? 
# 
_struct_keywords.entry_id        4HIU 
_struct_keywords.pdbx_keywords   'VIRAL PROTEIN' 
_struct_keywords.text            
;VIRAL MATRIX PROTEIN, RNA BINDING, MEMBRANE BINDING, VIRUSES, SSRNA, NEGATIVE-STRAND VIRUSES, MONONEGAVIRALES, BORNAVIRIDAE, BORNA VIRUS, VIRION, VIRAL PROTEIN
;
# 
loop_
_struct_asym.id 
_struct_asym.pdbx_blank_PDB_chainid_flag 
_struct_asym.pdbx_modified 
_struct_asym.entity_id 
_struct_asym.details 
A N N 1 ? 
B N N 2 ? 
C N N 3 ? 
# 
_struct_biol.id        1 
_struct_biol.details   ? 
# 
loop_
_struct_conf.conf_type_id 
_struct_conf.id 
_struct_conf.pdbx_PDB_helix_id 
_struct_conf.beg_label_comp_id 
_struct_conf.beg_label_asym_id 
_struct_conf.beg_label_seq_id 
_struct_conf.pdbx_beg_PDB_ins_code 
_struct_conf.end_label_comp_id 
_struct_conf.end_label_asym_id 
_struct_conf.end_label_seq_id 
_struct_conf.pdbx_end_PDB_ins_code 
_struct_conf.beg_auth_comp_id 
_struct_conf.beg_auth_asym_id 
_struct_conf.beg_auth_seq_id 
_struct_conf.end_auth_comp_id 
_struct_conf.end_auth_asym_id 
_struct_conf.end_auth_seq_id 
_struct_conf.pdbx_PDB_helix_class 
_struct_conf.details 
_struct_conf.pdbx_PDB_helix_length 
HELX_P HELX_P1 1 LYS A 11  ? ILE A 15  ? LYS A 11  ILE A 15  5 ? 5  
HELX_P HELX_P2 2 LYS A 56  ? ASP A 59  ? LYS A 56  ASP A 59  5 ? 4  
HELX_P HELX_P3 3 ASP A 80  ? SER A 91  ? ASP A 80  SER A 91  1 ? 12 
HELX_P HELX_P4 4 ASN A 106 ? ALA A 116 ? ASN A 106 ALA A 116 1 ? 11 
HELX_P HELX_P5 5 LEU A 133 ? SER A 139 ? LEU A 133 SER A 139 1 ? 7  
# 
_struct_conf_type.id          HELX_P 
_struct_conf_type.criteria    ? 
_struct_conf_type.reference   ? 
# 
loop_
_struct_sheet.id 
_struct_sheet.type 
_struct_sheet.number_strands 
_struct_sheet.details 
A ? 4 ? 
B ? 3 ? 
# 
loop_
_struct_sheet_order.sheet_id 
_struct_sheet_order.range_id_1 
_struct_sheet_order.range_id_2 
_struct_sheet_order.offset 
_struct_sheet_order.sense 
A 1 2 ? parallel      
A 2 3 ? anti-parallel 
A 3 4 ? anti-parallel 
B 1 2 ? anti-parallel 
B 2 3 ? anti-parallel 
# 
loop_
_struct_sheet_range.sheet_id 
_struct_sheet_range.id 
_struct_sheet_range.beg_label_comp_id 
_struct_sheet_range.beg_label_asym_id 
_struct_sheet_range.beg_label_seq_id 
_struct_sheet_range.pdbx_beg_PDB_ins_code 
_struct_sheet_range.end_label_comp_id 
_struct_sheet_range.end_label_asym_id 
_struct_sheet_range.end_label_seq_id 
_struct_sheet_range.pdbx_end_PDB_ins_code 
_struct_sheet_range.beg_auth_comp_id 
_struct_sheet_range.beg_auth_asym_id 
_struct_sheet_range.beg_auth_seq_id 
_struct_sheet_range.end_auth_comp_id 
_struct_sheet_range.end_auth_asym_id 
_struct_sheet_range.end_auth_seq_id 
A 1 VAL A 8   ? GLU A 9   ? VAL A 8   GLU A 9   
A 2 TYR A 100 ? ARG A 104 ? TYR A 100 ARG A 104 
A 3 VAL A 73  ? ILE A 79  ? VAL A 73  ILE A 79  
A 4 PHE A 61  ? PRO A 67  ? PHE A 61  PRO A 67  
B 1 PHE A 37  ? SER A 44  ? PHE A 37  SER A 44  
B 2 THR A 21  ? PHE A 28  ? THR A 21  PHE A 28  
B 3 VAL A 120 ? ILE A 128 ? VAL A 120 ILE A 128 
# 
loop_
_pdbx_struct_sheet_hbond.sheet_id 
_pdbx_struct_sheet_hbond.range_id_1 
_pdbx_struct_sheet_hbond.range_id_2 
_pdbx_struct_sheet_hbond.range_1_label_atom_id 
_pdbx_struct_sheet_hbond.range_1_label_comp_id 
_pdbx_struct_sheet_hbond.range_1_label_asym_id 
_pdbx_struct_sheet_hbond.range_1_label_seq_id 
_pdbx_struct_sheet_hbond.range_1_PDB_ins_code 
_pdbx_struct_sheet_hbond.range_1_auth_atom_id 
_pdbx_struct_sheet_hbond.range_1_auth_comp_id 
_pdbx_struct_sheet_hbond.range_1_auth_asym_id 
_pdbx_struct_sheet_hbond.range_1_auth_seq_id 
_pdbx_struct_sheet_hbond.range_2_label_atom_id 
_pdbx_struct_sheet_hbond.range_2_label_comp_id 
_pdbx_struct_sheet_hbond.range_2_label_asym_id 
_pdbx_struct_sheet_hbond.range_2_label_seq_id 
_pdbx_struct_sheet_hbond.range_2_PDB_ins_code 
_pdbx_struct_sheet_hbond.range_2_auth_atom_id 
_pdbx_struct_sheet_hbond.range_2_auth_comp_id 
_pdbx_struct_sheet_hbond.range_2_auth_asym_id 
_pdbx_struct_sheet_hbond.range_2_auth_seq_id 
A 1 2 N VAL A 8   ? N VAL A 8   O PHE A 102 ? O PHE A 102 
A 2 3 O MET A 101 ? O MET A 101 N PHE A 77  ? N PHE A 77  
A 3 4 O TYR A 76  ? O TYR A 76  N ASP A 64  ? N ASP A 64  
B 1 2 O PHE A 42  ? O PHE A 42  N LEU A 22  ? N LEU A 22  
B 2 3 N MET A 23  ? N MET A 23  O ARG A 126 ? O ARG A 126 
# 
loop_
_struct_site.id 
_struct_site.pdbx_evidence_code 
_struct_site.pdbx_auth_asym_id 
_struct_site.pdbx_auth_comp_id 
_struct_site.pdbx_auth_seq_id 
_struct_site.pdbx_auth_ins_code 
_struct_site.pdbx_num_residues 
_struct_site.details 
AC1 Software A C5P 300 ? 5  'BINDING SITE FOR RESIDUE C5P A 300' 
AC2 Software A 5GP 301 ? 11 'BINDING SITE FOR RESIDUE 5GP A 301' 
# 
loop_
_struct_site_gen.id 
_struct_site_gen.site_id 
_struct_site_gen.pdbx_num_res 
_struct_site_gen.label_comp_id 
_struct_site_gen.label_asym_id 
_struct_site_gen.label_seq_id 
_struct_site_gen.pdbx_auth_ins_code 
_struct_site_gen.auth_comp_id 
_struct_site_gen.auth_asym_id 
_struct_site_gen.auth_seq_id 
_struct_site_gen.label_atom_id 
_struct_site_gen.label_alt_id 
_struct_site_gen.symmetry 
_struct_site_gen.details 
1  AC1 5  GLN A 36  ? GLN A 36  . ? 1_555  ? 
2  AC1 5  PHE A 37  ? PHE A 37  . ? 1_555  ? 
3  AC1 5  LYS A 111 ? LYS A 111 . ? 21_555 ? 
4  AC1 5  HIS A 112 ? HIS A 112 . ? 1_555  ? 
5  AC1 5  ASN A 115 ? ASN A 115 . ? 21_555 ? 
6  AC2 11 ASP A 64  ? ASP A 64  . ? 1_555  ? 
7  AC2 11 VAL A 65  ? VAL A 65  . ? 1_555  ? 
8  AC2 11 GLU A 66  ? GLU A 66  . ? 1_555  ? 
9  AC2 11 ALA A 117 ? ALA A 117 . ? 1_555  ? 
10 AC2 11 PHE A 118 ? PHE A 118 . ? 1_555  ? 
11 AC2 11 ASN A 119 ? ASN A 119 . ? 1_555  ? 
12 AC2 11 VAL A 120 ? VAL A 120 . ? 1_555  ? 
13 AC2 11 ILE A 128 ? ILE A 128 . ? 23_555 ? 
14 AC2 11 GLY A 129 ? GLY A 129 . ? 23_555 ? 
15 AC2 11 VAL A 130 ? VAL A 130 . ? 23_555 ? 
16 AC2 11 GLY A 131 ? GLY A 131 . ? 23_555 ? 
# 
_atom_sites.entry_id                    4HIU 
_atom_sites.fract_transf_matrix[1][1]   0.00048028 
_atom_sites.fract_transf_matrix[1][2]   -0.00163529 
_atom_sites.fract_transf_matrix[1][3]   0.00695110 
_atom_sites.fract_transf_matrix[2][1]   -0.00593589 
_atom_sites.fract_transf_matrix[2][2]   0.00378134 
_atom_sites.fract_transf_matrix[2][3]   0.00129972 
_atom_sites.fract_transf_matrix[3][1]   -0.00396953 
_atom_sites.fract_transf_matrix[3][2]   -0.00585234 
_atom_sites.fract_transf_matrix[3][3]   -0.00110253 
_atom_sites.fract_transf_vector[1]      0.134424 
_atom_sites.fract_transf_vector[2]      0.356491 
_atom_sites.fract_transf_vector[3]      0.066763 
# 
loop_
_atom_type.symbol 
C 
N 
O 
P 
S 
# 
loop_
_atom_site.group_PDB 
_atom_site.id 
_atom_site.type_symbol 
_atom_site.label_atom_id 
_atom_site.label_alt_id 
_atom_site.label_comp_id 
_atom_site.label_asym_id 
_atom_site.label_entity_id 
_atom_site.label_seq_id 
_atom_site.pdbx_PDB_ins_code 
_atom_site.Cartn_x 
_atom_site.Cartn_y 
_atom_site.Cartn_z 
_atom_site.occupancy 
_atom_site.B_iso_or_equiv 
_atom_site.pdbx_formal_charge 
_atom_site.auth_seq_id 
_atom_site.auth_comp_id 
_atom_site.auth_asym_id 
_atom_site.auth_atom_id 
_atom_site.pdbx_PDB_model_num 
ATOM   1    N N     . LYS A 1 4   ? -21.912 -9.924  0.141   1.00 105.89 ? 4   LYS A N     1 
ATOM   2    C CA    . LYS A 1 4   ? -21.548 -8.887  -0.872  1.00 111.34 ? 4   LYS A CA    1 
ATOM   3    C C     . LYS A 1 4   ? -21.062 -7.577  -0.236  1.00 112.33 ? 4   LYS A C     1 
ATOM   4    O O     . LYS A 1 4   ? -21.264 -7.336  0.955   1.00 99.69  ? 4   LYS A O     1 
ATOM   5    C CB    . LYS A 1 4   ? -22.701 -8.637  -1.848  1.00 113.91 ? 4   LYS A CB    1 
ATOM   6    C CG    . LYS A 1 4   ? -22.607 -9.491  -3.113  1.00 120.09 ? 4   LYS A CG    1 
ATOM   7    C CD    . LYS A 1 4   ? -23.569 -8.999  -4.178  1.00 119.65 ? 4   LYS A CD    1 
ATOM   8    C CE    . LYS A 1 4   ? -23.388 -9.724  -5.497  1.00 117.11 ? 4   LYS A CE    1 
ATOM   9    N NZ    . LYS A 1 4   ? -24.356 -9.194  -6.499  1.00 115.18 ? 4   LYS A NZ    1 
ATOM   10   N N     . HIS A 1 5   ? -20.448 -6.728  -1.066  1.00 118.79 ? 5   HIS A N     1 
ATOM   11   C CA    . HIS A 1 5   ? -19.461 -5.725  -0.623  1.00 104.55 ? 5   HIS A CA    1 
ATOM   12   C C     . HIS A 1 5   ? -18.841 -4.989  -1.817  1.00 99.97  ? 5   HIS A C     1 
ATOM   13   O O     . HIS A 1 5   ? -19.109 -5.319  -2.978  1.00 98.83  ? 5   HIS A O     1 
ATOM   14   C CB    . HIS A 1 5   ? -18.313 -6.442  0.089   1.00 102.15 ? 5   HIS A CB    1 
ATOM   15   C CG    . HIS A 1 5   ? -17.552 -7.381  -0.800  1.00 99.20  ? 5   HIS A CG    1 
ATOM   16   N ND1   . HIS A 1 5   ? -16.184 -7.322  -0.939  1.00 96.52  ? 5   HIS A ND1   1 
ATOM   17   C CD2   . HIS A 1 5   ? -17.968 -8.380  -1.619  1.00 96.68  ? 5   HIS A CD2   1 
ATOM   18   C CE1   . HIS A 1 5   ? -15.787 -8.258  -1.782  1.00 96.18  ? 5   HIS A CE1   1 
ATOM   19   N NE2   . HIS A 1 5   ? -16.851 -8.911  -2.214  1.00 93.81  ? 5   HIS A NE2   1 
ATOM   20   N N     . SER A 1 6   ? -17.987 -4.011  -1.537  1.00 97.56  ? 6   SER A N     1 
ATOM   21   C CA    . SER A 1 6   ? -17.266 -3.326  -2.613  1.00 100.49 ? 6   SER A CA    1 
ATOM   22   C C     . SER A 1 6   ? -15.872 -2.826  -2.204  1.00 102.09 ? 6   SER A C     1 
ATOM   23   O O     . SER A 1 6   ? -15.569 -2.611  -1.013  1.00 96.99  ? 6   SER A O     1 
ATOM   24   C CB    . SER A 1 6   ? -18.103 -2.179  -3.195  1.00 97.23  ? 6   SER A CB    1 
ATOM   25   O OG    . SER A 1 6   ? -18.328 -1.185  -2.219  1.00 95.05  ? 6   SER A OG    1 
ATOM   26   N N     . TYR A 1 7   ? -15.034 -2.660  -3.228  1.00 98.09  ? 7   TYR A N     1 
ATOM   27   C CA    . TYR A 1 7   ? -13.667 -2.200  -3.061  1.00 85.31  ? 7   TYR A CA    1 
ATOM   28   C C     . TYR A 1 7   ? -13.663 -0.682  -3.009  1.00 84.42  ? 7   TYR A C     1 
ATOM   29   O O     . TYR A 1 7   ? -14.042 -0.007  -3.969  1.00 79.36  ? 7   TYR A O     1 
ATOM   30   C CB    . TYR A 1 7   ? -12.808 -2.703  -4.200  1.00 78.41  ? 7   TYR A CB    1 
ATOM   31   C CG    . TYR A 1 7   ? -12.563 -4.188  -4.140  1.00 75.28  ? 7   TYR A CG    1 
ATOM   32   C CD1   . TYR A 1 7   ? -13.536 -5.097  -4.536  1.00 74.91  ? 7   TYR A CD1   1 
ATOM   33   C CD2   . TYR A 1 7   ? -11.349 -4.683  -3.690  1.00 73.84  ? 7   TYR A CD2   1 
ATOM   34   C CE1   . TYR A 1 7   ? -13.302 -6.466  -4.478  1.00 73.57  ? 7   TYR A CE1   1 
ATOM   35   C CE2   . TYR A 1 7   ? -11.099 -6.033  -3.638  1.00 72.57  ? 7   TYR A CE2   1 
ATOM   36   C CZ    . TYR A 1 7   ? -12.073 -6.923  -4.029  1.00 74.80  ? 7   TYR A CZ    1 
ATOM   37   O OH    . TYR A 1 7   ? -11.798 -8.268  -3.967  1.00 76.48  ? 7   TYR A OH    1 
ATOM   38   N N     . VAL A 1 8   ? -13.257 -0.170  -1.856  1.00 87.58  ? 8   VAL A N     1 
ATOM   39   C CA    . VAL A 1 8   ? -13.282 1.260   -1.545  1.00 85.05  ? 8   VAL A CA    1 
ATOM   40   C C     . VAL A 1 8   ? -11.883 1.828   -1.829  1.00 77.72  ? 8   VAL A C     1 
ATOM   41   O O     . VAL A 1 8   ? -10.928 1.060   -1.952  1.00 73.23  ? 8   VAL A O     1 
ATOM   42   C CB    . VAL A 1 8   ? -13.702 1.474   -0.053  1.00 84.38  ? 8   VAL A CB    1 
ATOM   43   C CG1   . VAL A 1 8   ? -15.153 1.061   0.180   1.00 68.58  ? 8   VAL A CG1   1 
ATOM   44   C CG2   . VAL A 1 8   ? -12.799 0.679   0.887   1.00 87.92  ? 8   VAL A CG2   1 
ATOM   45   N N     . GLU A 1 9   ? -11.749 3.145   -1.956  1.00 73.25  ? 9   GLU A N     1 
ATOM   46   C CA    . GLU A 1 9   ? -10.433 3.715   -2.299  1.00 83.18  ? 9   GLU A CA    1 
ATOM   47   C C     . GLU A 1 9   ? -9.584  4.116   -1.070  1.00 82.57  ? 9   GLU A C     1 
ATOM   48   O O     . GLU A 1 9   ? -10.024 4.908   -0.232  1.00 85.07  ? 9   GLU A O     1 
ATOM   49   C CB    . GLU A 1 9   ? -10.563 4.909   -3.271  1.00 88.18  ? 9   GLU A CB    1 
ATOM   50   C CG    . GLU A 1 9   ? -9.220  5.659   -3.525  1.00 88.64  ? 9   GLU A CG    1 
ATOM   51   C CD    . GLU A 1 9   ? -9.251  6.621   -4.713  1.00 88.56  ? 9   GLU A CD    1 
ATOM   52   O OE1   . GLU A 1 9   ? -10.304 6.743   -5.384  1.00 78.67  ? 9   GLU A OE1   1 
ATOM   53   O OE2   . GLU A 1 9   ? -8.202  7.251   -4.978  1.00 88.44  ? 9   GLU A OE2   1 
ATOM   54   N N     . LEU A 1 10  ? -8.363  3.581   -0.986  1.00 77.02  ? 10  LEU A N     1 
ATOM   55   C CA    . LEU A 1 10  ? -7.367  4.037   -0.011  1.00 75.48  ? 10  LEU A CA    1 
ATOM   56   C C     . LEU A 1 10  ? -6.809  5.349   -0.521  1.00 77.72  ? 10  LEU A C     1 
ATOM   57   O O     . LEU A 1 10  ? -5.948  5.362   -1.394  1.00 80.21  ? 10  LEU A O     1 
ATOM   58   C CB    . LEU A 1 10  ? -6.236  3.012   0.105   1.00 74.95  ? 10  LEU A CB    1 
ATOM   59   C CG    . LEU A 1 10  ? -5.252  3.154   1.267   1.00 72.84  ? 10  LEU A CG    1 
ATOM   60   C CD1   . LEU A 1 10  ? -5.992  2.901   2.558   1.00 72.26  ? 10  LEU A CD1   1 
ATOM   61   C CD2   . LEU A 1 10  ? -4.065  2.178   1.131   1.00 68.42  ? 10  LEU A CD2   1 
ATOM   62   N N     . LYS A 1 11  ? -7.328  6.459   -0.014  1.00 81.86  ? 11  LYS A N     1 
ATOM   63   C CA    . LYS A 1 11  ? -6.992  7.764   -0.589  1.00 83.95  ? 11  LYS A CA    1 
ATOM   64   C C     . LYS A 1 11  ? -5.612  8.231   -0.161  1.00 77.54  ? 11  LYS A C     1 
ATOM   65   O O     . LYS A 1 11  ? -5.050  7.724   0.814   1.00 69.65  ? 11  LYS A O     1 
ATOM   66   C CB    . LYS A 1 11  ? -8.026  8.828   -0.207  1.00 90.58  ? 11  LYS A CB    1 
ATOM   67   C CG    . LYS A 1 11  ? -9.318  8.790   -1.031  1.00 95.20  ? 11  LYS A CG    1 
ATOM   68   C CD    . LYS A 1 11  ? -10.544 8.257   -0.239  1.00 94.63  ? 11  LYS A CD    1 
ATOM   69   C CE    . LYS A 1 11  ? -11.787 9.141   -0.503  1.00 93.87  ? 11  LYS A CE    1 
ATOM   70   N NZ    . LYS A 1 11  ? -11.893 9.559   -1.959  1.00 81.10  ? 11  LYS A NZ    1 
ATOM   71   N N     . ASP A 1 12  ? -5.093  9.211   -0.903  1.00 77.27  ? 12  ASP A N     1 
ATOM   72   C CA    . ASP A 1 12  ? -3.806  9.855   -0.610  1.00 78.40  ? 12  ASP A CA    1 
ATOM   73   C C     . ASP A 1 12  ? -3.801  10.471  0.804   1.00 76.15  ? 12  ASP A C     1 
ATOM   74   O O     . ASP A 1 12  ? -2.734  10.670  1.389   1.00 74.14  ? 12  ASP A O     1 
ATOM   75   C CB    . ASP A 1 12  ? -3.466  10.942  -1.667  1.00 76.71  ? 12  ASP A CB    1 
ATOM   76   C CG    . ASP A 1 12  ? -2.887  10.373  -2.973  1.00 80.30  ? 12  ASP A CG    1 
ATOM   77   O OD1   . ASP A 1 12  ? -2.945  9.145   -3.217  1.00 85.82  ? 12  ASP A OD1   1 
ATOM   78   O OD2   . ASP A 1 12  ? -2.352  11.172  -3.769  1.00 83.46  ? 12  ASP A OD2   1 
ATOM   79   N N     . LYS A 1 13  ? -4.981  10.757  1.363   1.00 75.44  ? 13  LYS A N     1 
ATOM   80   C CA    . LYS A 1 13  ? -5.042  11.351  2.707   1.00 79.63  ? 13  LYS A CA    1 
ATOM   81   C C     . LYS A 1 13  ? -4.390  10.475  3.789   1.00 74.23  ? 13  LYS A C     1 
ATOM   82   O O     . LYS A 1 13  ? -3.963  10.992  4.830   1.00 76.29  ? 13  LYS A O     1 
ATOM   83   C CB    . LYS A 1 13  ? -6.481  11.735  3.110   1.00 81.14  ? 13  LYS A CB    1 
ATOM   84   C CG    . LYS A 1 13  ? -7.415  10.568  3.374   1.00 89.02  ? 13  LYS A CG    1 
ATOM   85   C CD    . LYS A 1 13  ? -8.840  11.051  3.659   1.00 98.30  ? 13  LYS A CD    1 
ATOM   86   C CE    . LYS A 1 13  ? -9.902  9.989   3.324   1.00 100.95 ? 13  LYS A CE    1 
ATOM   87   N NZ    . LYS A 1 13  ? -9.682  8.710   4.032   1.00 98.82  ? 13  LYS A NZ    1 
ATOM   88   N N     . VAL A 1 14  ? -4.290  9.168   3.544   1.00 67.18  ? 14  VAL A N     1 
ATOM   89   C CA    . VAL A 1 14  ? -3.798  8.253   4.577   1.00 64.93  ? 14  VAL A CA    1 
ATOM   90   C C     . VAL A 1 14  ? -2.281  8.341   4.703   1.00 65.87  ? 14  VAL A C     1 
ATOM   91   O O     . VAL A 1 14  ? -1.692  7.799   5.662   1.00 68.89  ? 14  VAL A O     1 
ATOM   92   C CB    . VAL A 1 14  ? -4.244  6.783   4.352   1.00 58.69  ? 14  VAL A CB    1 
ATOM   93   C CG1   . VAL A 1 14  ? -5.723  6.724   4.046   1.00 53.90  ? 14  VAL A CG1   1 
ATOM   94   C CG2   . VAL A 1 14  ? -3.423  6.122   3.264   1.00 55.76  ? 14  VAL A CG2   1 
ATOM   95   N N     . ILE A 1 15  ? -1.672  9.023   3.735   1.00 62.56  ? 15  ILE A N     1 
ATOM   96   C CA    . ILE A 1 15  ? -0.263  9.410   3.814   1.00 69.18  ? 15  ILE A CA    1 
ATOM   97   C C     . ILE A 1 15  ? -0.138  10.820  4.422   1.00 73.49  ? 15  ILE A C     1 
ATOM   98   O O     . ILE A 1 15  ? -0.450  11.819  3.762   1.00 78.08  ? 15  ILE A O     1 
ATOM   99   C CB    . ILE A 1 15  ? 0.411   9.430   2.411   1.00 66.55  ? 15  ILE A CB    1 
ATOM   100  C CG1   . ILE A 1 15  ? 0.178   8.093   1.660   1.00 67.16  ? 15  ILE A CG1   1 
ATOM   101  C CG2   . ILE A 1 15  ? 1.902   9.831   2.539   1.00 57.74  ? 15  ILE A CG2   1 
ATOM   102  C CD1   . ILE A 1 15  ? 0.966   6.878   2.190   1.00 63.83  ? 15  ILE A CD1   1 
ATOM   103  N N     . VAL A 1 16  ? 0.312   10.898  5.673   1.00 73.06  ? 16  VAL A N     1 
ATOM   104  C CA    . VAL A 1 16  ? 0.603   12.178  6.318   1.00 70.79  ? 16  VAL A CA    1 
ATOM   105  C C     . VAL A 1 16  ? 2.104   12.453  6.356   1.00 74.51  ? 16  VAL A C     1 
ATOM   106  O O     . VAL A 1 16  ? 2.880   11.639  6.880   1.00 81.12  ? 16  VAL A O     1 
ATOM   107  C CB    . VAL A 1 16  ? 0.113   12.220  7.746   1.00 69.32  ? 16  VAL A CB    1 
ATOM   108  C CG1   . VAL A 1 16  ? 0.451   13.588  8.330   1.00 73.45  ? 16  VAL A CG1   1 
ATOM   109  C CG2   . VAL A 1 16  ? -1.394  11.914  7.815   1.00 68.08  ? 16  VAL A CG2   1 
ATOM   110  N N     . PRO A 1 17  ? 2.530   13.603  5.809   1.00 76.61  ? 17  PRO A N     1 
ATOM   111  C CA    . PRO A 1 17  ? 3.970   13.837  5.761   1.00 81.25  ? 17  PRO A CA    1 
ATOM   112  C C     . PRO A 1 17  ? 4.548   14.098  7.148   1.00 83.05  ? 17  PRO A C     1 
ATOM   113  O O     . PRO A 1 17  ? 3.842   14.609  8.041   1.00 74.16  ? 17  PRO A O     1 
ATOM   114  C CB    . PRO A 1 17  ? 4.106   15.070  4.840   1.00 77.09  ? 17  PRO A CB    1 
ATOM   115  C CG    . PRO A 1 17  ? 2.811   15.168  4.123   1.00 71.92  ? 17  PRO A CG    1 
ATOM   116  C CD    . PRO A 1 17  ? 1.800   14.680  5.124   1.00 74.05  ? 17  PRO A CD    1 
ATOM   117  N N     . GLY A 1 18  ? 5.809   13.712  7.319   1.00 82.57  ? 18  GLY A N     1 
ATOM   118  C CA    . GLY A 1 18  ? 6.472   13.817  8.610   1.00 89.64  ? 18  GLY A CA    1 
ATOM   119  C C     . GLY A 1 18  ? 6.445   12.510  9.387   1.00 90.57  ? 18  GLY A C     1 
ATOM   120  O O     . GLY A 1 18  ? 7.285   12.293  10.270  1.00 84.68  ? 18  GLY A O     1 
ATOM   121  N N     . TRP A 1 19  ? 5.484   11.639  9.068   1.00 87.85  ? 19  TRP A N     1 
ATOM   122  C CA    . TRP A 1 19  ? 5.434   10.319  9.679   1.00 81.96  ? 19  TRP A CA    1 
ATOM   123  C C     . TRP A 1 19  ? 6.126   9.287   8.810   1.00 79.29  ? 19  TRP A C     1 
ATOM   124  O O     . TRP A 1 19  ? 6.250   9.474   7.583   1.00 82.92  ? 19  TRP A O     1 
ATOM   125  C CB    . TRP A 1 19  ? 4.000   9.892   9.932   1.00 77.85  ? 19  TRP A CB    1 
ATOM   126  C CG    . TRP A 1 19  ? 3.288   10.797  10.851  1.00 80.37  ? 19  TRP A CG    1 
ATOM   127  C CD1   . TRP A 1 19  ? 2.596   11.915  10.516  1.00 88.62  ? 19  TRP A CD1   1 
ATOM   128  C CD2   . TRP A 1 19  ? 3.190   10.672  12.267  1.00 83.28  ? 19  TRP A CD2   1 
ATOM   129  N NE1   . TRP A 1 19  ? 2.052   12.496  11.638  1.00 88.45  ? 19  TRP A NE1   1 
ATOM   130  C CE2   . TRP A 1 19  ? 2.404   11.748  12.728  1.00 86.67  ? 19  TRP A CE2   1 
ATOM   131  C CE3   . TRP A 1 19  ? 3.676   9.746   13.193  1.00 90.58  ? 19  TRP A CE3   1 
ATOM   132  C CZ2   . TRP A 1 19  ? 2.108   11.934  14.075  1.00 92.47  ? 19  TRP A CZ2   1 
ATOM   133  C CZ3   . TRP A 1 19  ? 3.370   9.923   14.538  1.00 94.99  ? 19  TRP A CZ3   1 
ATOM   134  C CH2   . TRP A 1 19  ? 2.593   11.010  14.965  1.00 95.27  ? 19  TRP A CH2   1 
ATOM   135  N N     . PRO A 1 20  ? 6.584   8.195   9.446   1.00 76.08  ? 20  PRO A N     1 
ATOM   136  C CA    . PRO A 1 20  ? 7.080   7.010   8.779   1.00 79.74  ? 20  PRO A CA    1 
ATOM   137  C C     . PRO A 1 20  ? 6.063   6.489   7.799   1.00 84.23  ? 20  PRO A C     1 
ATOM   138  O O     . PRO A 1 20  ? 4.872   6.769   7.933   1.00 82.97  ? 20  PRO A O     1 
ATOM   139  C CB    . PRO A 1 20  ? 7.232   6.000   9.907   1.00 79.31  ? 20  PRO A CB    1 
ATOM   140  C CG    . PRO A 1 20  ? 7.461   6.791   11.075  1.00 84.28  ? 20  PRO A CG    1 
ATOM   141  C CD    . PRO A 1 20  ? 6.726   8.081   10.901  1.00 80.41  ? 20  PRO A CD    1 
ATOM   142  N N     . THR A 1 21  ? 6.548   5.705   6.845   1.00 88.37  ? 21  THR A N     1 
ATOM   143  C CA    . THR A 1 21  ? 5.767   5.285   5.697   1.00 82.64  ? 21  THR A CA    1 
ATOM   144  C C     . THR A 1 21  ? 5.876   3.771   5.518   1.00 77.13  ? 21  THR A C     1 
ATOM   145  O O     . THR A 1 21  ? 6.931   3.174   5.767   1.00 63.91  ? 21  THR A O     1 
ATOM   146  C CB    . THR A 1 21  ? 6.313   5.986   4.453   1.00 88.14  ? 21  THR A CB    1 
ATOM   147  O OG1   . THR A 1 21  ? 6.516   7.383   4.744   1.00 95.20  ? 21  THR A OG1   1 
ATOM   148  C CG2   . THR A 1 21  ? 5.359   5.820   3.296   1.00 92.89  ? 21  THR A CG2   1 
ATOM   149  N N     . LEU A 1 22  ? 4.773   3.146   5.122   1.00 74.16  ? 22  LEU A N     1 
ATOM   150  C CA    . LEU A 1 22  ? 4.795   1.746   4.687   1.00 72.16  ? 22  LEU A CA    1 
ATOM   151  C C     . LEU A 1 22  ? 4.740   1.744   3.176   1.00 73.82  ? 22  LEU A C     1 
ATOM   152  O O     . LEU A 1 22  ? 3.782   2.253   2.574   1.00 67.75  ? 22  LEU A O     1 
ATOM   153  C CB    . LEU A 1 22  ? 3.598   0.953   5.212   1.00 73.81  ? 22  LEU A CB    1 
ATOM   154  C CG    . LEU A 1 22  ? 3.720   0.186   6.524   1.00 74.91  ? 22  LEU A CG    1 
ATOM   155  C CD1   . LEU A 1 22  ? 2.543   -0.806  6.592   1.00 75.13  ? 22  LEU A CD1   1 
ATOM   156  C CD2   . LEU A 1 22  ? 5.065   -0.524  6.653   1.00 71.01  ? 22  LEU A CD2   1 
ATOM   157  N N     . MET A 1 23  ? 5.766   1.175   2.558   1.00 74.28  ? 23  MET A N     1 
ATOM   158  C CA    . MET A 1 23  ? 5.860   1.161   1.106   1.00 75.89  ? 23  MET A CA    1 
ATOM   159  C C     . MET A 1 23  ? 5.362   -0.183  0.545   1.00 68.95  ? 23  MET A C     1 
ATOM   160  O O     . MET A 1 23  ? 5.957   -1.215  0.799   1.00 71.27  ? 23  MET A O     1 
ATOM   161  C CB    . MET A 1 23  ? 7.315   1.432   0.688   1.00 78.41  ? 23  MET A CB    1 
ATOM   162  C CG    . MET A 1 23  ? 7.517   1.777   -0.797  1.00 83.67  ? 23  MET A CG    1 
ATOM   163  S SD    . MET A 1 23  ? 7.269   3.526   -1.224  1.00 87.03  ? 23  MET A SD    1 
ATOM   164  C CE    . MET A 1 23  ? 8.691   4.305   -0.450  1.00 81.95  ? 23  MET A CE    1 
ATOM   165  N N     . LEU A 1 24  ? 4.267   -0.174  -0.203  1.00 65.45  ? 24  LEU A N     1 
ATOM   166  C CA    . LEU A 1 24  ? 3.932   -1.316  -1.041  1.00 68.79  ? 24  LEU A CA    1 
ATOM   167  C C     . LEU A 1 24  ? 5.002   -1.420  -2.139  1.00 72.22  ? 24  LEU A C     1 
ATOM   168  O O     . LEU A 1 24  ? 5.159   -0.486  -2.937  1.00 75.98  ? 24  LEU A O     1 
ATOM   169  C CB    . LEU A 1 24  ? 2.535   -1.168  -1.672  1.00 68.43  ? 24  LEU A CB    1 
ATOM   170  C CG    . LEU A 1 24  ? 2.030   -2.382  -2.479  1.00 69.34  ? 24  LEU A CG    1 
ATOM   171  C CD1   . LEU A 1 24  ? 2.245   -3.687  -1.696  1.00 62.47  ? 24  LEU A CD1   1 
ATOM   172  C CD2   . LEU A 1 24  ? 0.545   -2.245  -2.915  1.00 66.96  ? 24  LEU A CD2   1 
ATOM   173  N N     . GLU A 1 25  ? 5.750   -2.532  -2.137  1.00 73.65  ? 25  GLU A N     1 
ATOM   174  C CA    . GLU A 1 25  ? 6.730   -2.877  -3.186  1.00 75.60  ? 25  GLU A CA    1 
ATOM   175  C C     . GLU A 1 25  ? 6.199   -4.052  -3.998  1.00 76.72  ? 25  GLU A C     1 
ATOM   176  O O     . GLU A 1 25  ? 5.822   -5.070  -3.424  1.00 79.70  ? 25  GLU A O     1 
ATOM   177  C CB    . GLU A 1 25  ? 8.074   -3.281  -2.570  1.00 81.21  ? 25  GLU A CB    1 
ATOM   178  C CG    . GLU A 1 25  ? 9.070   -2.131  -2.374  1.00 90.10  ? 25  GLU A CG    1 
ATOM   179  C CD    . GLU A 1 25  ? 10.374  -2.543  -1.655  1.00 93.05  ? 25  GLU A CD    1 
ATOM   180  O OE1   . GLU A 1 25  ? 10.875  -3.681  -1.845  1.00 90.27  ? 25  GLU A OE1   1 
ATOM   181  O OE2   . GLU A 1 25  ? 10.907  -1.704  -0.896  1.00 90.90  ? 25  GLU A OE2   1 
ATOM   182  N N     . ILE A 1 26  ? 6.179   -3.921  -5.322  1.00 74.46  ? 26  ILE A N     1 
ATOM   183  C CA    . ILE A 1 26  ? 5.590   -4.933  -6.204  1.00 74.90  ? 26  ILE A CA    1 
ATOM   184  C C     . ILE A 1 26  ? 6.574   -5.231  -7.337  1.00 80.66  ? 26  ILE A C     1 
ATOM   185  O O     . ILE A 1 26  ? 6.985   -4.301  -8.033  1.00 85.38  ? 26  ILE A O     1 
ATOM   186  C CB    . ILE A 1 26  ? 4.259   -4.406  -6.836  1.00 75.67  ? 26  ILE A CB    1 
ATOM   187  C CG1   . ILE A 1 26  ? 3.240   -4.015  -5.747  1.00 75.39  ? 26  ILE A CG1   1 
ATOM   188  C CG2   . ILE A 1 26  ? 3.678   -5.420  -7.837  1.00 70.80  ? 26  ILE A CG2   1 
ATOM   189  C CD1   . ILE A 1 26  ? 1.838   -3.610  -6.271  1.00 73.20  ? 26  ILE A CD1   1 
ATOM   190  N N     . ASP A 1 27  ? 6.959   -6.496  -7.526  1.00 84.11  ? 27  ASP A N     1 
ATOM   191  C CA    . ASP A 1 27  ? 7.725   -6.898  -8.736  1.00 85.18  ? 27  ASP A CA    1 
ATOM   192  C C     . ASP A 1 27  ? 6.813   -7.628  -9.705  1.00 84.89  ? 27  ASP A C     1 
ATOM   193  O O     . ASP A 1 27  ? 6.015   -8.466  -9.290  1.00 87.67  ? 27  ASP A O     1 
ATOM   194  C CB    . ASP A 1 27  ? 8.905   -7.803  -8.394  1.00 82.79  ? 27  ASP A CB    1 
ATOM   195  C CG    . ASP A 1 27  ? 9.951   -7.101  -7.565  1.00 87.60  ? 27  ASP A CG    1 
ATOM   196  O OD1   . ASP A 1 27  ? 10.240  -5.912  -7.824  1.00 93.99  ? 27  ASP A OD1   1 
ATOM   197  O OD2   . ASP A 1 27  ? 10.490  -7.738  -6.639  1.00 91.43  ? 27  ASP A OD2   1 
ATOM   198  N N     . PHE A 1 28  ? 6.921   -7.307  -10.990 1.00 80.05  ? 28  PHE A N     1 
ATOM   199  C CA    . PHE A 1 28  ? 6.156   -8.006  -12.013 1.00 79.93  ? 28  PHE A CA    1 
ATOM   200  C C     . PHE A 1 28  ? 7.074   -9.062  -12.624 1.00 87.56  ? 28  PHE A C     1 
ATOM   201  O O     . PHE A 1 28  ? 8.172   -9.292  -12.113 1.00 94.50  ? 28  PHE A O     1 
ATOM   202  C CB    . PHE A 1 28  ? 5.655   -7.029  -13.071 1.00 80.30  ? 28  PHE A CB    1 
ATOM   203  C CG    . PHE A 1 28  ? 4.595   -6.080  -12.575 1.00 80.90  ? 28  PHE A CG    1 
ATOM   204  C CD1   . PHE A 1 28  ? 3.251   -6.452  -12.589 1.00 83.59  ? 28  PHE A CD1   1 
ATOM   205  C CD2   . PHE A 1 28  ? 4.929   -4.814  -12.123 1.00 80.68  ? 28  PHE A CD2   1 
ATOM   206  C CE1   . PHE A 1 28  ? 2.256   -5.580  -12.148 1.00 82.27  ? 28  PHE A CE1   1 
ATOM   207  C CE2   . PHE A 1 28  ? 3.947   -3.938  -11.681 1.00 82.10  ? 28  PHE A CE2   1 
ATOM   208  C CZ    . PHE A 1 28  ? 2.606   -4.322  -11.695 1.00 83.56  ? 28  PHE A CZ    1 
ATOM   209  N N     . VAL A 1 29  ? 6.636   -9.710  -13.701 1.00 90.61  ? 29  VAL A N     1 
ATOM   210  C CA    . VAL A 1 29  ? 7.445   -10.742 -14.346 1.00 82.70  ? 29  VAL A CA    1 
ATOM   211  C C     . VAL A 1 29  ? 7.695   -10.348 -15.805 1.00 80.67  ? 29  VAL A C     1 
ATOM   212  O O     . VAL A 1 29  ? 8.847   -10.322 -16.265 1.00 79.19  ? 29  VAL A O     1 
ATOM   213  C CB    . VAL A 1 29  ? 6.777   -12.151 -14.244 1.00 77.35  ? 29  VAL A CB    1 
ATOM   214  C CG1   . VAL A 1 29  ? 7.855   -13.232 -14.137 1.00 80.00  ? 29  VAL A CG1   1 
ATOM   215  C CG2   . VAL A 1 29  ? 5.795   -12.228 -13.045 1.00 65.88  ? 29  VAL A CG2   1 
ATOM   216  N N     . ASN A 1 35  ? 12.887  -7.262  -14.063 1.00 107.73 ? 35  ASN A N     1 
ATOM   217  C CA    . ASN A 1 35  ? 12.572  -6.317  -15.128 1.00 120.14 ? 35  ASN A CA    1 
ATOM   218  C C     . ASN A 1 35  ? 11.715  -5.153  -14.582 1.00 126.01 ? 35  ASN A C     1 
ATOM   219  O O     . ASN A 1 35  ? 12.246  -4.058  -14.331 1.00 114.15 ? 35  ASN A O     1 
ATOM   220  C CB    . ASN A 1 35  ? 11.885  -7.054  -16.306 1.00 132.11 ? 35  ASN A CB    1 
ATOM   221  C CG    . ASN A 1 35  ? 12.015  -6.314  -17.667 1.00 132.10 ? 35  ASN A CG    1 
ATOM   222  O OD1   . ASN A 1 35  ? 12.186  -5.093  -17.733 1.00 113.77 ? 35  ASN A OD1   1 
ATOM   223  N ND2   . ASN A 1 35  ? 11.918  -7.075  -18.758 1.00 134.66 ? 35  ASN A ND2   1 
ATOM   224  N N     . GLN A 1 36  ? 10.417  -5.408  -14.360 1.00 128.96 ? 36  GLN A N     1 
ATOM   225  C CA    . GLN A 1 36  ? 9.438   -4.365  -13.987 1.00 118.39 ? 36  GLN A CA    1 
ATOM   226  C C     . GLN A 1 36  ? 9.069   -4.400  -12.498 1.00 110.81 ? 36  GLN A C     1 
ATOM   227  O O     . GLN A 1 36  ? 8.572   -5.413  -11.990 1.00 105.57 ? 36  GLN A O     1 
ATOM   228  C CB    . GLN A 1 36  ? 8.159   -4.509  -14.827 1.00 119.51 ? 36  GLN A CB    1 
ATOM   229  C CG    . GLN A 1 36  ? 8.296   -4.123  -16.304 1.00 119.57 ? 36  GLN A CG    1 
ATOM   230  C CD    . GLN A 1 36  ? 8.299   -2.610  -16.530 1.00 122.27 ? 36  GLN A CD    1 
ATOM   231  O OE1   . GLN A 1 36  ? 9.159   -1.899  -16.008 1.00 117.02 ? 36  GLN A OE1   1 
ATOM   232  N NE2   . GLN A 1 36  ? 7.341   -2.117  -17.320 1.00 117.90 ? 36  GLN A NE2   1 
ATOM   233  N N     . PHE A 1 37  ? 9.323   -3.294  -11.803 1.00 109.43 ? 37  PHE A N     1 
ATOM   234  C CA    . PHE A 1 37  ? 8.913   -3.140  -10.400 1.00 111.24 ? 37  PHE A CA    1 
ATOM   235  C C     . PHE A 1 37  ? 7.921   -1.975  -10.229 1.00 101.53 ? 37  PHE A C     1 
ATOM   236  O O     . PHE A 1 37  ? 7.454   -1.395  -11.212 1.00 99.76  ? 37  PHE A O     1 
ATOM   237  C CB    . PHE A 1 37  ? 10.136  -2.993  -9.470  1.00 117.87 ? 37  PHE A CB    1 
ATOM   238  C CG    . PHE A 1 37  ? 10.980  -1.766  -9.725  1.00 124.39 ? 37  PHE A CG    1 
ATOM   239  C CD1   . PHE A 1 37  ? 10.546  -0.499  -9.341  1.00 120.48 ? 37  PHE A CD1   1 
ATOM   240  C CD2   . PHE A 1 37  ? 12.236  -1.889  -10.312 1.00 133.76 ? 37  PHE A CD2   1 
ATOM   241  C CE1   . PHE A 1 37  ? 11.331  0.624   -9.560  1.00 121.00 ? 37  PHE A CE1   1 
ATOM   242  C CE2   . PHE A 1 37  ? 13.032  -0.768  -10.528 1.00 135.66 ? 37  PHE A CE2   1 
ATOM   243  C CZ    . PHE A 1 37  ? 12.575  0.492   -10.153 1.00 129.34 ? 37  PHE A CZ    1 
ATOM   244  N N     . LEU A 1 38  ? 7.580   -1.645  -8.988  1.00 89.26  ? 38  LEU A N     1 
ATOM   245  C CA    . LEU A 1 38  ? 6.632   -0.569  -8.738  1.00 84.88  ? 38  LEU A CA    1 
ATOM   246  C C     . LEU A 1 38  ? 6.572   -0.235  -7.243  1.00 90.14  ? 38  LEU A C     1 
ATOM   247  O O     . LEU A 1 38  ? 6.046   -1.028  -6.448  1.00 87.02  ? 38  LEU A O     1 
ATOM   248  C CB    . LEU A 1 38  ? 5.236   -0.957  -9.250  1.00 77.34  ? 38  LEU A CB    1 
ATOM   249  C CG    . LEU A 1 38  ? 4.379   0.192   -9.772  1.00 75.75  ? 38  LEU A CG    1 
ATOM   250  C CD1   . LEU A 1 38  ? 5.033   0.853   -10.971 1.00 74.00  ? 38  LEU A CD1   1 
ATOM   251  C CD2   . LEU A 1 38  ? 3.006   -0.293  -10.145 1.00 72.83  ? 38  LEU A CD2   1 
ATOM   252  N N     . ASN A 1 39  ? 7.107   0.937   -6.875  1.00 91.24  ? 39  ASN A N     1 
ATOM   253  C CA    . ASN A 1 39  ? 7.086   1.413   -5.480  1.00 86.58  ? 39  ASN A CA    1 
ATOM   254  C C     . ASN A 1 39  ? 5.984   2.439   -5.219  1.00 80.73  ? 39  ASN A C     1 
ATOM   255  O O     . ASN A 1 39  ? 5.881   3.469   -5.922  1.00 89.02  ? 39  ASN A O     1 
ATOM   256  C CB    . ASN A 1 39  ? 8.440   2.003   -5.111  1.00 87.88  ? 39  ASN A CB    1 
ATOM   257  C CG    . ASN A 1 39  ? 9.539   0.985   -5.185  1.00 86.76  ? 39  ASN A CG    1 
ATOM   258  O OD1   . ASN A 1 39  ? 9.324   -0.193  -4.883  1.00 77.35  ? 39  ASN A OD1   1 
ATOM   259  N ND2   . ASN A 1 39  ? 10.726  1.423   -5.597  1.00 89.12  ? 39  ASN A ND2   1 
ATOM   260  N N     . ILE A 1 40  ? 5.162   2.143   -4.213  1.00 66.29  ? 40  ILE A N     1 
ATOM   261  C CA    . ILE A 1 40  ? 3.986   2.951   -3.917  1.00 68.92  ? 40  ILE A CA    1 
ATOM   262  C C     . ILE A 1 40  ? 3.880   3.208   -2.418  1.00 69.54  ? 40  ILE A C     1 
ATOM   263  O O     . ILE A 1 40  ? 3.623   2.281   -1.662  1.00 74.35  ? 40  ILE A O     1 
ATOM   264  C CB    . ILE A 1 40  ? 2.661   2.257   -4.370  1.00 67.06  ? 40  ILE A CB    1 
ATOM   265  C CG1   . ILE A 1 40  ? 2.682   1.915   -5.863  1.00 67.34  ? 40  ILE A CG1   1 
ATOM   266  C CG2   . ILE A 1 40  ? 1.454   3.162   -4.079  1.00 62.51  ? 40  ILE A CG2   1 
ATOM   267  C CD1   . ILE A 1 40  ? 1.517   1.021   -6.310  1.00 69.91  ? 40  ILE A CD1   1 
ATOM   268  N N     . PRO A 1 41  ? 4.071   4.466   -1.979  1.00 68.63  ? 41  PRO A N     1 
ATOM   269  C CA    . PRO A 1 41  ? 3.735   4.807   -0.606  1.00 69.28  ? 41  PRO A CA    1 
ATOM   270  C C     . PRO A 1 41  ? 2.311   4.360   -0.257  1.00 69.89  ? 41  PRO A C     1 
ATOM   271  O O     . PRO A 1 41  ? 1.334   4.806   -0.872  1.00 68.09  ? 41  PRO A O     1 
ATOM   272  C CB    . PRO A 1 41  ? 3.845   6.336   -0.594  1.00 70.29  ? 41  PRO A CB    1 
ATOM   273  C CG    . PRO A 1 41  ? 4.879   6.632   -1.604  1.00 69.76  ? 41  PRO A CG    1 
ATOM   274  C CD    . PRO A 1 41  ? 4.655   5.615   -2.693  1.00 71.36  ? 41  PRO A CD    1 
ATOM   275  N N     . PHE A 1 42  ? 2.212   3.476   0.726   1.00 66.55  ? 42  PHE A N     1 
ATOM   276  C CA    . PHE A 1 42  ? 0.969   2.793   1.019   1.00 68.42  ? 42  PHE A CA    1 
ATOM   277  C C     . PHE A 1 42  ? 0.184   3.496   2.123   1.00 72.63  ? 42  PHE A C     1 
ATOM   278  O O     . PHE A 1 42  ? -0.978  3.863   1.947   1.00 68.63  ? 42  PHE A O     1 
ATOM   279  C CB    . PHE A 1 42  ? 1.291   1.350   1.435   1.00 69.63  ? 42  PHE A CB    1 
ATOM   280  C CG    . PHE A 1 42  ? 0.103   0.436   1.444   1.00 69.77  ? 42  PHE A CG    1 
ATOM   281  C CD1   . PHE A 1 42  ? -0.618  0.204   0.299   1.00 70.85  ? 42  PHE A CD1   1 
ATOM   282  C CD2   . PHE A 1 42  ? -0.278  -0.210  2.594   1.00 72.14  ? 42  PHE A CD2   1 
ATOM   283  C CE1   . PHE A 1 42  ? -1.698  -0.621  0.313   1.00 70.60  ? 42  PHE A CE1   1 
ATOM   284  C CE2   . PHE A 1 42  ? -1.368  -1.044  2.607   1.00 69.49  ? 42  PHE A CE2   1 
ATOM   285  C CZ    . PHE A 1 42  ? -2.075  -1.247  1.470   1.00 69.46  ? 42  PHE A CZ    1 
ATOM   286  N N     . LEU A 1 43  ? 0.846   3.679   3.263   1.00 77.55  ? 43  LEU A N     1 
ATOM   287  C CA    . LEU A 1 43  ? 0.194   4.125   4.485   1.00 79.54  ? 43  LEU A CA    1 
ATOM   288  C C     . LEU A 1 43  ? 1.223   4.737   5.457   1.00 82.28  ? 43  LEU A C     1 
ATOM   289  O O     . LEU A 1 43  ? 2.247   4.125   5.772   1.00 74.21  ? 43  LEU A O     1 
ATOM   290  C CB    . LEU A 1 43  ? -0.518  2.927   5.127   1.00 77.31  ? 43  LEU A CB    1 
ATOM   291  C CG    . LEU A 1 43  ? -1.350  3.159   6.383   1.00 80.96  ? 43  LEU A CG    1 
ATOM   292  C CD1   . LEU A 1 43  ? -2.355  4.306   6.182   1.00 83.70  ? 43  LEU A CD1   1 
ATOM   293  C CD2   . LEU A 1 43  ? -2.061  1.866   6.769   1.00 77.34  ? 43  LEU A CD2   1 
ATOM   294  N N     . SER A 1 44  ? 0.970   5.961   5.909   1.00 85.76  ? 44  SER A N     1 
ATOM   295  C CA    . SER A 1 44  ? 1.838   6.571   6.914   1.00 83.45  ? 44  SER A CA    1 
ATOM   296  C C     . SER A 1 44  ? 1.405   6.018   8.278   1.00 76.84  ? 44  SER A C     1 
ATOM   297  O O     . SER A 1 44  ? 0.211   5.995   8.596   1.00 71.82  ? 44  SER A O     1 
ATOM   298  C CB    . SER A 1 44  ? 1.801   8.118   6.851   1.00 84.37  ? 44  SER A CB    1 
ATOM   299  O OG    . SER A 1 44  ? 2.747   8.674   5.909   1.00 80.70  ? 44  SER A OG    1 
ATOM   300  N N     . VAL A 1 45  ? 2.393   5.560   9.049   1.00 78.18  ? 45  VAL A N     1 
ATOM   301  C CA    . VAL A 1 45  ? 2.186   4.845   10.317  1.00 81.03  ? 45  VAL A CA    1 
ATOM   302  C C     . VAL A 1 45  ? 3.023   5.411   11.462  1.00 81.88  ? 45  VAL A C     1 
ATOM   303  O O     . VAL A 1 45  ? 4.070   6.016   11.229  1.00 84.45  ? 45  VAL A O     1 
ATOM   304  C CB    . VAL A 1 45  ? 2.565   3.354   10.184  1.00 80.37  ? 45  VAL A CB    1 
ATOM   305  C CG1   . VAL A 1 45  ? 1.615   2.653   9.219   1.00 88.42  ? 45  VAL A CG1   1 
ATOM   306  C CG2   . VAL A 1 45  ? 4.012   3.206   9.730   1.00 72.32  ? 45  VAL A CG2   1 
ATOM   307  N N     . LYS A 1 46  ? 2.563   5.165   12.691  1.00 83.49  ? 46  LYS A N     1 
ATOM   308  C CA    . LYS A 1 46  ? 3.192   5.676   13.916  1.00 83.93  ? 46  LYS A CA    1 
ATOM   309  C C     . LYS A 1 46  ? 4.402   4.832   14.339  1.00 87.51  ? 46  LYS A C     1 
ATOM   310  O O     . LYS A 1 46  ? 5.416   5.391   14.731  1.00 101.41 ? 46  LYS A O     1 
ATOM   311  C CB    . LYS A 1 46  ? 2.184   5.716   15.074  1.00 89.91  ? 46  LYS A CB    1 
ATOM   312  C CG    . LYS A 1 46  ? 0.910   6.597   14.879  1.00 98.14  ? 46  LYS A CG    1 
ATOM   313  C CD    . LYS A 1 46  ? -0.278  6.149   15.830  1.00 101.43 ? 46  LYS A CD    1 
ATOM   314  C CE    . LYS A 1 46  ? -1.464  7.165   15.880  1.00 103.34 ? 46  LYS A CE    1 
ATOM   315  N NZ    . LYS A 1 46  ? -2.644  6.722   16.720  1.00 98.98  ? 46  LYS A NZ    1 
ATOM   316  N N     . GLU A 1 47  ? 4.291   3.502   14.281  1.00 90.20  ? 47  GLU A N     1 
ATOM   317  C CA    . GLU A 1 47  ? 5.409   2.579   14.591  1.00 90.09  ? 47  GLU A CA    1 
ATOM   318  C C     . GLU A 1 47  ? 5.670   1.741   13.352  1.00 89.88  ? 47  GLU A C     1 
ATOM   319  O O     . GLU A 1 47  ? 4.826   1.708   12.462  1.00 95.76  ? 47  GLU A O     1 
ATOM   320  C CB    . GLU A 1 47  ? 5.048   1.608   15.737  1.00 90.36  ? 47  GLU A CB    1 
ATOM   321  C CG    . GLU A 1 47  ? 4.328   2.207   16.947  1.00 86.47  ? 47  GLU A CG    1 
ATOM   322  C CD    . GLU A 1 47  ? 5.223   3.097   17.773  0.66 85.62  ? 47  GLU A CD    1 
ATOM   323  O OE1   . GLU A 1 47  ? 6.463   2.982   17.653  0.64 83.38  ? 47  GLU A OE1   1 
ATOM   324  O OE2   . GLU A 1 47  ? 4.686   3.920   18.542  0.62 86.29  ? 47  GLU A OE2   1 
ATOM   325  N N     . PRO A 1 48  ? 6.812   1.028   13.298  1.00 91.81  ? 48  PRO A N     1 
ATOM   326  C CA    . PRO A 1 48  ? 7.053   0.005   12.265  1.00 92.77  ? 48  PRO A CA    1 
ATOM   327  C C     . PRO A 1 48  ? 5.959   -1.061  12.180  1.00 91.77  ? 48  PRO A C     1 
ATOM   328  O O     . PRO A 1 48  ? 5.075   -1.109  13.037  1.00 88.67  ? 48  PRO A O     1 
ATOM   329  C CB    . PRO A 1 48  ? 8.366   -0.645  12.709  1.00 94.02  ? 48  PRO A CB    1 
ATOM   330  C CG    . PRO A 1 48  ? 9.086   0.431   13.398  1.00 99.21  ? 48  PRO A CG    1 
ATOM   331  C CD    . PRO A 1 48  ? 8.037   1.323   14.056  1.00 99.39  ? 48  PRO A CD    1 
ATOM   332  N N     . LEU A 1 49  ? 6.016   -1.885  11.134  1.00 86.54  ? 49  LEU A N     1 
ATOM   333  C CA    . LEU A 1 49  ? 5.126   -3.033  10.985  1.00 86.53  ? 49  LEU A CA    1 
ATOM   334  C C     . LEU A 1 49  ? 6.010   -4.261  11.060  1.00 91.14  ? 49  LEU A C     1 
ATOM   335  O O     . LEU A 1 49  ? 6.656   -4.623  10.082  1.00 101.78 ? 49  LEU A O     1 
ATOM   336  C CB    . LEU A 1 49  ? 4.365   -2.990  9.642   1.00 81.43  ? 49  LEU A CB    1 
ATOM   337  C CG    . LEU A 1 49  ? 3.637   -4.267  9.143   1.00 80.04  ? 49  LEU A CG    1 
ATOM   338  C CD1   . LEU A 1 49  ? 2.504   -4.642  10.067  1.00 80.61  ? 49  LEU A CD1   1 
ATOM   339  C CD2   . LEU A 1 49  ? 3.107   -4.155  7.689   1.00 74.48  ? 49  LEU A CD2   1 
ATOM   340  N N     . GLN A 1 50  ? 6.071   -4.884  12.230  1.00 98.13  ? 50  GLN A N     1 
ATOM   341  C CA    . GLN A 1 50  ? 6.686   -6.205  12.345  1.00 100.93 ? 50  GLN A CA    1 
ATOM   342  C C     . GLN A 1 50  ? 5.547   -7.214  12.222  1.00 88.13  ? 50  GLN A C     1 
ATOM   343  O O     . GLN A 1 50  ? 4.493   -7.042  12.824  1.00 84.67  ? 50  GLN A O     1 
ATOM   344  C CB    . GLN A 1 50  ? 7.459   -6.370  13.674  1.00 112.45 ? 50  GLN A CB    1 
ATOM   345  C CG    . GLN A 1 50  ? 8.464   -5.230  14.033  1.00 120.34 ? 50  GLN A CG    1 
ATOM   346  C CD    . GLN A 1 50  ? 9.499   -4.899  12.929  1.00 127.15 ? 50  GLN A CD    1 
ATOM   347  O OE1   . GLN A 1 50  ? 9.714   -5.674  11.984  1.00 121.89 ? 50  GLN A OE1   1 
ATOM   348  N NE2   . GLN A 1 50  ? 10.144  -3.733  13.061  1.00 119.63 ? 50  GLN A NE2   1 
ATOM   349  N N     . LEU A 1 51  ? 5.726   -8.235  11.401  1.00 83.57  ? 51  LEU A N     1 
ATOM   350  C CA    . LEU A 1 51  ? 4.749   -9.312  11.357  1.00 94.91  ? 51  LEU A CA    1 
ATOM   351  C C     . LEU A 1 51  ? 5.205   -10.416 12.303  1.00 106.52 ? 51  LEU A C     1 
ATOM   352  O O     . LEU A 1 51  ? 6.372   -10.437 12.692  1.00 108.08 ? 51  LEU A O     1 
ATOM   353  C CB    . LEU A 1 51  ? 4.585   -9.877  9.938   1.00 90.52  ? 51  LEU A CB    1 
ATOM   354  C CG    . LEU A 1 51  ? 3.646   -9.198  8.930   1.00 87.80  ? 51  LEU A CG    1 
ATOM   355  C CD1   . LEU A 1 51  ? 3.253   -10.224 7.890   1.00 85.33  ? 51  LEU A CD1   1 
ATOM   356  C CD2   . LEU A 1 51  ? 2.385   -8.586  9.550   1.00 89.83  ? 51  LEU A CD2   1 
ATOM   357  N N     . PRO A 1 52  ? 4.290   -11.333 12.684  1.00 120.38 ? 52  PRO A N     1 
ATOM   358  C CA    . PRO A 1 52  ? 4.762   -12.558 13.314  1.00 126.43 ? 52  PRO A CA    1 
ATOM   359  C C     . PRO A 1 52  ? 5.919   -13.170 12.508  1.00 131.34 ? 52  PRO A C     1 
ATOM   360  O O     . PRO A 1 52  ? 5.807   -13.323 11.285  1.00 126.75 ? 52  PRO A O     1 
ATOM   361  C CB    . PRO A 1 52  ? 3.521   -13.477 13.287  1.00 125.62 ? 52  PRO A CB    1 
ATOM   362  C CG    . PRO A 1 52  ? 2.438   -12.720 12.542  1.00 117.92 ? 52  PRO A CG    1 
ATOM   363  C CD    . PRO A 1 52  ? 2.817   -11.286 12.644  1.00 121.60 ? 52  PRO A CD    1 
ATOM   364  N N     . ALA A 1 53  ? 7.019   -13.498 13.188  1.00 136.56 ? 53  ALA A N     1 
ATOM   365  C CA    . ALA A 1 53  ? 8.189   -14.101 12.536  1.00 140.83 ? 53  ALA A CA    1 
ATOM   366  C C     . ALA A 1 53  ? 7.831   -15.436 11.862  1.00 143.12 ? 53  ALA A C     1 
ATOM   367  O O     . ALA A 1 53  ? 8.559   -15.925 10.988  1.00 140.84 ? 53  ALA A O     1 
ATOM   368  C CB    . ALA A 1 53  ? 9.327   -14.284 13.545  1.00 133.63 ? 53  ALA A CB    1 
ATOM   369  N N     . GLU A 1 54  ? 6.704   -16.008 12.280  1.00 142.29 ? 54  GLU A N     1 
ATOM   370  C CA    . GLU A 1 54  ? 6.128   -17.181 11.641  1.00 149.36 ? 54  GLU A CA    1 
ATOM   371  C C     . GLU A 1 54  ? 5.631   -16.874 10.220  1.00 145.82 ? 54  GLU A C     1 
ATOM   372  O O     . GLU A 1 54  ? 6.125   -17.444 9.247   1.00 129.16 ? 54  GLU A O     1 
ATOM   373  C CB    . GLU A 1 54  ? 4.972   -17.711 12.512  1.00 158.84 ? 54  GLU A CB    1 
ATOM   374  C CG    . GLU A 1 54  ? 4.338   -19.024 12.038  1.00 161.41 ? 54  GLU A CG    1 
ATOM   375  C CD    . GLU A 1 54  ? 5.360   -20.134 11.812  1.00 159.84 ? 54  GLU A CD    1 
ATOM   376  O OE1   . GLU A 1 54  ? 6.296   -20.275 12.628  1.00 151.72 ? 54  GLU A OE1   1 
ATOM   377  O OE2   . GLU A 1 54  ? 5.226   -20.869 10.811  1.00 163.78 ? 54  GLU A OE2   1 
ATOM   378  N N     . LYS A 1 55  ? 4.693   -15.936 10.117  1.00 150.86 ? 55  LYS A N     1 
ATOM   379  C CA    . LYS A 1 55  ? 3.839   -15.786 8.932   1.00 149.01 ? 55  LYS A CA    1 
ATOM   380  C C     . LYS A 1 55  ? 4.457   -14.854 7.911   1.00 145.89 ? 55  LYS A C     1 
ATOM   381  O O     . LYS A 1 55  ? 5.157   -13.912 8.285   1.00 144.97 ? 55  LYS A O     1 
ATOM   382  C CB    . LYS A 1 55  ? 2.480   -15.209 9.335   1.00 148.53 ? 55  LYS A CB    1 
ATOM   383  C CG    . LYS A 1 55  ? 1.915   -15.766 10.637  1.00 154.63 ? 55  LYS A CG    1 
ATOM   384  C CD    . LYS A 1 55  ? 1.004   -16.965 10.427  1.00 156.29 ? 55  LYS A CD    1 
ATOM   385  C CE    . LYS A 1 55  ? 0.116   -17.176 11.658  1.00 162.45 ? 55  LYS A CE    1 
ATOM   386  N NZ    . LYS A 1 55  ? -1.100  -17.980 11.367  1.00 158.92 ? 55  LYS A NZ    1 
ATOM   387  N N     . LYS A 1 56  ? 4.189   -15.108 6.628   1.00 141.75 ? 56  LYS A N     1 
ATOM   388  C CA    . LYS A 1 56  ? 4.535   -14.157 5.568   1.00 141.52 ? 56  LYS A CA    1 
ATOM   389  C C     . LYS A 1 56  ? 3.316   -13.259 5.271   1.00 128.71 ? 56  LYS A C     1 
ATOM   390  O O     . LYS A 1 56  ? 2.173   -13.651 5.548   1.00 118.14 ? 56  LYS A O     1 
ATOM   391  C CB    . LYS A 1 56  ? 5.039   -14.875 4.302   1.00 144.01 ? 56  LYS A CB    1 
ATOM   392  C CG    . LYS A 1 56  ? 5.732   -13.916 3.326   1.00 149.96 ? 56  LYS A CG    1 
ATOM   393  C CD    . LYS A 1 56  ? 6.259   -14.573 2.063   1.00 151.99 ? 56  LYS A CD    1 
ATOM   394  C CE    . LYS A 1 56  ? 6.591   -13.495 1.027   1.00 153.04 ? 56  LYS A CE    1 
ATOM   395  N NZ    . LYS A 1 56  ? 6.803   -14.033 -0.338  1.00 156.72 ? 56  LYS A NZ    1 
ATOM   396  N N     . LEU A 1 57  ? 3.573   -12.052 4.742   1.00 112.95 ? 57  LEU A N     1 
ATOM   397  C CA    . LEU A 1 57  ? 2.519   -11.073 4.374   1.00 100.43 ? 57  LEU A CA    1 
ATOM   398  C C     . LEU A 1 57  ? 1.400   -11.670 3.514   1.00 98.97  ? 57  LEU A C     1 
ATOM   399  O O     . LEU A 1 57  ? 0.224   -11.328 3.687   1.00 88.48  ? 57  LEU A O     1 
ATOM   400  C CB    . LEU A 1 57  ? 3.128   -9.871  3.620   1.00 91.19  ? 57  LEU A CB    1 
ATOM   401  C CG    . LEU A 1 57  ? 2.161   -8.871  2.954   1.00 81.82  ? 57  LEU A CG    1 
ATOM   402  C CD1   . LEU A 1 57  ? 1.184   -8.292  3.973   1.00 75.77  ? 57  LEU A CD1   1 
ATOM   403  C CD2   . LEU A 1 57  ? 2.922   -7.759  2.236   1.00 74.16  ? 57  LEU A CD2   1 
ATOM   404  N N     . THR A 1 58  ? 1.791   -12.562 2.601   1.00 98.27  ? 58  THR A N     1 
ATOM   405  C CA    . THR A 1 58  ? 0.907   -13.118 1.571   1.00 93.28  ? 58  THR A CA    1 
ATOM   406  C C     . THR A 1 58  ? -0.235  -13.978 2.121   1.00 88.02  ? 58  THR A C     1 
ATOM   407  O O     . THR A 1 58  ? -1.159  -14.338 1.374   1.00 83.43  ? 58  THR A O     1 
ATOM   408  C CB    . THR A 1 58  ? 1.727   -13.952 0.550   1.00 92.42  ? 58  THR A CB    1 
ATOM   409  O OG1   . THR A 1 58  ? 2.334   -15.069 1.223   1.00 85.00  ? 58  THR A OG1   1 
ATOM   410  C CG2   . THR A 1 58  ? 2.819   -13.067 -0.149  1.00 84.04  ? 58  THR A CG2   1 
ATOM   411  N N     . ASP A 1 59  ? -0.165  -14.298 3.414   1.00 91.63  ? 59  ASP A N     1 
ATOM   412  C CA    . ASP A 1 59  ? -1.230  -15.035 4.116   1.00 102.13 ? 59  ASP A CA    1 
ATOM   413  C C     . ASP A 1 59  ? -2.462  -14.146 4.432   1.00 102.62 ? 59  ASP A C     1 
ATOM   414  O O     . ASP A 1 59  ? -3.608  -14.621 4.378   1.00 92.29  ? 59  ASP A O     1 
ATOM   415  C CB    . ASP A 1 59  ? -0.680  -15.676 5.412   1.00 106.17 ? 59  ASP A CB    1 
ATOM   416  C CG    . ASP A 1 59  ? 0.437   -16.704 5.148   1.00 113.81 ? 59  ASP A CG    1 
ATOM   417  O OD1   . ASP A 1 59  ? 1.048   -16.681 4.052   1.00 120.76 ? 59  ASP A OD1   1 
ATOM   418  O OD2   . ASP A 1 59  ? 0.716   -17.533 6.046   1.00 108.30 ? 59  ASP A OD2   1 
ATOM   419  N N     . TYR A 1 60  ? -2.221  -12.868 4.745   1.00 100.52 ? 60  TYR A N     1 
ATOM   420  C CA    . TYR A 1 60  ? -3.290  -11.917 5.089   1.00 96.59  ? 60  TYR A CA    1 
ATOM   421  C C     . TYR A 1 60  ? -3.563  -10.896 4.001   1.00 93.03  ? 60  TYR A C     1 
ATOM   422  O O     . TYR A 1 60  ? -4.455  -10.060 4.136   1.00 92.26  ? 60  TYR A O     1 
ATOM   423  C CB    . TYR A 1 60  ? -2.909  -11.120 6.324   1.00 103.36 ? 60  TYR A CB    1 
ATOM   424  C CG    . TYR A 1 60  ? -2.215  -11.904 7.398   1.00 109.02 ? 60  TYR A CG    1 
ATOM   425  C CD1   . TYR A 1 60  ? -2.946  -12.692 8.280   1.00 109.42 ? 60  TYR A CD1   1 
ATOM   426  C CD2   . TYR A 1 60  ? -0.825  -11.840 7.546   1.00 109.59 ? 60  TYR A CD2   1 
ATOM   427  C CE1   . TYR A 1 60  ? -2.322  -13.405 9.272   1.00 116.53 ? 60  TYR A CE1   1 
ATOM   428  C CE2   . TYR A 1 60  ? -0.185  -12.545 8.542   1.00 117.79 ? 60  TYR A CE2   1 
ATOM   429  C CZ    . TYR A 1 60  ? -0.943  -13.328 9.407   1.00 125.17 ? 60  TYR A CZ    1 
ATOM   430  O OH    . TYR A 1 60  ? -0.347  -14.039 10.422  1.00 131.44 ? 60  TYR A OH    1 
ATOM   431  N N     . PHE A 1 61  ? -2.777  -10.945 2.936   1.00 97.04  ? 61  PHE A N     1 
ATOM   432  C CA    . PHE A 1 61  ? -2.752  -9.874  1.953   1.00 94.95  ? 61  PHE A CA    1 
ATOM   433  C C     . PHE A 1 61  ? -2.655  -10.430 0.542   1.00 92.78  ? 61  PHE A C     1 
ATOM   434  O O     . PHE A 1 61  ? -1.635  -11.014 0.159   1.00 90.33  ? 61  PHE A O     1 
ATOM   435  C CB    . PHE A 1 61  ? -1.548  -8.976  2.250   1.00 96.24  ? 61  PHE A CB    1 
ATOM   436  C CG    . PHE A 1 61  ? -1.658  -7.591  1.688   1.00 94.21  ? 61  PHE A CG    1 
ATOM   437  C CD1   . PHE A 1 61  ? -2.835  -6.851  1.817   1.00 95.51  ? 61  PHE A CD1   1 
ATOM   438  C CD2   . PHE A 1 61  ? -0.566  -7.005  1.073   1.00 91.25  ? 61  PHE A CD2   1 
ATOM   439  C CE1   . PHE A 1 61  ? -2.931  -5.565  1.305   1.00 93.62  ? 61  PHE A CE1   1 
ATOM   440  C CE2   . PHE A 1 61  ? -0.652  -5.722  0.565   1.00 94.57  ? 61  PHE A CE2   1 
ATOM   441  C CZ    . PHE A 1 61  ? -1.840  -5.000  0.680   1.00 95.30  ? 61  PHE A CZ    1 
ATOM   442  N N     . THR A 1 62  ? -3.721  -10.269 -0.229  1.00 87.91  ? 62  THR A N     1 
ATOM   443  C CA    . THR A 1 62  ? -3.667  -10.653 -1.632  1.00 89.99  ? 62  THR A CA    1 
ATOM   444  C C     . THR A 1 62  ? -4.060  -9.457  -2.476  1.00 89.10  ? 62  THR A C     1 
ATOM   445  O O     . THR A 1 62  ? -4.988  -8.708  -2.118  1.00 86.08  ? 62  THR A O     1 
ATOM   446  C CB    . THR A 1 62  ? -4.531  -11.873 -1.909  1.00 89.45  ? 62  THR A CB    1 
ATOM   447  O OG1   . THR A 1 62  ? -5.829  -11.659 -1.350  1.00 97.55  ? 62  THR A OG1   1 
ATOM   448  C CG2   . THR A 1 62  ? -3.886  -13.123 -1.257  1.00 86.66  ? 62  THR A CG2   1 
ATOM   449  N N     . ILE A 1 63  ? -3.301  -9.255  -3.558  1.00 86.83  ? 63  ILE A N     1 
ATOM   450  C CA    . ILE A 1 63  ? -3.433  -8.063  -4.405  1.00 83.21  ? 63  ILE A CA    1 
ATOM   451  C C     . ILE A 1 63  ? -3.672  -8.422  -5.883  1.00 87.41  ? 63  ILE A C     1 
ATOM   452  O O     . ILE A 1 63  ? -3.164  -9.442  -6.398  1.00 92.01  ? 63  ILE A O     1 
ATOM   453  C CB    . ILE A 1 63  ? -2.219  -7.087  -4.255  1.00 74.42  ? 63  ILE A CB    1 
ATOM   454  C CG1   . ILE A 1 63  ? -0.947  -7.635  -4.897  1.00 77.23  ? 63  ILE A CG1   1 
ATOM   455  C CG2   . ILE A 1 63  ? -1.916  -6.832  -2.808  1.00 70.73  ? 63  ILE A CG2   1 
ATOM   456  C CD1   . ILE A 1 63  ? 0.053   -6.549  -5.313  1.00 77.83  ? 63  ILE A CD1   1 
ATOM   457  N N     . ASP A 1 64  ? -4.461  -7.577  -6.548  1.00 83.30  ? 64  ASP A N     1 
ATOM   458  C CA    . ASP A 1 64  ? -4.791  -7.753  -7.965  1.00 81.16  ? 64  ASP A CA    1 
ATOM   459  C C     . ASP A 1 64  ? -4.587  -6.411  -8.676  1.00 81.47  ? 64  ASP A C     1 
ATOM   460  O O     . ASP A 1 64  ? -5.129  -5.378  -8.224  1.00 75.03  ? 64  ASP A O     1 
ATOM   461  C CB    . ASP A 1 64  ? -6.237  -8.251  -8.121  1.00 76.83  ? 64  ASP A CB    1 
ATOM   462  C CG    . ASP A 1 64  ? -6.528  -8.856  -9.510  1.00 74.82  ? 64  ASP A CG    1 
ATOM   463  O OD1   . ASP A 1 64  ? -6.157  -8.276  -10.551 1.00 66.89  ? 64  ASP A OD1   1 
ATOM   464  O OD2   . ASP A 1 64  ? -7.174  -9.917  -9.563  1.00 75.68  ? 64  ASP A OD2   1 
ATOM   465  N N     . VAL A 1 65  ? -3.796  -6.438  -9.761  1.00 78.58  ? 65  VAL A N     1 
ATOM   466  C CA    . VAL A 1 65  ? -3.513  -5.256  -10.595 1.00 79.77  ? 65  VAL A CA    1 
ATOM   467  C C     . VAL A 1 65  ? -4.361  -5.304  -11.852 1.00 75.88  ? 65  VAL A C     1 
ATOM   468  O O     . VAL A 1 65  ? -4.023  -6.044  -12.773 1.00 76.35  ? 65  VAL A O     1 
ATOM   469  C CB    . VAL A 1 65  ? -2.018  -5.194  -11.061 1.00 81.49  ? 65  VAL A CB    1 
ATOM   470  C CG1   . VAL A 1 65  ? -1.759  -3.933  -11.889 1.00 79.32  ? 65  VAL A CG1   1 
ATOM   471  C CG2   . VAL A 1 65  ? -1.064  -5.245  -9.885  1.00 86.95  ? 65  VAL A CG2   1 
ATOM   472  N N     . GLU A 1 66  ? -5.455  -4.541  -11.905 1.00 71.26  ? 66  GLU A N     1 
ATOM   473  C CA    . GLU A 1 66  ? -6.281  -4.507  -13.122 1.00 72.28  ? 66  GLU A CA    1 
ATOM   474  C C     . GLU A 1 66  ? -6.242  -3.139  -13.785 1.00 70.92  ? 66  GLU A C     1 
ATOM   475  O O     . GLU A 1 66  ? -6.088  -2.127  -13.096 1.00 74.73  ? 66  GLU A O     1 
ATOM   476  C CB    . GLU A 1 66  ? -7.744  -4.868  -12.844 1.00 74.60  ? 66  GLU A CB    1 
ATOM   477  C CG    . GLU A 1 66  ? -8.035  -6.338  -12.510 1.00 75.68  ? 66  GLU A CG    1 
ATOM   478  C CD    . GLU A 1 66  ? -7.410  -7.317  -13.473 1.00 75.57  ? 66  GLU A CD    1 
ATOM   479  O OE1   . GLU A 1 66  ? -7.767  -7.348  -14.685 1.00 87.64  ? 66  GLU A OE1   1 
ATOM   480  O OE2   . GLU A 1 66  ? -6.554  -8.072  -12.991 1.00 64.69  ? 66  GLU A OE2   1 
ATOM   481  N N     . PRO A 1 67  ? -6.375  -3.106  -15.126 1.00 63.42  ? 67  PRO A N     1 
ATOM   482  C CA    . PRO A 1 67  ? -6.532  -1.872  -15.889 1.00 64.03  ? 67  PRO A CA    1 
ATOM   483  C C     . PRO A 1 67  ? -7.914  -1.293  -15.727 1.00 66.58  ? 67  PRO A C     1 
ATOM   484  O O     . PRO A 1 67  ? -8.863  -2.049  -15.575 1.00 71.41  ? 67  PRO A O     1 
ATOM   485  C CB    . PRO A 1 67  ? -6.335  -2.315  -17.338 1.00 64.31  ? 67  PRO A CB    1 
ATOM   486  C CG    . PRO A 1 67  ? -6.634  -3.728  -17.342 1.00 66.26  ? 67  PRO A CG    1 
ATOM   487  C CD    . PRO A 1 67  ? -6.182  -4.257  -16.016 1.00 65.18  ? 67  PRO A CD    1 
ATOM   488  N N     . ALA A 1 68  ? -8.019  0.033   -15.743 1.00 71.19  ? 68  ALA A N     1 
ATOM   489  C CA    . ALA A 1 68  ? -9.312  0.721   -15.616 1.00 71.43  ? 68  ALA A CA    1 
ATOM   490  C C     . ALA A 1 68  ? -9.593  1.644   -16.809 1.00 77.09  ? 68  ALA A C     1 
ATOM   491  O O     . ALA A 1 68  ? -10.663 2.269   -16.877 1.00 78.50  ? 68  ALA A O     1 
ATOM   492  C CB    . ALA A 1 68  ? -9.353  1.503   -14.323 1.00 61.27  ? 68  ALA A CB    1 
ATOM   493  N N     . GLY A 1 69  ? -8.638  1.711   -17.744 1.00 77.26  ? 69  GLY A N     1 
ATOM   494  C CA    . GLY A 1 69  ? -8.739  2.549   -18.942 1.00 78.60  ? 69  GLY A CA    1 
ATOM   495  C C     . GLY A 1 69  ? -7.670  2.144   -19.944 1.00 80.16  ? 69  GLY A C     1 
ATOM   496  O O     . GLY A 1 69  ? -6.977  1.133   -19.737 1.00 79.99  ? 69  GLY A O     1 
ATOM   497  N N     . HIS A 1 70  ? -7.528  2.914   -21.024 1.00 73.47  ? 70  HIS A N     1 
ATOM   498  C CA    . HIS A 1 70  ? -6.494  2.631   -22.012 1.00 72.26  ? 70  HIS A CA    1 
ATOM   499  C C     . HIS A 1 70  ? -5.130  3.013   -21.492 1.00 80.03  ? 70  HIS A C     1 
ATOM   500  O O     . HIS A 1 70  ? -4.119  2.525   -21.995 1.00 77.94  ? 70  HIS A O     1 
ATOM   501  C CB    . HIS A 1 70  ? -6.725  3.423   -23.278 1.00 68.80  ? 70  HIS A CB    1 
ATOM   502  C CG    . HIS A 1 70  ? -8.056  3.192   -23.893 1.00 71.69  ? 70  HIS A CG    1 
ATOM   503  N ND1   . HIS A 1 70  ? -8.492  1.940   -24.262 1.00 77.26  ? 70  HIS A ND1   1 
ATOM   504  C CD2   . HIS A 1 70  ? -9.050  4.051   -24.213 1.00 74.28  ? 70  HIS A CD2   1 
ATOM   505  C CE1   . HIS A 1 70  ? -9.700  2.039   -24.788 1.00 78.86  ? 70  HIS A CE1   1 
ATOM   506  N NE2   . HIS A 1 70  ? -10.061 3.308   -24.768 1.00 77.49  ? 70  HIS A NE2   1 
ATOM   507  N N     . SER A 1 71  ? -5.110  3.920   -20.513 1.00 90.24  ? 71  SER A N     1 
ATOM   508  C CA    . SER A 1 71  ? -3.867  4.538   -20.043 1.00 95.77  ? 71  SER A CA    1 
ATOM   509  C C     . SER A 1 71  ? -3.596  4.309   -18.564 1.00 87.33  ? 71  SER A C     1 
ATOM   510  O O     . SER A 1 71  ? -2.452  4.453   -18.125 1.00 87.26  ? 71  SER A O     1 
ATOM   511  C CB    . SER A 1 71  ? -3.913  6.053   -20.311 1.00 109.05 ? 71  SER A CB    1 
ATOM   512  O OG    . SER A 1 71  ? -4.078  6.356   -21.700 1.00 111.68 ? 71  SER A OG    1 
ATOM   513  N N     . LEU A 1 72  ? -4.645  3.940   -17.824 1.00 82.41  ? 72  LEU A N     1 
ATOM   514  C CA    . LEU A 1 72  ? -4.650  3.893   -16.347 1.00 80.49  ? 72  LEU A CA    1 
ATOM   515  C C     . LEU A 1 72  ? -4.871  2.487   -15.747 1.00 75.90  ? 72  LEU A C     1 
ATOM   516  O O     . LEU A 1 72  ? -5.547  1.650   -16.341 1.00 87.21  ? 72  LEU A O     1 
ATOM   517  C CB    . LEU A 1 72  ? -5.775  4.803   -15.833 1.00 78.88  ? 72  LEU A CB    1 
ATOM   518  C CG    . LEU A 1 72  ? -5.465  6.281   -15.635 1.00 72.37  ? 72  LEU A CG    1 
ATOM   519  C CD1   . LEU A 1 72  ? -6.755  7.090   -15.643 1.00 67.22  ? 72  LEU A CD1   1 
ATOM   520  C CD2   . LEU A 1 72  ? -4.696  6.463   -14.337 1.00 64.88  ? 72  LEU A CD2   1 
ATOM   521  N N     . VAL A 1 73  ? -4.353  2.266   -14.543 1.00 69.73  ? 73  VAL A N     1 
ATOM   522  C CA    . VAL A 1 73  ? -4.423  0.965   -13.845 1.00 67.29  ? 73  VAL A CA    1 
ATOM   523  C C     . VAL A 1 73  ? -4.692  1.151   -12.327 1.00 68.94  ? 73  VAL A C     1 
ATOM   524  O O     . VAL A 1 73  ? -4.317  2.164   -11.727 1.00 73.73  ? 73  VAL A O     1 
ATOM   525  C CB    . VAL A 1 73  ? -3.082  0.171   -14.043 1.00 63.82  ? 73  VAL A CB    1 
ATOM   526  C CG1   . VAL A 1 73  ? -3.065  -1.137  -13.233 1.00 60.91  ? 73  VAL A CG1   1 
ATOM   527  C CG2   . VAL A 1 73  ? -2.806  -0.082  -15.528 1.00 54.29  ? 73  VAL A CG2   1 
ATOM   528  N N     . ASN A 1 74  ? -5.330  0.166   -11.706 1.00 66.35  ? 74  ASN A N     1 
ATOM   529  C CA    . ASN A 1 74  ? -5.596  0.194   -10.266 1.00 65.69  ? 74  ASN A CA    1 
ATOM   530  C C     . ASN A 1 74  ? -5.014  -1.013  -9.597  1.00 67.83  ? 74  ASN A C     1 
ATOM   531  O O     . ASN A 1 74  ? -4.827  -2.048  -10.252 1.00 73.80  ? 74  ASN A O     1 
ATOM   532  C CB    . ASN A 1 74  ? -7.096  0.122   -10.005 1.00 68.48  ? 74  ASN A CB    1 
ATOM   533  C CG    . ASN A 1 74  ? -7.833  1.327   -10.497 1.00 68.31  ? 74  ASN A CG    1 
ATOM   534  O OD1   . ASN A 1 74  ? -7.343  2.451   -10.409 1.00 70.46  ? 74  ASN A OD1   1 
ATOM   535  N ND2   . ASN A 1 74  ? -9.027  1.104   -11.021 1.00 66.98  ? 74  ASN A ND2   1 
ATOM   536  N N     . ILE A 1 75  ? -4.789  -0.916  -8.287  1.00 65.23  ? 75  ILE A N     1 
ATOM   537  C CA    . ILE A 1 75  ? -4.463  -2.112  -7.507  1.00 68.11  ? 75  ILE A CA    1 
ATOM   538  C C     . ILE A 1 75  ? -5.550  -2.403  -6.482  1.00 70.69  ? 75  ILE A C     1 
ATOM   539  O O     . ILE A 1 75  ? -5.850  -1.529  -5.664  1.00 71.31  ? 75  ILE A O     1 
ATOM   540  C CB    . ILE A 1 75  ? -3.108  -1.990  -6.797  1.00 64.97  ? 75  ILE A CB    1 
ATOM   541  C CG1   . ILE A 1 75  ? -1.998  -1.719  -7.818  1.00 66.42  ? 75  ILE A CG1   1 
ATOM   542  C CG2   . ILE A 1 75  ? -2.795  -3.281  -6.046  1.00 64.06  ? 75  ILE A CG2   1 
ATOM   543  C CD1   . ILE A 1 75  ? -0.585  -1.472  -7.204  1.00 67.90  ? 75  ILE A CD1   1 
ATOM   544  N N     . TYR A 1 76  ? -6.110  -3.624  -6.529  1.00 68.18  ? 76  TYR A N     1 
ATOM   545  C CA    . TYR A 1 76  ? -7.105  -4.105  -5.546  1.00 70.65  ? 76  TYR A CA    1 
ATOM   546  C C     . TYR A 1 76  ? -6.517  -4.975  -4.407  1.00 71.13  ? 76  TYR A C     1 
ATOM   547  O O     . TYR A 1 76  ? -5.537  -5.698  -4.602  1.00 68.10  ? 76  TYR A O     1 
ATOM   548  C CB    . TYR A 1 76  ? -8.195  -4.885  -6.270  1.00 72.57  ? 76  TYR A CB    1 
ATOM   549  C CG    . TYR A 1 76  ? -8.911  -4.052  -7.283  1.00 70.45  ? 76  TYR A CG    1 
ATOM   550  C CD1   . TYR A 1 76  ? -8.396  -3.904  -8.560  1.00 73.72  ? 76  TYR A CD1   1 
ATOM   551  C CD2   . TYR A 1 76  ? -10.099 -3.391  -6.962  1.00 68.66  ? 76  TYR A CD2   1 
ATOM   552  C CE1   . TYR A 1 76  ? -9.051  -3.111  -9.520  1.00 77.49  ? 76  TYR A CE1   1 
ATOM   553  C CE2   . TYR A 1 76  ? -10.769 -2.587  -7.906  1.00 69.64  ? 76  TYR A CE2   1 
ATOM   554  C CZ    . TYR A 1 76  ? -10.235 -2.453  -9.187  1.00 73.33  ? 76  TYR A CZ    1 
ATOM   555  O OH    . TYR A 1 76  ? -10.846 -1.675  -10.149 1.00 61.81  ? 76  TYR A OH    1 
ATOM   556  N N     . PHE A 1 77  ? -7.141  -4.910  -3.233  1.00 72.34  ? 77  PHE A N     1 
ATOM   557  C CA    . PHE A 1 77  ? -6.610  -5.553  -2.030  1.00 80.81  ? 77  PHE A CA    1 
ATOM   558  C C     . PHE A 1 77  ? -7.644  -6.397  -1.338  1.00 80.81  ? 77  PHE A C     1 
ATOM   559  O O     . PHE A 1 77  ? -8.818  -6.029  -1.263  1.00 82.74  ? 77  PHE A O     1 
ATOM   560  C CB    . PHE A 1 77  ? -6.169  -4.506  -1.006  1.00 90.45  ? 77  PHE A CB    1 
ATOM   561  C CG    . PHE A 1 77  ? -5.179  -3.555  -1.533  1.00 96.61  ? 77  PHE A CG    1 
ATOM   562  C CD1   . PHE A 1 77  ? -3.896  -3.981  -1.778  1.00 105.69 ? 77  PHE A CD1   1 
ATOM   563  C CD2   . PHE A 1 77  ? -5.532  -2.236  -1.821  1.00 99.73  ? 77  PHE A CD2   1 
ATOM   564  C CE1   . PHE A 1 77  ? -2.954  -3.109  -2.299  1.00 120.33 ? 77  PHE A CE1   1 
ATOM   565  C CE2   . PHE A 1 77  ? -4.604  -1.347  -2.340  1.00 104.85 ? 77  PHE A CE2   1 
ATOM   566  C CZ    . PHE A 1 77  ? -3.311  -1.781  -2.584  1.00 116.20 ? 77  PHE A CZ    1 
ATOM   567  N N     . GLN A 1 78  ? -7.193  -7.510  -0.786  1.00 75.58  ? 78  GLN A N     1 
ATOM   568  C CA    . GLN A 1 78  ? -7.973  -8.205  0.206   1.00 79.40  ? 78  GLN A CA    1 
ATOM   569  C C     . GLN A 1 78  ? -7.086  -8.339  1.431   1.00 80.24  ? 78  GLN A C     1 
ATOM   570  O O     . GLN A 1 78  ? -6.011  -8.981  1.359   1.00 75.13  ? 78  GLN A O     1 
ATOM   571  C CB    . GLN A 1 78  ? -8.427  -9.562  -0.327  1.00 92.93  ? 78  GLN A CB    1 
ATOM   572  C CG    . GLN A 1 78  ? -8.995  -10.525 0.737   1.00 97.11  ? 78  GLN A CG    1 
ATOM   573  C CD    . GLN A 1 78  ? -10.209 -11.300 0.250   1.00 97.65  ? 78  GLN A CD    1 
ATOM   574  O OE1   . GLN A 1 78  ? -10.648 -11.158 -0.901  1.00 84.36  ? 78  GLN A OE1   1 
ATOM   575  N NE2   . GLN A 1 78  ? -10.768 -12.118 1.137   1.00 105.30 ? 78  GLN A NE2   1 
ATOM   576  N N     . ILE A 1 79  ? -7.528  -7.719  2.536   1.00 75.01  ? 79  ILE A N     1 
ATOM   577  C CA    . ILE A 1 79  ? -6.746  -7.662  3.782   1.00 75.90  ? 79  ILE A CA    1 
ATOM   578  C C     . ILE A 1 79  ? -7.457  -8.435  4.886   1.00 77.07  ? 79  ILE A C     1 
ATOM   579  O O     . ILE A 1 79  ? -8.482  -7.994  5.417   1.00 73.78  ? 79  ILE A O     1 
ATOM   580  C CB    . ILE A 1 79  ? -6.472  -6.189  4.236   1.00 78.98  ? 79  ILE A CB    1 
ATOM   581  C CG1   . ILE A 1 79  ? -6.068  -5.324  3.020   1.00 77.40  ? 79  ILE A CG1   1 
ATOM   582  C CG2   . ILE A 1 79  ? -5.414  -6.142  5.384   1.00 70.07  ? 79  ILE A CG2   1 
ATOM   583  C CD1   . ILE A 1 79  ? -5.496  -3.965  3.350   1.00 73.37  ? 79  ILE A CD1   1 
ATOM   584  N N     . ASP A 1 80  ? -6.906  -9.598  5.216   1.00 88.53  ? 80  ASP A N     1 
ATOM   585  C CA    . ASP A 1 80  ? -7.491  -10.478 6.227   1.00 103.54 ? 80  ASP A CA    1 
ATOM   586  C C     . ASP A 1 80  ? -7.416  -9.786  7.596   1.00 105.24 ? 80  ASP A C     1 
ATOM   587  O O     . ASP A 1 80  ? -6.524  -8.974  7.850   1.00 92.95  ? 80  ASP A O     1 
ATOM   588  C CB    . ASP A 1 80  ? -6.807  -11.870 6.242   1.00 111.34 ? 80  ASP A CB    1 
ATOM   589  C CG    . ASP A 1 80  ? -6.927  -12.629 4.887   1.00 121.59 ? 80  ASP A CG    1 
ATOM   590  O OD1   . ASP A 1 80  ? -6.230  -13.658 4.725   1.00 108.68 ? 80  ASP A OD1   1 
ATOM   591  O OD2   . ASP A 1 80  ? -7.702  -12.208 3.986   1.00 131.16 ? 80  ASP A OD2   1 
ATOM   592  N N     . ASP A 1 81  ? -8.370  -10.117 8.462   1.00 119.28 ? 81  ASP A N     1 
ATOM   593  C CA    . ASP A 1 81  ? -8.660  -9.345  9.684   1.00 119.02 ? 81  ASP A CA    1 
ATOM   594  C C     . ASP A 1 81  ? -7.438  -8.959  10.507  1.00 106.94 ? 81  ASP A C     1 
ATOM   595  O O     . ASP A 1 81  ? -7.357  -7.837  10.997  1.00 104.92 ? 81  ASP A O     1 
ATOM   596  C CB    . ASP A 1 81  ? -9.640  -10.106 10.593  1.00 126.30 ? 81  ASP A CB    1 
ATOM   597  C CG    . ASP A 1 81  ? -11.031 -10.238 9.989   1.00 138.39 ? 81  ASP A CG    1 
ATOM   598  O OD1   . ASP A 1 81  ? -11.275 -9.737  8.859   1.00 146.96 ? 81  ASP A OD1   1 
ATOM   599  O OD2   . ASP A 1 81  ? -11.882 -10.856 10.664  1.00 140.96 ? 81  ASP A OD2   1 
ATOM   600  N N     . PHE A 1 82  ? -6.504  -9.889  10.673  1.00 95.09  ? 82  PHE A N     1 
ATOM   601  C CA    . PHE A 1 82  ? -5.340  -9.642  11.508  1.00 86.59  ? 82  PHE A CA    1 
ATOM   602  C C     . PHE A 1 82  ? -4.595  -8.395  11.041  1.00 85.43  ? 82  PHE A C     1 
ATOM   603  O O     . PHE A 1 82  ? -4.267  -7.517  11.836  1.00 84.24  ? 82  PHE A O     1 
ATOM   604  C CB    . PHE A 1 82  ? -4.406  -10.849 11.472  1.00 88.94  ? 82  PHE A CB    1 
ATOM   605  C CG    . PHE A 1 82  ? -3.162  -10.675 12.298  1.00 91.21  ? 82  PHE A CG    1 
ATOM   606  C CD1   . PHE A 1 82  ? -3.092  -11.181 13.586  1.00 90.65  ? 82  PHE A CD1   1 
ATOM   607  C CD2   . PHE A 1 82  ? -2.062  -10.003 11.785  1.00 94.63  ? 82  PHE A CD2   1 
ATOM   608  C CE1   . PHE A 1 82  ? -1.954  -11.014 14.352  1.00 93.49  ? 82  PHE A CE1   1 
ATOM   609  C CE2   . PHE A 1 82  ? -0.919  -9.836  12.549  1.00 98.76  ? 82  PHE A CE2   1 
ATOM   610  C CZ    . PHE A 1 82  ? -0.867  -10.340 13.837  1.00 94.75  ? 82  PHE A CZ    1 
ATOM   611  N N     . LEU A 1 83  ? -4.336  -8.328  9.740   1.00 87.35  ? 83  LEU A N     1 
ATOM   612  C CA    . LEU A 1 83  ? -3.593  -7.210  9.144   1.00 86.22  ? 83  LEU A CA    1 
ATOM   613  C C     . LEU A 1 83  ? -4.418  -5.927  9.193   1.00 81.11  ? 83  LEU A C     1 
ATOM   614  O O     . LEU A 1 83  ? -3.894  -4.858  9.521   1.00 72.69  ? 83  LEU A O     1 
ATOM   615  C CB    . LEU A 1 83  ? -3.199  -7.537  7.686   1.00 85.47  ? 83  LEU A CB    1 
ATOM   616  C CG    . LEU A 1 83  ? -2.038  -6.755  7.064   1.00 80.00  ? 83  LEU A CG    1 
ATOM   617  C CD1   . LEU A 1 83  ? -0.781  -6.975  7.898   1.00 80.44  ? 83  LEU A CD1   1 
ATOM   618  C CD2   . LEU A 1 83  ? -1.790  -7.151  5.605   1.00 74.84  ? 83  LEU A CD2   1 
ATOM   619  N N     . LEU A 1 84  ? -5.706  -6.053  8.870   1.00 77.05  ? 84  LEU A N     1 
ATOM   620  C CA    . LEU A 1 84  ? -6.656  -4.938  8.967   1.00 79.20  ? 84  LEU A CA    1 
ATOM   621  C C     . LEU A 1 84  ? -6.667  -4.320  10.358  1.00 74.80  ? 84  LEU A C     1 
ATOM   622  O O     . LEU A 1 84  ? -6.825  -3.111  10.521  1.00 67.74  ? 84  LEU A O     1 
ATOM   623  C CB    . LEU A 1 84  ? -8.075  -5.403  8.625   1.00 77.83  ? 84  LEU A CB    1 
ATOM   624  C CG    . LEU A 1 84  ? -9.137  -4.308  8.472   1.00 73.79  ? 84  LEU A CG    1 
ATOM   625  C CD1   . LEU A 1 84  ? -10.326 -4.862  7.655   1.00 74.27  ? 84  LEU A CD1   1 
ATOM   626  C CD2   . LEU A 1 84  ? -9.578  -3.761  9.848   1.00 69.01  ? 84  LEU A CD2   1 
ATOM   627  N N     . LEU A 1 85  ? -6.516  -5.172  11.358  1.00 78.75  ? 85  LEU A N     1 
ATOM   628  C CA    . LEU A 1 85  ? -6.473  -4.716  12.735  1.00 81.21  ? 85  LEU A CA    1 
ATOM   629  C C     . LEU A 1 85  ? -5.115  -4.098  13.023  1.00 73.52  ? 85  LEU A C     1 
ATOM   630  O O     . LEU A 1 85  ? -5.040  -2.958  13.495  1.00 71.27  ? 85  LEU A O     1 
ATOM   631  C CB    . LEU A 1 85  ? -6.818  -5.866  13.700  1.00 82.63  ? 85  LEU A CB    1 
ATOM   632  C CG    . LEU A 1 85  ? -8.332  -6.155  13.748  1.00 82.83  ? 85  LEU A CG    1 
ATOM   633  C CD1   . LEU A 1 85  ? -8.639  -7.328  14.679  1.00 79.64  ? 85  LEU A CD1   1 
ATOM   634  C CD2   . LEU A 1 85  ? -9.125  -4.867  14.151  1.00 82.01  ? 85  LEU A CD2   1 
ATOM   635  N N     . THR A 1 86  ? -4.050  -4.821  12.694  1.00 67.60  ? 86  THR A N     1 
ATOM   636  C CA    . THR A 1 86  ? -2.701  -4.289  12.894  1.00 73.80  ? 86  THR A CA    1 
ATOM   637  C C     . THR A 1 86  ? -2.505  -2.930  12.205  1.00 75.66  ? 86  THR A C     1 
ATOM   638  O O     . THR A 1 86  ? -1.871  -2.014  12.753  1.00 73.42  ? 86  THR A O     1 
ATOM   639  C CB    . THR A 1 86  ? -1.608  -5.262  12.411  1.00 70.03  ? 86  THR A CB    1 
ATOM   640  O OG1   . THR A 1 86  ? -1.846  -6.561  12.969  1.00 73.67  ? 86  THR A OG1   1 
ATOM   641  C CG2   . THR A 1 86  ? -0.236  -4.771  12.858  1.00 62.82  ? 86  THR A CG2   1 
ATOM   642  N N     . LEU A 1 87  ? -3.061  -2.790  11.010  1.00 76.50  ? 87  LEU A N     1 
ATOM   643  C CA    . LEU A 1 87  ? -2.817  -1.581  10.241  1.00 78.02  ? 87  LEU A CA    1 
ATOM   644  C C     . LEU A 1 87  ? -3.638  -0.408  10.773  1.00 78.25  ? 87  LEU A C     1 
ATOM   645  O O     . LEU A 1 87  ? -3.102  0.683   10.940  1.00 84.04  ? 87  LEU A O     1 
ATOM   646  C CB    . LEU A 1 87  ? -3.030  -1.817  8.735   1.00 76.98  ? 87  LEU A CB    1 
ATOM   647  C CG    . LEU A 1 87  ? -1.801  -2.141  7.853   1.00 73.42  ? 87  LEU A CG    1 
ATOM   648  C CD1   . LEU A 1 87  ? -0.699  -2.931  8.544   1.00 68.27  ? 87  LEU A CD1   1 
ATOM   649  C CD2   . LEU A 1 87  ? -2.277  -2.869  6.613   1.00 76.28  ? 87  LEU A CD2   1 
ATOM   650  N N     . ASN A 1 88  ? -4.914  -0.610  11.060  1.00 76.31  ? 88  ASN A N     1 
ATOM   651  C CA    . ASN A 1 88  ? -5.691  0.485   11.622  1.00 84.64  ? 88  ASN A CA    1 
ATOM   652  C C     . ASN A 1 88  ? -4.999  1.064   12.858  1.00 88.79  ? 88  ASN A C     1 
ATOM   653  O O     . ASN A 1 88  ? -4.933  2.301   13.022  1.00 87.80  ? 88  ASN A O     1 
ATOM   654  C CB    . ASN A 1 88  ? -7.110  0.040   11.983  1.00 90.79  ? 88  ASN A CB    1 
ATOM   655  C CG    . ASN A 1 88  ? -8.034  -0.028  10.780  1.00 87.31  ? 88  ASN A CG    1 
ATOM   656  O OD1   . ASN A 1 88  ? -7.862  0.691   9.791   1.00 71.64  ? 88  ASN A OD1   1 
ATOM   657  N ND2   . ASN A 1 88  ? -9.041  -0.896  10.874  1.00 98.00  ? 88  ASN A ND2   1 
ATOM   658  N N     . SER A 1 89  ? -4.474  0.162   13.701  1.00 87.66  ? 89  SER A N     1 
ATOM   659  C CA    . SER A 1 89  ? -3.811  0.532   14.966  1.00 88.56  ? 89  SER A CA    1 
ATOM   660  C C     . SER A 1 89  ? -2.512  1.276   14.720  1.00 88.76  ? 89  SER A C     1 
ATOM   661  O O     . SER A 1 89  ? -2.185  2.237   15.428  1.00 95.63  ? 89  SER A O     1 
ATOM   662  C CB    . SER A 1 89  ? -3.517  -0.702  15.821  1.00 86.43  ? 89  SER A CB    1 
ATOM   663  O OG    . SER A 1 89  ? -2.524  -1.511  15.228  1.00 82.06  ? 89  SER A OG    1 
ATOM   664  N N     . LEU A 1 90  ? -1.775  0.827   13.714  1.00 80.11  ? 90  LEU A N     1 
ATOM   665  C CA    . LEU A 1 90  ? -0.562  1.516   13.315  1.00 79.10  ? 90  LEU A CA    1 
ATOM   666  C C     . LEU A 1 90  ? -0.810  2.876   12.612  1.00 78.71  ? 90  LEU A C     1 
ATOM   667  O O     . LEU A 1 90  ? 0.062   3.728   12.654  1.00 74.35  ? 90  LEU A O     1 
ATOM   668  C CB    . LEU A 1 90  ? 0.298   0.591   12.436  1.00 81.43  ? 90  LEU A CB    1 
ATOM   669  C CG    . LEU A 1 90  ? 1.188   -0.430  13.175  1.00 78.93  ? 90  LEU A CG    1 
ATOM   670  C CD1   . LEU A 1 90  ? 1.548   -1.650  12.307  1.00 74.14  ? 90  LEU A CD1   1 
ATOM   671  C CD2   . LEU A 1 90  ? 2.458   0.248   13.676  1.00 74.65  ? 90  LEU A CD2   1 
ATOM   672  N N     . SER A 1 91  ? -1.981  3.098   12.001  1.00 81.31  ? 91  SER A N     1 
ATOM   673  C CA    . SER A 1 91  ? -2.177  4.276   11.122  1.00 84.58  ? 91  SER A CA    1 
ATOM   674  C C     . SER A 1 91  ? -2.074  5.618   11.846  1.00 82.90  ? 91  SER A C     1 
ATOM   675  O O     . SER A 1 91  ? -2.549  5.747   12.968  1.00 88.75  ? 91  SER A O     1 
ATOM   676  C CB    . SER A 1 91  ? -3.521  4.222   10.363  1.00 86.20  ? 91  SER A CB    1 
ATOM   677  O OG    . SER A 1 91  ? -3.585  5.256   9.365   1.00 88.76  ? 91  SER A OG    1 
ATOM   678  N N     . VAL A 1 92  ? -1.458  6.608   11.189  1.00 79.95  ? 92  VAL A N     1 
ATOM   679  C CA    . VAL A 1 92  ? -1.480  7.995   11.663  1.00 74.82  ? 92  VAL A CA    1 
ATOM   680  C C     . VAL A 1 92  ? -2.892  8.511   11.447  1.00 73.49  ? 92  VAL A C     1 
ATOM   681  O O     . VAL A 1 92  ? -3.457  9.124   12.329  1.00 67.21  ? 92  VAL A O     1 
ATOM   682  C CB    . VAL A 1 92  ? -0.440  8.911   10.926  1.00 75.05  ? 92  VAL A CB    1 
ATOM   683  C CG1   . VAL A 1 92  ? -0.564  10.394  11.367  1.00 64.73  ? 92  VAL A CG1   1 
ATOM   684  C CG2   . VAL A 1 92  ? 0.994   8.386   11.131  1.00 68.73  ? 92  VAL A CG2   1 
ATOM   685  N N     . TYR A 1 93  ? -3.473  8.233   10.281  1.00 80.44  ? 93  TYR A N     1 
ATOM   686  C CA    . TYR A 1 93  ? -4.854  8.659   10.004  1.00 88.25  ? 93  TYR A CA    1 
ATOM   687  C C     . TYR A 1 93  ? -5.861  7.788   10.742  1.00 84.40  ? 93  TYR A C     1 
ATOM   688  O O     . TYR A 1 93  ? -5.618  6.611   10.974  1.00 80.39  ? 93  TYR A O     1 
ATOM   689  C CB    . TYR A 1 93  ? -5.118  8.620   8.499   1.00 93.84  ? 93  TYR A CB    1 
ATOM   690  C CG    . TYR A 1 93  ? -6.502  9.065   8.054   1.00 95.02  ? 93  TYR A CG    1 
ATOM   691  C CD1   . TYR A 1 93  ? -6.721  10.356  7.560   1.00 94.30  ? 93  TYR A CD1   1 
ATOM   692  C CD2   . TYR A 1 93  ? -7.580  8.180   8.080   1.00 97.61  ? 93  TYR A CD2   1 
ATOM   693  C CE1   . TYR A 1 93  ? -7.985  10.756  7.119   1.00 94.18  ? 93  TYR A CE1   1 
ATOM   694  C CE2   . TYR A 1 93  ? -8.848  8.571   7.647   1.00 99.02  ? 93  TYR A CE2   1 
ATOM   695  C CZ    . TYR A 1 93  ? -9.038  9.856   7.167   1.00 94.84  ? 93  TYR A CZ    1 
ATOM   696  O OH    . TYR A 1 93  ? -10.278 10.227  6.733   1.00 86.16  ? 93  TYR A OH    1 
ATOM   697  N N     . LYS A 1 94  ? -7.002  8.369   11.090  1.00 92.92  ? 94  LYS A N     1 
ATOM   698  C CA    . LYS A 1 94  ? -8.037  7.640   11.832  1.00 108.19 ? 94  LYS A CA    1 
ATOM   699  C C     . LYS A 1 94  ? -8.528  6.372   11.099  1.00 106.15 ? 94  LYS A C     1 
ATOM   700  O O     . LYS A 1 94  ? -9.294  6.466   10.132  1.00 101.68 ? 94  LYS A O     1 
ATOM   701  C CB    . LYS A 1 94  ? -9.224  8.576   12.139  1.00 120.23 ? 94  LYS A CB    1 
ATOM   702  C CG    . LYS A 1 94  ? -10.375 7.960   12.972  1.00 124.08 ? 94  LYS A CG    1 
ATOM   703  C CD    . LYS A 1 94  ? -9.921  7.512   14.369  1.00 126.09 ? 94  LYS A CD    1 
ATOM   704  C CE    . LYS A 1 94  ? -11.055 6.852   15.138  1.00 128.52 ? 94  LYS A CE    1 
ATOM   705  N NZ    . LYS A 1 94  ? -10.627 6.527   16.527  1.00 128.55 ? 94  LYS A NZ    1 
ATOM   706  N N     . ASP A 1 95  ? -8.065  5.207   11.575  1.00 103.33 ? 95  ASP A N     1 
ATOM   707  C CA    . ASP A 1 95  ? -8.561  3.867   11.175  1.00 96.59  ? 95  ASP A CA    1 
ATOM   708  C C     . ASP A 1 95  ? -9.135  3.793   9.755   1.00 89.88  ? 95  ASP A C     1 
ATOM   709  O O     . ASP A 1 95  ? -10.349 3.749   9.573   1.00 89.89  ? 95  ASP A O     1 
ATOM   710  C CB    . ASP A 1 95  ? -9.606  3.362   12.188  1.00 99.27  ? 95  ASP A CB    1 
ATOM   711  C CG    . ASP A 1 95  ? -9.033  3.174   13.599  1.00 107.76 ? 95  ASP A CG    1 
ATOM   712  O OD1   . ASP A 1 95  ? -7.787  3.100   13.748  1.00 108.38 ? 95  ASP A OD1   1 
ATOM   713  O OD2   . ASP A 1 95  ? -9.838  3.098   14.562  1.00 107.12 ? 95  ASP A OD2   1 
ATOM   714  N N     . PRO A 1 96  ? -8.260  3.767   8.743   1.00 84.42  ? 96  PRO A N     1 
ATOM   715  C CA    . PRO A 1 96  ? -8.685  3.882   7.348   1.00 84.29  ? 96  PRO A CA    1 
ATOM   716  C C     . PRO A 1 96  ? -8.790  2.591   6.541   1.00 83.53  ? 96  PRO A C     1 
ATOM   717  O O     . PRO A 1 96  ? -9.246  2.642   5.401   1.00 87.64  ? 96  PRO A O     1 
ATOM   718  C CB    . PRO A 1 96  ? -7.567  4.719   6.744   1.00 87.70  ? 96  PRO A CB    1 
ATOM   719  C CG    . PRO A 1 96  ? -6.338  4.263   7.501   1.00 88.80  ? 96  PRO A CG    1 
ATOM   720  C CD    . PRO A 1 96  ? -6.793  3.834   8.872   1.00 85.65  ? 96  PRO A CD    1 
ATOM   721  N N     . ILE A 1 97  ? -8.359  1.461   7.094   1.00 83.07  ? 97  ILE A N     1 
ATOM   722  C CA    . ILE A 1 97  ? -8.244  0.219   6.315   1.00 84.91  ? 97  ILE A CA    1 
ATOM   723  C C     . ILE A 1 97  ? -9.522  -0.622  6.351   1.00 88.25  ? 97  ILE A C     1 
ATOM   724  O O     . ILE A 1 97  ? -10.039 -0.938  7.425   1.00 86.37  ? 97  ILE A O     1 
ATOM   725  C CB    . ILE A 1 97  ? -7.069  -0.662  6.826   1.00 85.25  ? 97  ILE A CB    1 
ATOM   726  C CG1   . ILE A 1 97  ? -5.748  0.111   6.763   1.00 84.46  ? 97  ILE A CG1   1 
ATOM   727  C CG2   . ILE A 1 97  ? -6.962  -1.982  6.034   1.00 81.51  ? 97  ILE A CG2   1 
ATOM   728  C CD1   . ILE A 1 97  ? -5.397  0.622   5.392   1.00 87.76  ? 97  ILE A CD1   1 
ATOM   729  N N     . ARG A 1 98  ? -10.020 -0.987  5.174   1.00 88.05  ? 98  ARG A N     1 
ATOM   730  C CA    . ARG A 1 98  ? -11.140 -1.914  5.053   1.00 89.39  ? 98  ARG A CA    1 
ATOM   731  C C     . ARG A 1 98  ? -10.626 -3.209  4.412   1.00 85.44  ? 98  ARG A C     1 
ATOM   732  O O     . ARG A 1 98  ? -9.520  -3.234  3.860   1.00 74.68  ? 98  ARG A O     1 
ATOM   733  C CB    . ARG A 1 98  ? -12.257 -1.284  4.222   1.00 96.41  ? 98  ARG A CB    1 
ATOM   734  C CG    . ARG A 1 98  ? -12.630 0.145   4.640   1.00 102.66 ? 98  ARG A CG    1 
ATOM   735  C CD    . ARG A 1 98  ? -13.215 0.203   6.053   1.00 113.39 ? 98  ARG A CD    1 
ATOM   736  N NE    . ARG A 1 98  ? -13.472 1.579   6.513   1.00 119.67 ? 98  ARG A NE    1 
ATOM   737  C CZ    . ARG A 1 98  ? -12.709 2.273   7.367   1.00 116.71 ? 98  ARG A CZ    1 
ATOM   738  N NH1   . ARG A 1 98  ? -11.599 1.757   7.886   1.00 114.08 ? 98  ARG A NH1   1 
ATOM   739  N NH2   . ARG A 1 98  ? -13.060 3.507   7.705   1.00 117.68 ? 98  ARG A NH2   1 
ATOM   740  N N     . LYS A 1 99  ? -11.423 -4.278  4.500   1.00 87.73  ? 99  LYS A N     1 
ATOM   741  C CA    . LYS A 1 99  ? -11.007 -5.603  4.021   1.00 86.05  ? 99  LYS A CA    1 
ATOM   742  C C     . LYS A 1 99  ? -10.800 -5.572  2.520   1.00 77.28  ? 99  LYS A C     1 
ATOM   743  O O     . LYS A 1 99  ? -9.822  -6.151  2.022   1.00 66.55  ? 99  LYS A O     1 
ATOM   744  C CB    . LYS A 1 99  ? -12.024 -6.690  4.419   1.00 96.28  ? 99  LYS A CB    1 
ATOM   745  C CG    . LYS A 1 99  ? -11.696 -8.112  3.892   1.00 110.72 ? 99  LYS A CG    1 
ATOM   746  C CD    . LYS A 1 99  ? -12.102 -9.256  4.881   1.00 120.97 ? 99  LYS A CD    1 
ATOM   747  C CE    . LYS A 1 99  ? -11.677 -10.675 4.386   1.00 117.45 ? 99  LYS A CE    1 
ATOM   748  N NZ    . LYS A 1 99  ? -11.242 -11.606 5.498   1.00 104.19 ? 99  LYS A NZ    1 
ATOM   749  N N     . TYR A 1 100 ? -11.701 -4.877  1.818   1.00 73.26  ? 100 TYR A N     1 
ATOM   750  C CA    . TYR A 1 100 ? -11.638 -4.750  0.358   1.00 80.84  ? 100 TYR A CA    1 
ATOM   751  C C     . TYR A 1 100 ? -11.422 -3.319  -0.065  1.00 76.01  ? 100 TYR A C     1 
ATOM   752  O O     . TYR A 1 100 ? -12.331 -2.493  0.014   1.00 81.17  ? 100 TYR A O     1 
ATOM   753  C CB    . TYR A 1 100 ? -12.919 -5.264  -0.297  1.00 90.28  ? 100 TYR A CB    1 
ATOM   754  C CG    . TYR A 1 100 ? -13.262 -6.669  0.113   1.00 100.60 ? 100 TYR A CG    1 
ATOM   755  C CD1   . TYR A 1 100 ? -14.191 -6.901  1.120   1.00 105.77 ? 100 TYR A CD1   1 
ATOM   756  C CD2   . TYR A 1 100 ? -12.640 -7.772  -0.481  1.00 102.03 ? 100 TYR A CD2   1 
ATOM   757  C CE1   . TYR A 1 100 ? -14.513 -8.186  1.515   1.00 110.88 ? 100 TYR A CE1   1 
ATOM   758  C CE2   . TYR A 1 100 ? -12.957 -9.063  -0.086  1.00 105.36 ? 100 TYR A CE2   1 
ATOM   759  C CZ    . TYR A 1 100 ? -13.896 -9.256  0.915   1.00 108.34 ? 100 TYR A CZ    1 
ATOM   760  O OH    . TYR A 1 100 ? -14.233 -10.513 1.336   1.00 119.43 ? 100 TYR A OH    1 
ATOM   761  N N     . MET A 1 101 ? -10.216 -3.035  -0.526  1.00 73.37  ? 101 MET A N     1 
ATOM   762  C CA    . MET A 1 101 ? -9.888  -1.712  -1.029  1.00 77.13  ? 101 MET A CA    1 
ATOM   763  C C     . MET A 1 101 ? -9.148  -1.782  -2.366  1.00 75.03  ? 101 MET A C     1 
ATOM   764  O O     . MET A 1 101 ? -8.735  -2.852  -2.833  1.00 72.94  ? 101 MET A O     1 
ATOM   765  C CB    . MET A 1 101 ? -8.998  -0.956  -0.035  1.00 81.80  ? 101 MET A CB    1 
ATOM   766  C CG    . MET A 1 101 ? -9.449  -0.967  1.416   1.00 88.04  ? 101 MET A CG    1 
ATOM   767  S SD    . MET A 1 101 ? -8.629  0.325   2.405   1.00 95.58  ? 101 MET A SD    1 
ATOM   768  C CE    . MET A 1 101 ? -9.517  1.770   1.771   1.00 89.12  ? 101 MET A CE    1 
ATOM   769  N N     . PHE A 1 102 ? -8.973  -0.615  -2.965  1.00 69.44  ? 102 PHE A N     1 
ATOM   770  C CA    . PHE A 1 102 ? -8.079  -0.457  -4.091  1.00 67.85  ? 102 PHE A CA    1 
ATOM   771  C C     . PHE A 1 102 ? -7.435  0.916   -4.030  1.00 68.24  ? 102 PHE A C     1 
ATOM   772  O O     . PHE A 1 102 ? -7.864  1.782   -3.264  1.00 67.66  ? 102 PHE A O     1 
ATOM   773  C CB    . PHE A 1 102 ? -8.856  -0.572  -5.390  1.00 69.73  ? 102 PHE A CB    1 
ATOM   774  C CG    . PHE A 1 102 ? -9.702  0.643   -5.697  1.00 70.83  ? 102 PHE A CG    1 
ATOM   775  C CD1   . PHE A 1 102 ? -9.236  1.634   -6.567  1.00 68.30  ? 102 PHE A CD1   1 
ATOM   776  C CD2   . PHE A 1 102 ? -10.957 0.802   -5.100  1.00 64.82  ? 102 PHE A CD2   1 
ATOM   777  C CE1   . PHE A 1 102 ? -10.023 2.752   -6.848  1.00 70.17  ? 102 PHE A CE1   1 
ATOM   778  C CE2   . PHE A 1 102 ? -11.734 1.907   -5.379  1.00 63.48  ? 102 PHE A CE2   1 
ATOM   779  C CZ    . PHE A 1 102 ? -11.276 2.888   -6.256  1.00 63.99  ? 102 PHE A CZ    1 
ATOM   780  N N     . LEU A 1 103 ? -6.417  1.125   -4.847  1.00 68.93  ? 103 LEU A N     1 
ATOM   781  C CA    . LEU A 1 103 ? -5.864  2.464   -5.013  1.00 75.69  ? 103 LEU A CA    1 
ATOM   782  C C     . LEU A 1 103 ? -5.536  2.624   -6.478  1.00 78.74  ? 103 LEU A C     1 
ATOM   783  O O     . LEU A 1 103 ? -5.329  1.618   -7.179  1.00 76.85  ? 103 LEU A O     1 
ATOM   784  C CB    . LEU A 1 103 ? -4.631  2.702   -4.110  1.00 74.86  ? 103 LEU A CB    1 
ATOM   785  C CG    . LEU A 1 103 ? -3.360  1.875   -4.383  1.00 74.82  ? 103 LEU A CG    1 
ATOM   786  C CD1   . LEU A 1 103 ? -2.524  2.517   -5.503  1.00 69.63  ? 103 LEU A CD1   1 
ATOM   787  C CD2   . LEU A 1 103 ? -2.508  1.656   -3.118  1.00 64.95  ? 103 LEU A CD2   1 
ATOM   788  N N     . ARG A 1 104 ? -5.505  3.886   -6.925  1.00 81.76  ? 104 ARG A N     1 
ATOM   789  C CA    . ARG A 1 104 ? -5.267  4.227   -8.337  1.00 76.55  ? 104 ARG A CA    1 
ATOM   790  C C     . ARG A 1 104 ? -3.785  4.462   -8.540  1.00 74.89  ? 104 ARG A C     1 
ATOM   791  O O     . ARG A 1 104 ? -3.109  5.016   -7.680  1.00 80.40  ? 104 ARG A O     1 
ATOM   792  C CB    . ARG A 1 104 ? -6.061  5.470   -8.769  1.00 73.07  ? 104 ARG A CB    1 
ATOM   793  C CG    . ARG A 1 104 ? -7.430  5.615   -8.090  1.00 75.72  ? 104 ARG A CG    1 
ATOM   794  C CD    . ARG A 1 104 ? -8.462  6.244   -8.992  1.00 77.83  ? 104 ARG A CD    1 
ATOM   795  N NE    . ARG A 1 104 ? -9.696  6.526   -8.275  1.00 87.34  ? 104 ARG A NE    1 
ATOM   796  C CZ    . ARG A 1 104 ? -10.852 6.842   -8.856  1.00 104.05 ? 104 ARG A CZ    1 
ATOM   797  N NH1   . ARG A 1 104 ? -10.955 6.922   -10.181 1.00 110.72 ? 104 ARG A NH1   1 
ATOM   798  N NH2   . ARG A 1 104 ? -11.921 7.081   -8.106  1.00 109.52 ? 104 ARG A NH2   1 
ATOM   799  N N     . LEU A 1 105 ? -3.274  4.008   -9.670  1.00 73.47  ? 105 LEU A N     1 
ATOM   800  C CA    . LEU A 1 105 ? -1.925  4.338   -10.050 1.00 76.09  ? 105 LEU A CA    1 
ATOM   801  C C     . LEU A 1 105 ? -2.053  5.498   -11.006 1.00 82.05  ? 105 LEU A C     1 
ATOM   802  O O     . LEU A 1 105 ? -3.026  5.573   -11.778 1.00 83.68  ? 105 LEU A O     1 
ATOM   803  C CB    . LEU A 1 105 ? -1.260  3.170   -10.759 1.00 79.58  ? 105 LEU A CB    1 
ATOM   804  C CG    . LEU A 1 105 ? -1.069  1.902   -9.932  1.00 84.39  ? 105 LEU A CG    1 
ATOM   805  C CD1   . LEU A 1 105 ? -0.460  0.818   -10.831 1.00 77.60  ? 105 LEU A CD1   1 
ATOM   806  C CD2   . LEU A 1 105 ? -0.229  2.177   -8.659  1.00 76.55  ? 105 LEU A CD2   1 
ATOM   807  N N     . ASN A 1 106 ? -1.093  6.416   -10.930 1.00 82.81  ? 106 ASN A N     1 
ATOM   808  C CA    . ASN A 1 106 ? -1.033  7.540   -11.852 1.00 82.41  ? 106 ASN A CA    1 
ATOM   809  C C     . ASN A 1 106 ? -0.515  7.067   -13.212 1.00 78.76  ? 106 ASN A C     1 
ATOM   810  O O     . ASN A 1 106 ? 0.192   6.062   -13.313 1.00 64.61  ? 106 ASN A O     1 
ATOM   811  C CB    . ASN A 1 106 ? -0.126  8.645   -11.293 1.00 87.34  ? 106 ASN A CB    1 
ATOM   812  C CG    . ASN A 1 106 ? 1.325   8.174   -11.101 1.00 90.61  ? 106 ASN A CG    1 
ATOM   813  O OD1   . ASN A 1 106 ? 1.644   7.008   -11.351 1.00 82.12  ? 106 ASN A OD1   1 
ATOM   814  N ND2   . ASN A 1 106 ? 2.199   9.078   -10.647 1.00 90.25  ? 106 ASN A ND2   1 
ATOM   815  N N     . LYS A 1 107 ? -0.856  7.822   -14.245 1.00 80.01  ? 107 LYS A N     1 
ATOM   816  C CA    . LYS A 1 107 ? -0.444  7.522   -15.606 1.00 85.90  ? 107 LYS A CA    1 
ATOM   817  C C     . LYS A 1 107 ? 0.996   6.959   -15.669 1.00 85.68  ? 107 LYS A C     1 
ATOM   818  O O     . LYS A 1 107 ? 1.269   5.977   -16.380 1.00 81.34  ? 107 LYS A O     1 
ATOM   819  C CB    . LYS A 1 107 ? -0.572  8.786   -16.481 1.00 95.19  ? 107 LYS A CB    1 
ATOM   820  C CG    . LYS A 1 107 ? -2.001  9.408   -16.595 1.00 99.62  ? 107 LYS A CG    1 
ATOM   821  C CD    . LYS A 1 107 ? -2.896  8.726   -17.663 1.00 102.39 ? 107 LYS A CD    1 
ATOM   822  C CE    . LYS A 1 107 ? -4.227  9.491   -17.864 1.00 103.23 ? 107 LYS A CE    1 
ATOM   823  N NZ    . LYS A 1 107 ? -4.978  9.119   -19.104 1.00 92.76  ? 107 LYS A NZ    1 
ATOM   824  N N     . GLU A 1 108 ? 1.909   7.577   -14.923 1.00 88.05  ? 108 GLU A N     1 
ATOM   825  C CA    . GLU A 1 108 ? 3.302   7.120   -14.893 1.00 97.94  ? 108 GLU A CA    1 
ATOM   826  C C     . GLU A 1 108 ? 3.432   5.670   -14.353 1.00 94.19  ? 108 GLU A C     1 
ATOM   827  O O     . GLU A 1 108 ? 3.973   4.791   -15.046 1.00 87.75  ? 108 GLU A O     1 
ATOM   828  C CB    . GLU A 1 108 ? 4.174   8.123   -14.100 1.00 104.56 ? 108 GLU A CB    1 
ATOM   829  C CG    . GLU A 1 108 ? 5.665   7.730   -13.919 1.00 109.15 ? 108 GLU A CG    1 
ATOM   830  C CD    . GLU A 1 108 ? 6.478   7.592   -15.230 1.00 113.72 ? 108 GLU A CD    1 
ATOM   831  O OE1   . GLU A 1 108 ? 5.969   7.906   -16.336 1.00 109.95 ? 108 GLU A OE1   1 
ATOM   832  O OE2   . GLU A 1 108 ? 7.652   7.161   -15.142 1.00 107.91 ? 108 GLU A OE2   1 
ATOM   833  N N     . GLN A 1 109 ? 2.927   5.428   -13.136 1.00 87.65  ? 109 GLN A N     1 
ATOM   834  C CA    . GLN A 1 109 ? 2.924   4.084   -12.528 1.00 80.61  ? 109 GLN A CA    1 
ATOM   835  C C     . GLN A 1 109 ? 2.164   3.102   -13.421 1.00 77.24  ? 109 GLN A C     1 
ATOM   836  O O     . GLN A 1 109 ? 2.714   2.078   -13.819 1.00 64.60  ? 109 GLN A O     1 
ATOM   837  C CB    . GLN A 1 109 ? 2.292   4.107   -11.121 1.00 78.64  ? 109 GLN A CB    1 
ATOM   838  C CG    . GLN A 1 109 ? 3.177   4.720   -10.027 1.00 78.84  ? 109 GLN A CG    1 
ATOM   839  C CD    . GLN A 1 109 ? 2.410   5.260   -8.799  1.00 80.29  ? 109 GLN A CD    1 
ATOM   840  O OE1   . GLN A 1 109 ? 1.166   5.297   -8.760  1.00 68.67  ? 109 GLN A OE1   1 
ATOM   841  N NE2   . GLN A 1 109 ? 3.176   5.692   -7.787  1.00 86.63  ? 109 GLN A NE2   1 
ATOM   842  N N     . SER A 1 110 ? 0.911   3.451   -13.743 1.00 77.94  ? 110 SER A N     1 
ATOM   843  C CA    . SER A 1 110 ? 0.015   2.642   -14.595 1.00 78.52  ? 110 SER A CA    1 
ATOM   844  C C     . SER A 1 110 ? 0.736   1.931   -15.723 1.00 82.09  ? 110 SER A C     1 
ATOM   845  O O     . SER A 1 110 ? 0.513   0.749   -15.972 1.00 76.78  ? 110 SER A O     1 
ATOM   846  C CB    . SER A 1 110 ? -1.059  3.523   -15.252 1.00 76.20  ? 110 SER A CB    1 
ATOM   847  O OG    . SER A 1 110 ? -2.017  3.987   -14.327 1.00 73.51  ? 110 SER A OG    1 
ATOM   848  N N     . LYS A 1 111 ? 1.583   2.679   -16.418 1.00 92.25  ? 111 LYS A N     1 
ATOM   849  C CA    . LYS A 1 111 ? 2.178   2.183   -17.635 1.00 99.52  ? 111 LYS A CA    1 
ATOM   850  C C     . LYS A 1 111 ? 3.186   1.076   -17.363 1.00 89.33  ? 111 LYS A C     1 
ATOM   851  O O     . LYS A 1 111 ? 3.336   0.173   -18.184 1.00 84.84  ? 111 LYS A O     1 
ATOM   852  C CB    . LYS A 1 111 ? 2.806   3.319   -18.436 1.00 115.70 ? 111 LYS A CB    1 
ATOM   853  C CG    . LYS A 1 111 ? 2.733   3.076   -19.948 1.00 131.41 ? 111 LYS A CG    1 
ATOM   854  C CD    . LYS A 1 111 ? 3.683   3.975   -20.723 1.00 139.32 ? 111 LYS A CD    1 
ATOM   855  C CE    . LYS A 1 111 ? 5.143   3.734   -20.338 1.00 134.70 ? 111 LYS A CE    1 
ATOM   856  N NZ    . LYS A 1 111 ? 6.082   4.678   -21.010 1.00 133.31 ? 111 LYS A NZ    1 
ATOM   857  N N     . HIS A 1 112 ? 3.857   1.120   -16.213 1.00 86.46  ? 112 HIS A N     1 
ATOM   858  C CA    . HIS A 1 112 ? 4.749   0.011   -15.825 1.00 88.70  ? 112 HIS A CA    1 
ATOM   859  C C     . HIS A 1 112 ? 3.968   -1.280  -15.634 1.00 82.30  ? 112 HIS A C     1 
ATOM   860  O O     . HIS A 1 112 ? 4.398   -2.336  -16.092 1.00 82.08  ? 112 HIS A O     1 
ATOM   861  C CB    . HIS A 1 112 ? 5.503   0.307   -14.533 1.00 95.09  ? 112 HIS A CB    1 
ATOM   862  C CG    . HIS A 1 112 ? 6.547   1.363   -14.673 1.00 103.06 ? 112 HIS A CG    1 
ATOM   863  N ND1   . HIS A 1 112 ? 7.776   1.113   -15.238 1.00 103.41 ? 112 HIS A ND1   1 
ATOM   864  C CD2   . HIS A 1 112 ? 6.549   2.671   -14.315 1.00 109.65 ? 112 HIS A CD2   1 
ATOM   865  C CE1   . HIS A 1 112 ? 8.492   2.224   -15.224 1.00 110.46 ? 112 HIS A CE1   1 
ATOM   866  N NE2   . HIS A 1 112 ? 7.771   3.184   -14.673 1.00 105.79 ? 112 HIS A NE2   1 
ATOM   867  N N     . ALA A 1 113 ? 2.839   -1.193  -14.928 1.00 73.02  ? 113 ALA A N     1 
ATOM   868  C CA    . ALA A 1 113 ? 1.929   -2.323  -14.784 1.00 72.64  ? 113 ALA A CA    1 
ATOM   869  C C     . ALA A 1 113 ? 1.538   -2.863  -16.183 1.00 73.56  ? 113 ALA A C     1 
ATOM   870  O O     . ALA A 1 113 ? 1.752   -4.041  -16.499 1.00 77.49  ? 113 ALA A O     1 
ATOM   871  C CB    . ALA A 1 113 ? 0.679   -1.913  -13.967 1.00 63.27  ? 113 ALA A CB    1 
ATOM   872  N N     . ILE A 1 114 ? 1.010   -1.980  -17.025 1.00 68.43  ? 114 ILE A N     1 
ATOM   873  C CA    . ILE A 1 114 ? 0.542   -2.344  -18.360 1.00 65.54  ? 114 ILE A CA    1 
ATOM   874  C C     . ILE A 1 114 ? 1.625   -3.055  -19.191 1.00 68.78  ? 114 ILE A C     1 
ATOM   875  O O     . ILE A 1 114 ? 1.358   -4.056  -19.874 1.00 69.19  ? 114 ILE A O     1 
ATOM   876  C CB    . ILE A 1 114 ? 0.078   -1.093  -19.135 1.00 63.15  ? 114 ILE A CB    1 
ATOM   877  C CG1   . ILE A 1 114 ? -1.168  -0.482  -18.488 1.00 61.79  ? 114 ILE A CG1   1 
ATOM   878  C CG2   . ILE A 1 114 ? -0.188  -1.429  -20.608 1.00 61.13  ? 114 ILE A CG2   1 
ATOM   879  C CD1   . ILE A 1 114 ? -1.383  0.984   -18.882 1.00 63.11  ? 114 ILE A CD1   1 
ATOM   880  N N     . ASN A 1 115 ? 2.847   -2.544  -19.151 1.00 68.14  ? 115 ASN A N     1 
ATOM   881  C CA    . ASN A 1 115 ? 3.891   -3.150  -19.955 1.00 72.72  ? 115 ASN A CA    1 
ATOM   882  C C     . ASN A 1 115 ? 4.137   -4.593  -19.501 1.00 71.34  ? 115 ASN A C     1 
ATOM   883  O O     . ASN A 1 115 ? 4.009   -5.512  -20.304 1.00 74.40  ? 115 ASN A O     1 
ATOM   884  C CB    . ASN A 1 115 ? 5.162   -2.290  -19.950 1.00 77.59  ? 115 ASN A CB    1 
ATOM   885  C CG    . ASN A 1 115 ? 5.050   -1.066  -20.871 1.00 83.12  ? 115 ASN A CG    1 
ATOM   886  O OD1   . ASN A 1 115 ? 4.346   -1.072  -21.902 1.00 83.07  ? 115 ASN A OD1   1 
ATOM   887  N ND2   . ASN A 1 115 ? 5.755   -0.008  -20.500 1.00 88.40  ? 115 ASN A ND2   1 
ATOM   888  N N     . ALA A 1 116 ? 4.409   -4.794  -18.212 1.00 71.08  ? 116 ALA A N     1 
ATOM   889  C CA    . ALA A 1 116 ? 4.544   -6.146  -17.634 1.00 72.69  ? 116 ALA A CA    1 
ATOM   890  C C     . ALA A 1 116 ? 3.211   -6.955  -17.605 1.00 72.83  ? 116 ALA A C     1 
ATOM   891  O O     . ALA A 1 116 ? 3.140   -8.081  -17.056 1.00 63.25  ? 116 ALA A O     1 
ATOM   892  C CB    . ALA A 1 116 ? 5.144   -6.057  -16.230 1.00 75.04  ? 116 ALA A CB    1 
ATOM   893  N N     . ALA A 1 117 ? 2.166   -6.369  -18.195 1.00 72.09  ? 117 ALA A N     1 
ATOM   894  C CA    . ALA A 1 117 ? 0.888   -7.043  -18.428 1.00 69.36  ? 117 ALA A CA    1 
ATOM   895  C C     . ALA A 1 117 ? 0.184   -7.423  -17.127 1.00 68.81  ? 117 ALA A C     1 
ATOM   896  O O     . ALA A 1 117 ? -0.571  -8.375  -17.104 1.00 71.35  ? 117 ALA A O     1 
ATOM   897  C CB    . ALA A 1 117 ? 1.096   -8.266  -19.307 1.00 61.51  ? 117 ALA A CB    1 
ATOM   898  N N     . PHE A 1 118 ? 0.440   -6.677  -16.051 1.00 65.87  ? 118 PHE A N     1 
ATOM   899  C CA    . PHE A 1 118 ? -0.222  -6.880  -14.767 1.00 65.27  ? 118 PHE A CA    1 
ATOM   900  C C     . PHE A 1 118 ? 0.263   -8.095  -13.954 1.00 67.52  ? 118 PHE A C     1 
ATOM   901  O O     . PHE A 1 118 ? -0.205  -8.319  -12.836 1.00 72.24  ? 118 PHE A O     1 
ATOM   902  C CB    . PHE A 1 118 ? -1.741  -6.996  -14.951 1.00 65.73  ? 118 PHE A CB    1 
ATOM   903  C CG    . PHE A 1 118 ? -2.321  -6.048  -15.977 1.00 65.93  ? 118 PHE A CG    1 
ATOM   904  C CD1   . PHE A 1 118 ? -2.113  -4.692  -15.889 1.00 67.28  ? 118 PHE A CD1   1 
ATOM   905  C CD2   . PHE A 1 118 ? -3.107  -6.527  -17.011 1.00 66.98  ? 118 PHE A CD2   1 
ATOM   906  C CE1   . PHE A 1 118 ? -2.667  -3.832  -16.832 1.00 72.29  ? 118 PHE A CE1   1 
ATOM   907  C CE2   . PHE A 1 118 ? -3.661  -5.677  -17.951 1.00 68.83  ? 118 PHE A CE2   1 
ATOM   908  C CZ    . PHE A 1 118 ? -3.443  -4.332  -17.867 1.00 70.10  ? 118 PHE A CZ    1 
ATOM   909  N N     . ASN A 1 119 ? 1.209   -8.864  -14.476 1.00 67.58  ? 119 ASN A N     1 
ATOM   910  C CA    . ASN A 1 119 ? 1.573   -10.137 -13.835 1.00 72.98  ? 119 ASN A CA    1 
ATOM   911  C C     . ASN A 1 119 ? 2.490   -9.994  -12.591 1.00 70.58  ? 119 ASN A C     1 
ATOM   912  O O     . ASN A 1 119 ? 3.728   -9.993  -12.716 1.00 55.64  ? 119 ASN A O     1 
ATOM   913  C CB    . ASN A 1 119 ? 2.190   -11.090 -14.887 1.00 79.87  ? 119 ASN A CB    1 
ATOM   914  C CG    . ASN A 1 119 ? 2.516   -12.489 -14.324 1.00 82.27  ? 119 ASN A CG    1 
ATOM   915  O OD1   . ASN A 1 119 ? 1.814   -13.005 -13.457 1.00 81.85  ? 119 ASN A OD1   1 
ATOM   916  N ND2   . ASN A 1 119 ? 3.598   -13.092 -14.818 1.00 81.87  ? 119 ASN A ND2   1 
ATOM   917  N N     . VAL A 1 120 ? 1.879   -9.900  -11.396 1.00 78.36  ? 120 VAL A N     1 
ATOM   918  C CA    . VAL A 1 120 ? 2.643   -9.776  -10.114 1.00 83.03  ? 120 VAL A CA    1 
ATOM   919  C C     . VAL A 1 120 ? 3.483   -11.014 -9.817  1.00 76.47  ? 120 VAL A C     1 
ATOM   920  O O     . VAL A 1 120 ? 2.944   -12.100 -9.671  1.00 82.11  ? 120 VAL A O     1 
ATOM   921  C CB    . VAL A 1 120 ? 1.760   -9.473  -8.827  1.00 83.67  ? 120 VAL A CB    1 
ATOM   922  C CG1   . VAL A 1 120 ? 1.025   -8.133  -8.952  1.00 82.70  ? 120 VAL A CG1   1 
ATOM   923  C CG2   . VAL A 1 120 ? 0.767   -10.628 -8.508  1.00 93.68  ? 120 VAL A CG2   1 
ATOM   924  N N     . PHE A 1 121 ? 4.796   -10.838 -9.751  1.00 75.19  ? 121 PHE A N     1 
ATOM   925  C CA    . PHE A 1 121 ? 5.688   -11.869 -9.253  1.00 79.27  ? 121 PHE A CA    1 
ATOM   926  C C     . PHE A 1 121 ? 5.607   -11.885 -7.728  1.00 84.26  ? 121 PHE A C     1 
ATOM   927  O O     . PHE A 1 121 ? 5.115   -12.856 -7.147  1.00 85.90  ? 121 PHE A O     1 
ATOM   928  C CB    . PHE A 1 121 ? 7.116   -11.591 -9.704  1.00 83.66  ? 121 PHE A CB    1 
ATOM   929  C CG    . PHE A 1 121 ? 8.084   -12.698 -9.401  1.00 88.82  ? 121 PHE A CG    1 
ATOM   930  C CD1   . PHE A 1 121 ? 8.772   -13.321 -10.439 1.00 100.40 ? 121 PHE A CD1   1 
ATOM   931  C CD2   . PHE A 1 121 ? 8.339   -13.096 -8.092  1.00 89.23  ? 121 PHE A CD2   1 
ATOM   932  C CE1   . PHE A 1 121 ? 9.686   -14.324 -10.180 1.00 104.87 ? 121 PHE A CE1   1 
ATOM   933  C CE2   . PHE A 1 121 ? 9.239   -14.102 -7.817  1.00 91.97  ? 121 PHE A CE2   1 
ATOM   934  C CZ    . PHE A 1 121 ? 9.918   -14.721 -8.860  1.00 102.04 ? 121 PHE A CZ    1 
ATOM   935  N N     . SER A 1 122 ? 6.086   -10.814 -7.087  1.00 87.30  ? 122 SER A N     1 
ATOM   936  C CA    . SER A 1 122 ? 6.123   -10.716 -5.624  1.00 85.77  ? 122 SER A CA    1 
ATOM   937  C C     . SER A 1 122 ? 5.649   -9.357  -5.139  1.00 86.71  ? 122 SER A C     1 
ATOM   938  O O     . SER A 1 122 ? 5.543   -8.406  -5.918  1.00 87.70  ? 122 SER A O     1 
ATOM   939  C CB    . SER A 1 122 ? 7.550   -10.917 -5.131  1.00 88.83  ? 122 SER A CB    1 
ATOM   940  O OG    . SER A 1 122 ? 8.390   -9.862  -5.572  1.00 86.94  ? 122 SER A OG    1 
ATOM   941  N N     . TYR A 1 123 ? 5.394   -9.260  -3.839  1.00 86.70  ? 123 TYR A N     1 
ATOM   942  C CA    . TYR A 1 123 ? 5.113   -7.961  -3.223  1.00 86.79  ? 123 TYR A CA    1 
ATOM   943  C C     . TYR A 1 123 ? 5.321   -7.975  -1.719  1.00 81.79  ? 123 TYR A C     1 
ATOM   944  O O     . TYR A 1 123 ? 5.239   -9.026  -1.096  1.00 91.43  ? 123 TYR A O     1 
ATOM   945  C CB    . TYR A 1 123 ? 3.691   -7.525  -3.534  1.00 87.63  ? 123 TYR A CB    1 
ATOM   946  C CG    . TYR A 1 123 ? 2.646   -8.523  -3.122  1.00 89.10  ? 123 TYR A CG    1 
ATOM   947  C CD1   . TYR A 1 123 ? 2.106   -8.497  -1.839  1.00 90.10  ? 123 TYR A CD1   1 
ATOM   948  C CD2   . TYR A 1 123 ? 2.184   -9.489  -4.014  1.00 91.75  ? 123 TYR A CD2   1 
ATOM   949  C CE1   . TYR A 1 123 ? 1.130   -9.409  -1.443  1.00 92.27  ? 123 TYR A CE1   1 
ATOM   950  C CE2   . TYR A 1 123 ? 1.197   -10.411 -3.628  1.00 95.00  ? 123 TYR A CE2   1 
ATOM   951  C CZ    . TYR A 1 123 ? 0.680   -10.359 -2.336  1.00 91.76  ? 123 TYR A CZ    1 
ATOM   952  O OH    . TYR A 1 123 ? -0.285  -11.247 -1.925  1.00 86.77  ? 123 TYR A OH    1 
ATOM   953  N N     . ARG A 1 124 ? 5.593   -6.810  -1.143  1.00 76.94  ? 124 ARG A N     1 
ATOM   954  C CA    . ARG A 1 124 ? 5.842   -6.708  0.299   1.00 86.71  ? 124 ARG A CA    1 
ATOM   955  C C     . ARG A 1 124 ? 5.666   -5.294  0.797   1.00 85.90  ? 124 ARG A C     1 
ATOM   956  O O     . ARG A 1 124 ? 5.707   -4.349  0.007   1.00 78.31  ? 124 ARG A O     1 
ATOM   957  C CB    . ARG A 1 124 ? 7.250   -7.197  0.698   1.00 89.96  ? 124 ARG A CB    1 
ATOM   958  C CG    . ARG A 1 124 ? 8.386   -6.804  -0.253  1.00 88.91  ? 124 ARG A CG    1 
ATOM   959  C CD    . ARG A 1 124 ? 8.879   -8.009  -1.120  1.00 94.16  ? 124 ARG A CD    1 
ATOM   960  N NE    . ARG A 1 124 ? 9.012   -7.668  -2.540  1.00 97.01  ? 124 ARG A NE    1 
ATOM   961  C CZ    . ARG A 1 124 ? 9.881   -6.782  -3.037  1.00 103.60 ? 124 ARG A CZ    1 
ATOM   962  N NH1   . ARG A 1 124 ? 9.902   -6.535  -4.345  1.00 100.70 ? 124 ARG A NH1   1 
ATOM   963  N NH2   . ARG A 1 124 ? 10.731  -6.125  -2.244  1.00 103.77 ? 124 ARG A NH2   1 
ATOM   964  N N     . LEU A 1 125 ? 5.482   -5.176  2.118   1.00 85.27  ? 125 LEU A N     1 
ATOM   965  C CA    . LEU A 1 125 ? 5.351   -3.893  2.802   1.00 80.48  ? 125 LEU A CA    1 
ATOM   966  C C     . LEU A 1 125 ? 6.608   -3.623  3.599   1.00 80.06  ? 125 LEU A C     1 
ATOM   967  O O     . LEU A 1 125 ? 6.916   -4.372  4.521   1.00 84.06  ? 125 LEU A O     1 
ATOM   968  C CB    . LEU A 1 125 ? 4.132   -3.893  3.713   1.00 78.58  ? 125 LEU A CB    1 
ATOM   969  C CG    . LEU A 1 125 ? 2.861   -3.970  2.859   1.00 84.37  ? 125 LEU A CG    1 
ATOM   970  C CD1   . LEU A 1 125 ? 1.697   -4.536  3.673   1.00 85.66  ? 125 LEU A CD1   1 
ATOM   971  C CD2   . LEU A 1 125 ? 2.521   -2.596  2.217   1.00 80.84  ? 125 LEU A CD2   1 
ATOM   972  N N     . ARG A 1 126 ? 7.336   -2.573  3.212   1.00 78.98  ? 126 ARG A N     1 
ATOM   973  C CA    . ARG A 1 126 ? 8.573   -2.176  3.860   1.00 80.48  ? 126 ARG A CA    1 
ATOM   974  C C     . ARG A 1 126 ? 8.341   -0.922  4.679   1.00 78.75  ? 126 ARG A C     1 
ATOM   975  O O     . ARG A 1 126 ? 7.606   -0.019  4.252   1.00 72.56  ? 126 ARG A O     1 
ATOM   976  C CB    . ARG A 1 126 ? 9.673   -1.900  2.824   1.00 90.12  ? 126 ARG A CB    1 
ATOM   977  C CG    . ARG A 1 126 ? 11.067  -1.658  3.445   1.00 102.04 ? 126 ARG A CG    1 
ATOM   978  C CD    . ARG A 1 126 ? 12.158  -1.374  2.406   1.00 111.66 ? 126 ARG A CD    1 
ATOM   979  N NE    . ARG A 1 126 ? 12.312  -2.468  1.441   1.00 120.79 ? 126 ARG A NE    1 
ATOM   980  C CZ    . ARG A 1 126 ? 13.029  -3.579  1.627   1.00 124.67 ? 126 ARG A CZ    1 
ATOM   981  N NH1   . ARG A 1 126 ? 13.696  -3.795  2.761   1.00 129.78 ? 126 ARG A NH1   1 
ATOM   982  N NH2   . ARG A 1 126 ? 13.073  -4.489  0.658   1.00 124.20 ? 126 ARG A NH2   1 
ATOM   983  N N     . ASN A 1 127 ? 8.979   -0.878  5.850   1.00 77.61  ? 127 ASN A N     1 
ATOM   984  C CA    . ASN A 1 127 ? 9.051   0.341   6.649   1.00 77.31  ? 127 ASN A CA    1 
ATOM   985  C C     . ASN A 1 127 ? 10.071  1.326   6.089   1.00 74.36  ? 127 ASN A C     1 
ATOM   986  O O     . ASN A 1 127 ? 11.225  0.966   5.820   1.00 72.50  ? 127 ASN A O     1 
ATOM   987  C CB    . ASN A 1 127 ? 9.388   0.005   8.088   1.00 76.97  ? 127 ASN A CB    1 
ATOM   988  C CG    . ASN A 1 127 ? 8.295   -0.768  8.749   1.00 82.32  ? 127 ASN A CG    1 
ATOM   989  O OD1   . ASN A 1 127 ? 7.214   -0.238  9.018   1.00 91.00  ? 127 ASN A OD1   1 
ATOM   990  N ND2   . ASN A 1 127 ? 8.550   -2.038  8.998   1.00 84.79  ? 127 ASN A ND2   1 
ATOM   991  N N     . ILE A 1 128 ? 9.631   2.565   5.891   1.00 69.82  ? 128 ILE A N     1 
ATOM   992  C CA    . ILE A 1 128 ? 10.522  3.603   5.413   1.00 67.24  ? 128 ILE A CA    1 
ATOM   993  C C     . ILE A 1 128 ? 10.553  4.682   6.445   1.00 69.51  ? 128 ILE A C     1 
ATOM   994  O O     . ILE A 1 128 ? 9.515   5.256   6.811   1.00 62.86  ? 128 ILE A O     1 
ATOM   995  C CB    . ILE A 1 128 ? 10.109  4.201   4.057   1.00 61.50  ? 128 ILE A CB    1 
ATOM   996  C CG1   . ILE A 1 128 ? 9.896   3.086   3.024   1.00 62.65  ? 128 ILE A CG1   1 
ATOM   997  C CG2   . ILE A 1 128 ? 11.180  5.157   3.561   1.00 53.17  ? 128 ILE A CG2   1 
ATOM   998  C CD1   . ILE A 1 128 ? 11.091  2.143   2.838   1.00 59.37  ? 128 ILE A CD1   1 
ATOM   999  N N     . GLY A 1 129 ? 11.768  4.934   6.913   1.00 75.13  ? 129 GLY A N     1 
ATOM   1000 C CA    . GLY A 1 129 ? 12.045  6.026   7.826   1.00 82.99  ? 129 GLY A CA    1 
ATOM   1001 C C     . GLY A 1 129 ? 11.584  7.422   7.434   1.00 83.75  ? 129 GLY A C     1 
ATOM   1002 O O     . GLY A 1 129 ? 11.243  7.727   6.264   1.00 80.11  ? 129 GLY A O     1 
ATOM   1003 N N     . VAL A 1 130 ? 11.566  8.262   8.460   1.00 82.58  ? 130 VAL A N     1 
ATOM   1004 C CA    . VAL A 1 130 ? 11.287  9.668   8.303   1.00 81.35  ? 130 VAL A CA    1 
ATOM   1005 C C     . VAL A 1 130 ? 12.650  10.361  8.140   1.00 77.74  ? 130 VAL A C     1 
ATOM   1006 O O     . VAL A 1 130 ? 13.691  9.724   8.294   1.00 71.66  ? 130 VAL A O     1 
ATOM   1007 C CB    . VAL A 1 130 ? 10.450  10.173  9.493   1.00 82.97  ? 130 VAL A CB    1 
ATOM   1008 C CG1   . VAL A 1 130 ? 11.208  9.979   10.822  1.00 89.41  ? 130 VAL A CG1   1 
ATOM   1009 C CG2   . VAL A 1 130 ? 10.013  11.603  9.269   1.00 78.80  ? 130 VAL A CG2   1 
ATOM   1010 N N     . GLY A 1 131 ? 12.640  11.635  7.760   1.00 79.67  ? 131 GLY A N     1 
ATOM   1011 C CA    . GLY A 1 131 ? 13.865  12.396  7.512   1.00 77.64  ? 131 GLY A CA    1 
ATOM   1012 C C     . GLY A 1 131 ? 14.078  13.480  8.563   1.00 81.20  ? 131 GLY A C     1 
ATOM   1013 O O     . GLY A 1 131 ? 13.267  13.623  9.493   1.00 79.06  ? 131 GLY A O     1 
ATOM   1014 N N     . PRO A 1 132 ? 15.141  14.293  8.392   1.00 82.25  ? 132 PRO A N     1 
ATOM   1015 C CA    . PRO A 1 132 ? 15.611  15.238  9.419   1.00 82.07  ? 132 PRO A CA    1 
ATOM   1016 C C     . PRO A 1 132 ? 14.527  16.181  9.974   1.00 79.89  ? 132 PRO A C     1 
ATOM   1017 O O     . PRO A 1 132 ? 14.377  16.296  11.194  1.00 100.87 ? 132 PRO A O     1 
ATOM   1018 C CB    . PRO A 1 132 ? 16.713  16.027  8.697   1.00 79.50  ? 132 PRO A CB    1 
ATOM   1019 C CG    . PRO A 1 132 ? 16.391  15.897  7.245   1.00 82.44  ? 132 PRO A CG    1 
ATOM   1020 C CD    . PRO A 1 132 ? 15.797  14.535  7.091   1.00 84.33  ? 132 PRO A CD    1 
ATOM   1021 N N     . LEU A 1 133 ? 13.771  16.830  9.103   1.00 70.10  ? 133 LEU A N     1 
ATOM   1022 C CA    . LEU A 1 133 ? 12.749  17.763  9.553   1.00 76.82  ? 133 LEU A CA    1 
ATOM   1023 C C     . LEU A 1 133 ? 11.420  17.096  9.972   1.00 79.03  ? 133 LEU A C     1 
ATOM   1024 O O     . LEU A 1 133 ? 10.530  17.781  10.486  1.00 82.71  ? 133 LEU A O     1 
ATOM   1025 C CB    . LEU A 1 133 ? 12.486  18.836  8.483   1.00 79.30  ? 133 LEU A CB    1 
ATOM   1026 C CG    . LEU A 1 133 ? 13.399  20.067  8.478   1.00 79.63  ? 133 LEU A CG    1 
ATOM   1027 C CD1   . LEU A 1 133 ? 14.870  19.695  8.249   1.00 79.11  ? 133 LEU A CD1   1 
ATOM   1028 C CD2   . LEU A 1 133 ? 12.904  21.040  7.407   1.00 81.74  ? 133 LEU A CD2   1 
ATOM   1029 N N     . GLY A 1 134 ? 11.284  15.785  9.768   1.00 75.48  ? 134 GLY A N     1 
ATOM   1030 C CA    . GLY A 1 134 ? 10.031  15.068  10.084  1.00 82.61  ? 134 GLY A CA    1 
ATOM   1031 C C     . GLY A 1 134 ? 9.327   15.407  11.407  1.00 89.02  ? 134 GLY A C     1 
ATOM   1032 O O     . GLY A 1 134 ? 8.128   15.755  11.408  1.00 81.67  ? 134 GLY A O     1 
ATOM   1033 N N     . PRO A 1 135 ? 10.044  15.258  12.550  1.00 95.13  ? 135 PRO A N     1 
ATOM   1034 C CA    . PRO A 1 135 ? 9.588   15.859  13.792  1.00 88.81  ? 135 PRO A CA    1 
ATOM   1035 C C     . PRO A 1 135 ? 8.884   17.207  13.552  1.00 85.34  ? 135 PRO A C     1 
ATOM   1036 O O     . PRO A 1 135 ? 7.670   17.328  13.787  1.00 76.15  ? 135 PRO A O     1 
ATOM   1037 C CB    . PRO A 1 135 ? 10.906  16.047  14.586  1.00 94.87  ? 135 PRO A CB    1 
ATOM   1038 C CG    . PRO A 1 135 ? 12.023  15.359  13.744  1.00 97.58  ? 135 PRO A CG    1 
ATOM   1039 C CD    . PRO A 1 135 ? 11.274  14.475  12.785  1.00 97.18  ? 135 PRO A CD    1 
ATOM   1040 N N     . ASP A 1 136 ? 9.638   18.184  13.040  1.00 82.41  ? 136 ASP A N     1 
ATOM   1041 C CA    . ASP A 1 136 ? 9.143   19.557  12.915  1.00 82.66  ? 136 ASP A CA    1 
ATOM   1042 C C     . ASP A 1 136 ? 8.016   19.683  11.872  1.00 82.38  ? 136 ASP A C     1 
ATOM   1043 O O     . ASP A 1 136 ? 7.086   20.500  12.020  1.00 76.07  ? 136 ASP A O     1 
ATOM   1044 C CB    . ASP A 1 136 ? 10.302  20.508  12.600  1.00 80.80  ? 136 ASP A CB    1 
ATOM   1045 C CG    . ASP A 1 136 ? 9.851   21.958  12.476  1.00 82.92  ? 136 ASP A CG    1 
ATOM   1046 O OD1   . ASP A 1 136 ? 9.042   22.423  13.299  1.00 79.27  ? 136 ASP A OD1   1 
ATOM   1047 O OD2   . ASP A 1 136 ? 10.304  22.642  11.544  1.00 91.09  ? 136 ASP A OD2   1 
ATOM   1048 N N     . ILE A 1 137 ? 8.106   18.854  10.832  1.00 85.65  ? 137 ILE A N     1 
ATOM   1049 C CA    . ILE A 1 137 ? 7.137   18.846  9.734   1.00 85.15  ? 137 ILE A CA    1 
ATOM   1050 C C     . ILE A 1 137 ? 5.737   18.551  10.238  1.00 88.05  ? 137 ILE A C     1 
ATOM   1051 O O     . ILE A 1 137 ? 4.801   19.307  9.962   1.00 84.12  ? 137 ILE A O     1 
ATOM   1052 C CB    . ILE A 1 137 ? 7.517   17.802  8.642   1.00 80.13  ? 137 ILE A CB    1 
ATOM   1053 C CG1   . ILE A 1 137 ? 8.658   18.355  7.767   1.00 77.90  ? 137 ILE A CG1   1 
ATOM   1054 C CG2   . ILE A 1 137 ? 6.276   17.415  7.804   1.00 74.09  ? 137 ILE A CG2   1 
ATOM   1055 C CD1   . ILE A 1 137 ? 9.335   17.335  6.863   1.00 71.29  ? 137 ILE A CD1   1 
ATOM   1056 N N     . ARG A 1 138 ? 5.612   17.457  10.987  1.00 94.84  ? 138 ARG A N     1 
ATOM   1057 C CA    . ARG A 1 138 ? 4.293   16.959  11.401  1.00 99.11  ? 138 ARG A CA    1 
ATOM   1058 C C     . ARG A 1 138 ? 3.704   17.722  12.570  1.00 95.47  ? 138 ARG A C     1 
ATOM   1059 O O     . ARG A 1 138 ? 2.485   17.712  12.768  1.00 82.72  ? 138 ARG A O     1 
ATOM   1060 C CB    . ARG A 1 138 ? 4.334   15.462  11.712  1.00 101.04 ? 138 ARG A CB    1 
ATOM   1061 C CG    . ARG A 1 138 ? 5.245   15.022  12.838  1.00 95.36  ? 138 ARG A CG    1 
ATOM   1062 C CD    . ARG A 1 138 ? 5.316   13.528  12.781  1.00 94.37  ? 138 ARG A CD    1 
ATOM   1063 N NE    . ARG A 1 138 ? 5.892   12.941  13.973  1.00 98.20  ? 138 ARG A NE    1 
ATOM   1064 C CZ    . ARG A 1 138 ? 7.133   12.467  14.080  1.00 104.30 ? 138 ARG A CZ    1 
ATOM   1065 N NH1   . ARG A 1 138 ? 7.995   12.496  13.068  1.00 102.74 ? 138 ARG A NH1   1 
ATOM   1066 N NH2   . ARG A 1 138 ? 7.518   11.946  15.232  1.00 118.77 ? 138 ARG A NH2   1 
ATOM   1067 N N     . SER A 1 139 ? 4.569   18.396  13.326  1.00 95.03  ? 139 SER A N     1 
ATOM   1068 C CA    . SER A 1 139 ? 4.128   19.266  14.410  1.00 93.59  ? 139 SER A CA    1 
ATOM   1069 C C     . SER A 1 139 ? 3.650   20.617  13.919  1.00 93.35  ? 139 SER A C     1 
ATOM   1070 O O     . SER A 1 139 ? 3.218   21.425  14.731  1.00 102.26 ? 139 SER A O     1 
ATOM   1071 C CB    . SER A 1 139 ? 5.254   19.466  15.406  1.00 93.75  ? 139 SER A CB    1 
ATOM   1072 O OG    . SER A 1 139 ? 6.483   19.463  14.720  1.00 105.20 ? 139 SER A OG    1 
ATOM   1073 N N     . SER A 1 140 ? 3.724   20.863  12.610  1.00 92.07  ? 140 SER A N     1 
ATOM   1074 C CA    . SER A 1 140 ? 3.210   22.095  12.021  1.00 90.94  ? 140 SER A CA    1 
ATOM   1075 C C     . SER A 1 140 ? 1.811   21.926  11.437  1.00 86.04  ? 140 SER A C     1 
ATOM   1076 O O     . SER A 1 140 ? 1.173   22.922  11.096  1.00 85.97  ? 140 SER A O     1 
ATOM   1077 C CB    . SER A 1 140 ? 4.169   22.581  10.947  1.00 91.87  ? 140 SER A CB    1 
ATOM   1078 O OG    . SER A 1 140 ? 5.475   22.670  11.489  1.00 90.71  ? 140 SER A OG    1 
HETATM 1079 O O3P   . C5P B 2 .   ? 14.607  4.552   -13.158 1.00 171.62 ? 300 C5P A O3P   1 
HETATM 1080 P P     . C5P B 2 .   ? 14.602  4.304   -14.618 1.00 165.26 ? 300 C5P A P     1 
HETATM 1081 O O1P   . C5P B 2 .   ? 13.662  5.147   -15.377 1.00 154.91 ? 300 C5P A O1P   1 
HETATM 1082 O O2P   . C5P B 2 .   ? 15.949  4.092   -15.205 1.00 178.49 ? 300 C5P A O2P   1 
HETATM 1083 O "O5'" . C5P B 2 .   ? 14.004  2.829   -14.693 1.00 162.84 ? 300 C5P A "O5'" 1 
HETATM 1084 C "C5'" . C5P B 2 .   ? 14.600  1.709   -13.997 1.00 153.73 ? 300 C5P A "C5'" 1 
HETATM 1085 C "C4'" . C5P B 2 .   ? 13.947  0.421   -14.527 1.00 144.77 ? 300 C5P A "C4'" 1 
HETATM 1086 O "O4'" . C5P B 2 .   ? 12.890  -0.116  -13.664 1.00 155.61 ? 300 C5P A "O4'" 1 
HETATM 1087 C "C3'" . C5P B 2 .   ? 13.279  0.558   -15.894 1.00 121.04 ? 300 C5P A "C3'" 1 
HETATM 1088 O "O3'" . C5P B 2 .   ? 13.356  -0.726  -16.518 1.00 101.97 ? 300 C5P A "O3'" 1 
HETATM 1089 C "C2'" . C5P B 2 .   ? 11.838  0.909   -15.574 1.00 116.54 ? 300 C5P A "C2'" 1 
HETATM 1090 O "O2'" . C5P B 2 .   ? 11.003  0.347   -16.559 1.00 106.60 ? 300 C5P A "O2'" 1 
HETATM 1091 C "C1'" . C5P B 2 .   ? 11.565  0.187   -14.250 1.00 130.86 ? 300 C5P A "C1'" 1 
HETATM 1092 N N1    . C5P B 2 .   ? 10.691  0.936   -13.262 1.00 124.69 ? 300 C5P A N1    1 
HETATM 1093 C C2    . C5P B 2 .   ? 9.684   0.293   -12.648 1.00 129.11 ? 300 C5P A C2    1 
HETATM 1094 N N3    . C5P B 2 .   ? 8.853   0.955   -11.709 1.00 135.32 ? 300 C5P A N3    1 
HETATM 1095 C C4    . C5P B 2 .   ? 9.058   2.309   -11.379 1.00 132.90 ? 300 C5P A C4    1 
HETATM 1096 C C5    . C5P B 2 .   ? 10.111  2.964   -12.016 1.00 125.57 ? 300 C5P A C5    1 
HETATM 1097 C C6    . C5P B 2 .   ? 10.915  2.290   -12.938 1.00 121.89 ? 300 C5P A C6    1 
HETATM 1098 O O2    . C5P B 2 .   ? 9.479   -0.889  -12.916 1.00 136.04 ? 300 C5P A O2    1 
HETATM 1099 N N4    . C5P B 2 .   ? 8.269   2.935   -10.481 1.00 126.73 ? 300 C5P A N4    1 
HETATM 1100 P P     . 5GP C 3 .   ? 0.226   -12.246 -19.158 0.50 135.67 ? 301 5GP A P     1 
HETATM 1101 O O1P   . 5GP C 3 .   ? 1.130   -13.197 -18.398 0.50 131.54 ? 301 5GP A O1P   1 
HETATM 1102 O O2P   . 5GP C 3 .   ? -0.843  -12.913 -20.003 0.50 135.16 ? 301 5GP A O2P   1 
HETATM 1103 O O3P   . 5GP C 3 .   ? 1.011   -11.207 -19.924 0.50 134.15 ? 301 5GP A O3P   1 
HETATM 1104 O "O5'" . 5GP C 3 .   ? -0.608  -11.416 -18.027 1.00 128.61 ? 301 5GP A "O5'" 1 
HETATM 1105 C "C5'" . 5GP C 3 .   ? -1.865  -11.860 -17.476 1.00 119.72 ? 301 5GP A "C5'" 1 
HETATM 1106 C "C4'" . 5GP C 3 .   ? -1.630  -12.977 -16.451 1.00 112.33 ? 301 5GP A "C4'" 1 
HETATM 1107 O "O4'" . 5GP C 3 .   ? -0.962  -12.427 -15.309 1.00 105.07 ? 301 5GP A "O4'" 1 
HETATM 1108 C "C3'" . 5GP C 3 .   ? -2.871  -13.713 -15.935 1.00 101.58 ? 301 5GP A "C3'" 1 
HETATM 1109 O "O3'" . 5GP C 3 .   ? -3.149  -14.935 -16.650 1.00 87.06  ? 301 5GP A "O3'" 1 
HETATM 1110 C "C2'" . 5GP C 3 .   ? -2.526  -14.011 -14.489 1.00 102.54 ? 301 5GP A "C2'" 1 
HETATM 1111 O "O2'" . 5GP C 3 .   ? -2.298  -15.412 -14.331 1.00 104.64 ? 301 5GP A "O2'" 1 
HETATM 1112 C "C1'" . 5GP C 3 .   ? -1.237  -13.251 -14.171 1.00 105.96 ? 301 5GP A "C1'" 1 
HETATM 1113 N N9    . 5GP C 3 .   ? -1.351  -12.387 -12.963 1.00 107.69 ? 301 5GP A N9    1 
HETATM 1114 C C8    . 5GP C 3 .   ? -0.721  -12.511 -11.764 1.00 104.16 ? 301 5GP A C8    1 
HETATM 1115 N N7    . 5GP C 3 .   ? -1.093  -11.509 -10.919 1.00 97.15  ? 301 5GP A N7    1 
HETATM 1116 C C5    . 5GP C 3 .   ? -1.963  -10.736 -11.596 1.00 98.96  ? 301 5GP A C5    1 
HETATM 1117 C C6    . 5GP C 3 .   ? -2.747  -9.521  -11.324 1.00 99.18  ? 301 5GP A C6    1 
HETATM 1118 O O6    . 5GP C 3 .   ? -2.637  -8.989  -10.195 1.00 103.07 ? 301 5GP A O6    1 
HETATM 1119 N N1    . 5GP C 3 .   ? -3.545  -9.036  -12.308 1.00 94.62  ? 301 5GP A N1    1 
HETATM 1120 C C2    . 5GP C 3 .   ? -3.648  -9.629  -13.525 1.00 93.51  ? 301 5GP A C2    1 
HETATM 1121 N N2    . 5GP C 3 .   ? -4.454  -9.119  -14.488 1.00 94.33  ? 301 5GP A N2    1 
HETATM 1122 N N3    . 5GP C 3 .   ? -2.960  -10.744 -13.842 1.00 96.37  ? 301 5GP A N3    1 
HETATM 1123 C C4    . 5GP C 3 .   ? -2.129  -11.314 -12.935 1.00 103.30 ? 301 5GP A C4    1 
# 
loop_
_pdbx_poly_seq_scheme.asym_id 
_pdbx_poly_seq_scheme.entity_id 
_pdbx_poly_seq_scheme.seq_id 
_pdbx_poly_seq_scheme.mon_id 
_pdbx_poly_seq_scheme.ndb_seq_num 
_pdbx_poly_seq_scheme.pdb_seq_num 
_pdbx_poly_seq_scheme.auth_seq_num 
_pdbx_poly_seq_scheme.pdb_mon_id 
_pdbx_poly_seq_scheme.auth_mon_id 
_pdbx_poly_seq_scheme.pdb_strand_id 
_pdbx_poly_seq_scheme.pdb_ins_code 
_pdbx_poly_seq_scheme.hetero 
A 1 1   MET 1   1   ?   ?   ?   A . n 
A 1 2   ASN 2   2   ?   ?   ?   A . n 
A 1 3   SER 3   3   ?   ?   ?   A . n 
A 1 4   LYS 4   4   4   LYS LYS A . n 
A 1 5   HIS 5   5   5   HIS HIS A . n 
A 1 6   SER 6   6   6   SER SER A . n 
A 1 7   TYR 7   7   7   TYR TYR A . n 
A 1 8   VAL 8   8   8   VAL VAL A . n 
A 1 9   GLU 9   9   9   GLU GLU A . n 
A 1 10  LEU 10  10  10  LEU LEU A . n 
A 1 11  LYS 11  11  11  LYS LYS A . n 
A 1 12  ASP 12  12  12  ASP ASP A . n 
A 1 13  LYS 13  13  13  LYS LYS A . n 
A 1 14  VAL 14  14  14  VAL VAL A . n 
A 1 15  ILE 15  15  15  ILE ILE A . n 
A 1 16  VAL 16  16  16  VAL VAL A . n 
A 1 17  PRO 17  17  17  PRO PRO A . n 
A 1 18  GLY 18  18  18  GLY GLY A . n 
A 1 19  TRP 19  19  19  TRP TRP A . n 
A 1 20  PRO 20  20  20  PRO PRO A . n 
A 1 21  THR 21  21  21  THR THR A . n 
A 1 22  LEU 22  22  22  LEU LEU A . n 
A 1 23  MET 23  23  23  MET MET A . n 
A 1 24  LEU 24  24  24  LEU LEU A . n 
A 1 25  GLU 25  25  25  GLU GLU A . n 
A 1 26  ILE 26  26  26  ILE ILE A . n 
A 1 27  ASP 27  27  27  ASP ASP A . n 
A 1 28  PHE 28  28  28  PHE PHE A . n 
A 1 29  VAL 29  29  29  VAL VAL A . n 
A 1 30  GLY 30  30  ?   ?   ?   A . n 
A 1 31  GLY 31  31  ?   ?   ?   A . n 
A 1 32  THR 32  32  ?   ?   ?   A . n 
A 1 33  SER 33  33  ?   ?   ?   A . n 
A 1 34  ALA 34  34  ?   ?   ?   A . n 
A 1 35  ASN 35  35  35  ASN ASN A . n 
A 1 36  GLN 36  36  36  GLN GLN A . n 
A 1 37  PHE 37  37  37  PHE PHE A . n 
A 1 38  LEU 38  38  38  LEU LEU A . n 
A 1 39  ASN 39  39  39  ASN ASN A . n 
A 1 40  ILE 40  40  40  ILE ILE A . n 
A 1 41  PRO 41  41  41  PRO PRO A . n 
A 1 42  PHE 42  42  42  PHE PHE A . n 
A 1 43  LEU 43  43  43  LEU LEU A . n 
A 1 44  SER 44  44  44  SER SER A . n 
A 1 45  VAL 45  45  45  VAL VAL A . n 
A 1 46  LYS 46  46  46  LYS LYS A . n 
A 1 47  GLU 47  47  47  GLU GLU A . n 
A 1 48  PRO 48  48  48  PRO PRO A . n 
A 1 49  LEU 49  49  49  LEU LEU A . n 
A 1 50  GLN 50  50  50  GLN GLN A . n 
A 1 51  LEU 51  51  51  LEU LEU A . n 
A 1 52  PRO 52  52  52  PRO PRO A . n 
A 1 53  ALA 53  53  53  ALA ALA A . n 
A 1 54  GLU 54  54  54  GLU GLU A . n 
A 1 55  LYS 55  55  55  LYS LYS A . n 
A 1 56  LYS 56  56  56  LYS LYS A . n 
A 1 57  LEU 57  57  57  LEU LEU A . n 
A 1 58  THR 58  58  58  THR THR A . n 
A 1 59  ASP 59  59  59  ASP ASP A . n 
A 1 60  TYR 60  60  60  TYR TYR A . n 
A 1 61  PHE 61  61  61  PHE PHE A . n 
A 1 62  THR 62  62  62  THR THR A . n 
A 1 63  ILE 63  63  63  ILE ILE A . n 
A 1 64  ASP 64  64  64  ASP ASP A . n 
A 1 65  VAL 65  65  65  VAL VAL A . n 
A 1 66  GLU 66  66  66  GLU GLU A . n 
A 1 67  PRO 67  67  67  PRO PRO A . n 
A 1 68  ALA 68  68  68  ALA ALA A . n 
A 1 69  GLY 69  69  69  GLY GLY A . n 
A 1 70  HIS 70  70  70  HIS HIS A . n 
A 1 71  SER 71  71  71  SER SER A . n 
A 1 72  LEU 72  72  72  LEU LEU A . n 
A 1 73  VAL 73  73  73  VAL VAL A . n 
A 1 74  ASN 74  74  74  ASN ASN A . n 
A 1 75  ILE 75  75  75  ILE ILE A . n 
A 1 76  TYR 76  76  76  TYR TYR A . n 
A 1 77  PHE 77  77  77  PHE PHE A . n 
A 1 78  GLN 78  78  78  GLN GLN A . n 
A 1 79  ILE 79  79  79  ILE ILE A . n 
A 1 80  ASP 80  80  80  ASP ASP A . n 
A 1 81  ASP 81  81  81  ASP ASP A . n 
A 1 82  PHE 82  82  82  PHE PHE A . n 
A 1 83  LEU 83  83  83  LEU LEU A . n 
A 1 84  LEU 84  84  84  LEU LEU A . n 
A 1 85  LEU 85  85  85  LEU LEU A . n 
A 1 86  THR 86  86  86  THR THR A . n 
A 1 87  LEU 87  87  87  LEU LEU A . n 
A 1 88  ASN 88  88  88  ASN ASN A . n 
A 1 89  SER 89  89  89  SER SER A . n 
A 1 90  LEU 90  90  90  LEU LEU A . n 
A 1 91  SER 91  91  91  SER SER A . n 
A 1 92  VAL 92  92  92  VAL VAL A . n 
A 1 93  TYR 93  93  93  TYR TYR A . n 
A 1 94  LYS 94  94  94  LYS LYS A . n 
A 1 95  ASP 95  95  95  ASP ASP A . n 
A 1 96  PRO 96  96  96  PRO PRO A . n 
A 1 97  ILE 97  97  97  ILE ILE A . n 
A 1 98  ARG 98  98  98  ARG ARG A . n 
A 1 99  LYS 99  99  99  LYS LYS A . n 
A 1 100 TYR 100 100 100 TYR TYR A . n 
A 1 101 MET 101 101 101 MET MET A . n 
A 1 102 PHE 102 102 102 PHE PHE A . n 
A 1 103 LEU 103 103 103 LEU LEU A . n 
A 1 104 ARG 104 104 104 ARG ARG A . n 
A 1 105 LEU 105 105 105 LEU LEU A . n 
A 1 106 ASN 106 106 106 ASN ASN A . n 
A 1 107 LYS 107 107 107 LYS LYS A . n 
A 1 108 GLU 108 108 108 GLU GLU A . n 
A 1 109 GLN 109 109 109 GLN GLN A . n 
A 1 110 SER 110 110 110 SER SER A . n 
A 1 111 LYS 111 111 111 LYS LYS A . n 
A 1 112 HIS 112 112 112 HIS HIS A . n 
A 1 113 ALA 113 113 113 ALA ALA A . n 
A 1 114 ILE 114 114 114 ILE ILE A . n 
A 1 115 ASN 115 115 115 ASN ASN A . n 
A 1 116 ALA 116 116 116 ALA ALA A . n 
A 1 117 ALA 117 117 117 ALA ALA A . n 
A 1 118 PHE 118 118 118 PHE PHE A . n 
A 1 119 ASN 119 119 119 ASN ASN A . n 
A 1 120 VAL 120 120 120 VAL VAL A . n 
A 1 121 PHE 121 121 121 PHE PHE A . n 
A 1 122 SER 122 122 122 SER SER A . n 
A 1 123 TYR 123 123 123 TYR TYR A . n 
A 1 124 ARG 124 124 124 ARG ARG A . n 
A 1 125 LEU 125 125 125 LEU LEU A . n 
A 1 126 ARG 126 126 126 ARG ARG A . n 
A 1 127 ASN 127 127 127 ASN ASN A . n 
A 1 128 ILE 128 128 128 ILE ILE A . n 
A 1 129 GLY 129 129 129 GLY GLY A . n 
A 1 130 VAL 130 130 130 VAL VAL A . n 
A 1 131 GLY 131 131 131 GLY GLY A . n 
A 1 132 PRO 132 132 132 PRO PRO A . n 
A 1 133 LEU 133 133 133 LEU LEU A . n 
A 1 134 GLY 134 134 134 GLY GLY A . n 
A 1 135 PRO 135 135 135 PRO PRO A . n 
A 1 136 ASP 136 136 136 ASP ASP A . n 
A 1 137 ILE 137 137 137 ILE ILE A . n 
A 1 138 ARG 138 138 138 ARG ARG A . n 
A 1 139 SER 139 139 139 SER SER A . n 
A 1 140 SER 140 140 140 SER SER A . n 
A 1 141 GLY 141 141 ?   ?   ?   A . n 
A 1 142 PRO 142 142 ?   ?   ?   A . n 
# 
loop_
_pdbx_nonpoly_scheme.asym_id 
_pdbx_nonpoly_scheme.entity_id 
_pdbx_nonpoly_scheme.mon_id 
_pdbx_nonpoly_scheme.ndb_seq_num 
_pdbx_nonpoly_scheme.pdb_seq_num 
_pdbx_nonpoly_scheme.auth_seq_num 
_pdbx_nonpoly_scheme.pdb_mon_id 
_pdbx_nonpoly_scheme.auth_mon_id 
_pdbx_nonpoly_scheme.pdb_strand_id 
_pdbx_nonpoly_scheme.pdb_ins_code 
B 2 C5P 1 300 300 C5P C5P A . 
C 3 5GP 1 301 301 5GP 5GP A . 
# 
_pdbx_struct_assembly.id                   1 
_pdbx_struct_assembly.details              author_and_software_defined_assembly 
_pdbx_struct_assembly.method_details       PISA 
_pdbx_struct_assembly.oligomeric_details   tetrameric 
_pdbx_struct_assembly.oligomeric_count     4 
# 
_pdbx_struct_assembly_gen.assembly_id       1 
_pdbx_struct_assembly_gen.oper_expression   1,2,3,4 
_pdbx_struct_assembly_gen.asym_id_list      A,B,C 
# 
loop_
_pdbx_struct_assembly_prop.biol_id 
_pdbx_struct_assembly_prop.type 
_pdbx_struct_assembly_prop.value 
_pdbx_struct_assembly_prop.details 
1 'ABSA (A^2)' 11350 ? 
1 MORE         -37   ? 
1 'SSA (A^2)'  22300 ? 
# 
loop_
_pdbx_struct_oper_list.id 
_pdbx_struct_oper_list.type 
_pdbx_struct_oper_list.name 
_pdbx_struct_oper_list.symmetry_operation 
_pdbx_struct_oper_list.matrix[1][1] 
_pdbx_struct_oper_list.matrix[1][2] 
_pdbx_struct_oper_list.matrix[1][3] 
_pdbx_struct_oper_list.vector[1] 
_pdbx_struct_oper_list.matrix[2][1] 
_pdbx_struct_oper_list.matrix[2][2] 
_pdbx_struct_oper_list.matrix[2][3] 
_pdbx_struct_oper_list.vector[2] 
_pdbx_struct_oper_list.matrix[3][1] 
_pdbx_struct_oper_list.matrix[3][2] 
_pdbx_struct_oper_list.matrix[3][3] 
_pdbx_struct_oper_list.vector[3] 
1 'identity operation'         1_555  x,y,z   1.0000000000 0.0000000000  0.0000000000  0.0000000000  0.0000000000  1.0000000000  0.0000000000  0.0000000000  0.0000000000  0.0000000000  1.0000000000  0.0000000000   
2 'crystal symmetry operation' 3_555  -x,y,-z 0.3757511228 -0.8763953723 -0.3012345351 7.8269093825  -0.8763953723 -0.4417094518 0.1918955748  23.8388446426 -0.3012345351 0.1918955748  -0.9340416710 -33.6096050561 
3 'crystal symmetry operation' 21_555 z,y,-x  0.6878755614 -0.6197993505 0.3777247373  14.9567246813 -0.2565960218 0.2791452741  0.9253304261  25.1463439002 -0.6789592724 -0.7334348513 0.0329791645  -4.8513980936  
4 'crystal symmetry operation' 23_555 -z,y,x  0.6878755614 -0.2565960218 -0.6789592724 -7.1298152989 -0.6197993505 0.2791452741  -0.7334348513 -1.3074992576 0.3777247373  0.9253304261  0.0329791645  -28.7582069625 
# 
loop_
_pdbx_audit_revision_history.ordinal 
_pdbx_audit_revision_history.data_content_type 
_pdbx_audit_revision_history.major_revision 
_pdbx_audit_revision_history.minor_revision 
_pdbx_audit_revision_history.revision_date 
1 'Structure model' 1 0 2013-10-30 
2 'Structure model' 1 1 2023-09-20 
# 
_pdbx_audit_revision_details.ordinal             1 
_pdbx_audit_revision_details.revision_ordinal    1 
_pdbx_audit_revision_details.data_content_type   'Structure model' 
_pdbx_audit_revision_details.provider            repository 
_pdbx_audit_revision_details.type                'Initial release' 
_pdbx_audit_revision_details.description         ? 
_pdbx_audit_revision_details.details             ? 
# 
loop_
_pdbx_audit_revision_group.ordinal 
_pdbx_audit_revision_group.revision_ordinal 
_pdbx_audit_revision_group.data_content_type 
_pdbx_audit_revision_group.group 
1 2 'Structure model' 'Data collection'        
2 2 'Structure model' 'Database references'    
3 2 'Structure model' 'Derived calculations'   
4 2 'Structure model' 'Refinement description' 
# 
loop_
_pdbx_audit_revision_category.ordinal 
_pdbx_audit_revision_category.revision_ordinal 
_pdbx_audit_revision_category.data_content_type 
_pdbx_audit_revision_category.category 
1 2 'Structure model' chem_comp_atom                
2 2 'Structure model' chem_comp_bond                
3 2 'Structure model' database_2                    
4 2 'Structure model' pdbx_initial_refinement_model 
5 2 'Structure model' struct_ref_seq_dif            
6 2 'Structure model' struct_site                   
# 
loop_
_pdbx_audit_revision_item.ordinal 
_pdbx_audit_revision_item.revision_ordinal 
_pdbx_audit_revision_item.data_content_type 
_pdbx_audit_revision_item.item 
1 2 'Structure model' '_database_2.pdbx_DOI'                
2 2 'Structure model' '_database_2.pdbx_database_accession' 
3 2 'Structure model' '_struct_ref_seq_dif.details'         
4 2 'Structure model' '_struct_site.pdbx_auth_asym_id'      
5 2 'Structure model' '_struct_site.pdbx_auth_comp_id'      
6 2 'Structure model' '_struct_site.pdbx_auth_seq_id'       
# 
loop_
_software.name 
_software.classification 
_software.version 
_software.citation_id 
_software.pdbx_ordinal 
MxCuBE 'data collection' .        ? 1 
MOLREP phasing           .        ? 2 
REFMAC refinement        5.6.0116 ? 3 
XDS    'data reduction'  .        ? 4 
SCALA  'data scaling'    .        ? 5 
# 
loop_
_pdbx_validate_torsion.id 
_pdbx_validate_torsion.PDB_model_num 
_pdbx_validate_torsion.auth_comp_id 
_pdbx_validate_torsion.auth_asym_id 
_pdbx_validate_torsion.auth_seq_id 
_pdbx_validate_torsion.PDB_ins_code 
_pdbx_validate_torsion.label_alt_id 
_pdbx_validate_torsion.phi 
_pdbx_validate_torsion.psi 
1 1 HIS A 5   ? ? 174.87  176.60 
2 1 LEU A 38  ? ? -171.06 109.27 
3 1 LYS A 94  ? ? -58.05  103.76 
4 1 ASP A 95  ? ? 28.20   76.52  
5 1 ALA A 116 ? ? -67.52  5.05   
6 1 PHE A 118 ? ? 75.50   -1.10  
# 
loop_
_pdbx_unobs_or_zero_occ_residues.id 
_pdbx_unobs_or_zero_occ_residues.PDB_model_num 
_pdbx_unobs_or_zero_occ_residues.polymer_flag 
_pdbx_unobs_or_zero_occ_residues.occupancy_flag 
_pdbx_unobs_or_zero_occ_residues.auth_asym_id 
_pdbx_unobs_or_zero_occ_residues.auth_comp_id 
_pdbx_unobs_or_zero_occ_residues.auth_seq_id 
_pdbx_unobs_or_zero_occ_residues.PDB_ins_code 
_pdbx_unobs_or_zero_occ_residues.label_asym_id 
_pdbx_unobs_or_zero_occ_residues.label_comp_id 
_pdbx_unobs_or_zero_occ_residues.label_seq_id 
1  1 Y 1 A MET 1   ? A MET 1   
2  1 Y 1 A ASN 2   ? A ASN 2   
3  1 Y 1 A SER 3   ? A SER 3   
4  1 Y 1 A GLY 30  ? A GLY 30  
5  1 Y 1 A GLY 31  ? A GLY 31  
6  1 Y 1 A THR 32  ? A THR 32  
7  1 Y 1 A SER 33  ? A SER 33  
8  1 Y 1 A ALA 34  ? A ALA 34  
9  1 Y 1 A GLY 141 ? A GLY 141 
10 1 Y 1 A PRO 142 ? A PRO 142 
# 
loop_
_chem_comp_atom.comp_id 
_chem_comp_atom.atom_id 
_chem_comp_atom.type_symbol 
_chem_comp_atom.pdbx_aromatic_flag 
_chem_comp_atom.pdbx_stereo_config 
_chem_comp_atom.pdbx_ordinal 
5GP P      P N N 1   
5GP O1P    O N N 2   
5GP O2P    O N N 3   
5GP O3P    O N N 4   
5GP "O5'"  O N N 5   
5GP "C5'"  C N N 6   
5GP "C4'"  C N R 7   
5GP "O4'"  O N N 8   
5GP "C3'"  C N S 9   
5GP "O3'"  O N N 10  
5GP "C2'"  C N R 11  
5GP "O2'"  O N N 12  
5GP "C1'"  C N R 13  
5GP N9     N Y N 14  
5GP C8     C Y N 15  
5GP N7     N Y N 16  
5GP C5     C Y N 17  
5GP C6     C N N 18  
5GP O6     O N N 19  
5GP N1     N N N 20  
5GP C2     C N N 21  
5GP N2     N N N 22  
5GP N3     N N N 23  
5GP C4     C Y N 24  
5GP HOP2   H N N 25  
5GP HOP3   H N N 26  
5GP "H5'1" H N N 27  
5GP "H5'2" H N N 28  
5GP "H4'"  H N N 29  
5GP "H3'"  H N N 30  
5GP "HO3'" H N N 31  
5GP "H2'"  H N N 32  
5GP "HO2'" H N N 33  
5GP "H1'"  H N N 34  
5GP H8     H N N 35  
5GP HN1    H N N 36  
5GP HN21   H N N 37  
5GP HN22   H N N 38  
ALA N      N N N 39  
ALA CA     C N S 40  
ALA C      C N N 41  
ALA O      O N N 42  
ALA CB     C N N 43  
ALA OXT    O N N 44  
ALA H      H N N 45  
ALA H2     H N N 46  
ALA HA     H N N 47  
ALA HB1    H N N 48  
ALA HB2    H N N 49  
ALA HB3    H N N 50  
ALA HXT    H N N 51  
ARG N      N N N 52  
ARG CA     C N S 53  
ARG C      C N N 54  
ARG O      O N N 55  
ARG CB     C N N 56  
ARG CG     C N N 57  
ARG CD     C N N 58  
ARG NE     N N N 59  
ARG CZ     C N N 60  
ARG NH1    N N N 61  
ARG NH2    N N N 62  
ARG OXT    O N N 63  
ARG H      H N N 64  
ARG H2     H N N 65  
ARG HA     H N N 66  
ARG HB2    H N N 67  
ARG HB3    H N N 68  
ARG HG2    H N N 69  
ARG HG3    H N N 70  
ARG HD2    H N N 71  
ARG HD3    H N N 72  
ARG HE     H N N 73  
ARG HH11   H N N 74  
ARG HH12   H N N 75  
ARG HH21   H N N 76  
ARG HH22   H N N 77  
ARG HXT    H N N 78  
ASN N      N N N 79  
ASN CA     C N S 80  
ASN C      C N N 81  
ASN O      O N N 82  
ASN CB     C N N 83  
ASN CG     C N N 84  
ASN OD1    O N N 85  
ASN ND2    N N N 86  
ASN OXT    O N N 87  
ASN H      H N N 88  
ASN H2     H N N 89  
ASN HA     H N N 90  
ASN HB2    H N N 91  
ASN HB3    H N N 92  
ASN HD21   H N N 93  
ASN HD22   H N N 94  
ASN HXT    H N N 95  
ASP N      N N N 96  
ASP CA     C N S 97  
ASP C      C N N 98  
ASP O      O N N 99  
ASP CB     C N N 100 
ASP CG     C N N 101 
ASP OD1    O N N 102 
ASP OD2    O N N 103 
ASP OXT    O N N 104 
ASP H      H N N 105 
ASP H2     H N N 106 
ASP HA     H N N 107 
ASP HB2    H N N 108 
ASP HB3    H N N 109 
ASP HD2    H N N 110 
ASP HXT    H N N 111 
C5P O3P    O N N 112 
C5P P      P N N 113 
C5P O1P    O N N 114 
C5P O2P    O N N 115 
C5P "O5'"  O N N 116 
C5P "C5'"  C N N 117 
C5P "C4'"  C N R 118 
C5P "O4'"  O N N 119 
C5P "C3'"  C N S 120 
C5P "O3'"  O N N 121 
C5P "C2'"  C N R 122 
C5P "O2'"  O N N 123 
C5P "C1'"  C N R 124 
C5P N1     N N N 125 
C5P C2     C N N 126 
C5P N3     N N N 127 
C5P C4     C N N 128 
C5P C5     C N N 129 
C5P C6     C N N 130 
C5P O2     O N N 131 
C5P N4     N N N 132 
C5P HOP3   H N N 133 
C5P HOP2   H N N 134 
C5P "H5'1" H N N 135 
C5P "H5'2" H N N 136 
C5P "H4'"  H N N 137 
C5P "H3'"  H N N 138 
C5P "HO3'" H N N 139 
C5P "H2'1" H N N 140 
C5P "HO2'" H N N 141 
C5P "H1'"  H N N 142 
C5P H5     H N N 143 
C5P H6     H N N 144 
C5P HN41   H N N 145 
C5P HN42   H N N 146 
GLN N      N N N 147 
GLN CA     C N S 148 
GLN C      C N N 149 
GLN O      O N N 150 
GLN CB     C N N 151 
GLN CG     C N N 152 
GLN CD     C N N 153 
GLN OE1    O N N 154 
GLN NE2    N N N 155 
GLN OXT    O N N 156 
GLN H      H N N 157 
GLN H2     H N N 158 
GLN HA     H N N 159 
GLN HB2    H N N 160 
GLN HB3    H N N 161 
GLN HG2    H N N 162 
GLN HG3    H N N 163 
GLN HE21   H N N 164 
GLN HE22   H N N 165 
GLN HXT    H N N 166 
GLU N      N N N 167 
GLU CA     C N S 168 
GLU C      C N N 169 
GLU O      O N N 170 
GLU CB     C N N 171 
GLU CG     C N N 172 
GLU CD     C N N 173 
GLU OE1    O N N 174 
GLU OE2    O N N 175 
GLU OXT    O N N 176 
GLU H      H N N 177 
GLU H2     H N N 178 
GLU HA     H N N 179 
GLU HB2    H N N 180 
GLU HB3    H N N 181 
GLU HG2    H N N 182 
GLU HG3    H N N 183 
GLU HE2    H N N 184 
GLU HXT    H N N 185 
GLY N      N N N 186 
GLY CA     C N N 187 
GLY C      C N N 188 
GLY O      O N N 189 
GLY OXT    O N N 190 
GLY H      H N N 191 
GLY H2     H N N 192 
GLY HA2    H N N 193 
GLY HA3    H N N 194 
GLY HXT    H N N 195 
HIS N      N N N 196 
HIS CA     C N S 197 
HIS C      C N N 198 
HIS O      O N N 199 
HIS CB     C N N 200 
HIS CG     C Y N 201 
HIS ND1    N Y N 202 
HIS CD2    C Y N 203 
HIS CE1    C Y N 204 
HIS NE2    N Y N 205 
HIS OXT    O N N 206 
HIS H      H N N 207 
HIS H2     H N N 208 
HIS HA     H N N 209 
HIS HB2    H N N 210 
HIS HB3    H N N 211 
HIS HD1    H N N 212 
HIS HD2    H N N 213 
HIS HE1    H N N 214 
HIS HE2    H N N 215 
HIS HXT    H N N 216 
ILE N      N N N 217 
ILE CA     C N S 218 
ILE C      C N N 219 
ILE O      O N N 220 
ILE CB     C N S 221 
ILE CG1    C N N 222 
ILE CG2    C N N 223 
ILE CD1    C N N 224 
ILE OXT    O N N 225 
ILE H      H N N 226 
ILE H2     H N N 227 
ILE HA     H N N 228 
ILE HB     H N N 229 
ILE HG12   H N N 230 
ILE HG13   H N N 231 
ILE HG21   H N N 232 
ILE HG22   H N N 233 
ILE HG23   H N N 234 
ILE HD11   H N N 235 
ILE HD12   H N N 236 
ILE HD13   H N N 237 
ILE HXT    H N N 238 
LEU N      N N N 239 
LEU CA     C N S 240 
LEU C      C N N 241 
LEU O      O N N 242 
LEU CB     C N N 243 
LEU CG     C N N 244 
LEU CD1    C N N 245 
LEU CD2    C N N 246 
LEU OXT    O N N 247 
LEU H      H N N 248 
LEU H2     H N N 249 
LEU HA     H N N 250 
LEU HB2    H N N 251 
LEU HB3    H N N 252 
LEU HG     H N N 253 
LEU HD11   H N N 254 
LEU HD12   H N N 255 
LEU HD13   H N N 256 
LEU HD21   H N N 257 
LEU HD22   H N N 258 
LEU HD23   H N N 259 
LEU HXT    H N N 260 
LYS N      N N N 261 
LYS CA     C N S 262 
LYS C      C N N 263 
LYS O      O N N 264 
LYS CB     C N N 265 
LYS CG     C N N 266 
LYS CD     C N N 267 
LYS CE     C N N 268 
LYS NZ     N N N 269 
LYS OXT    O N N 270 
LYS H      H N N 271 
LYS H2     H N N 272 
LYS HA     H N N 273 
LYS HB2    H N N 274 
LYS HB3    H N N 275 
LYS HG2    H N N 276 
LYS HG3    H N N 277 
LYS HD2    H N N 278 
LYS HD3    H N N 279 
LYS HE2    H N N 280 
LYS HE3    H N N 281 
LYS HZ1    H N N 282 
LYS HZ2    H N N 283 
LYS HZ3    H N N 284 
LYS HXT    H N N 285 
MET N      N N N 286 
MET CA     C N S 287 
MET C      C N N 288 
MET O      O N N 289 
MET CB     C N N 290 
MET CG     C N N 291 
MET SD     S N N 292 
MET CE     C N N 293 
MET OXT    O N N 294 
MET H      H N N 295 
MET H2     H N N 296 
MET HA     H N N 297 
MET HB2    H N N 298 
MET HB3    H N N 299 
MET HG2    H N N 300 
MET HG3    H N N 301 
MET HE1    H N N 302 
MET HE2    H N N 303 
MET HE3    H N N 304 
MET HXT    H N N 305 
PHE N      N N N 306 
PHE CA     C N S 307 
PHE C      C N N 308 
PHE O      O N N 309 
PHE CB     C N N 310 
PHE CG     C Y N 311 
PHE CD1    C Y N 312 
PHE CD2    C Y N 313 
PHE CE1    C Y N 314 
PHE CE2    C Y N 315 
PHE CZ     C Y N 316 
PHE OXT    O N N 317 
PHE H      H N N 318 
PHE H2     H N N 319 
PHE HA     H N N 320 
PHE HB2    H N N 321 
PHE HB3    H N N 322 
PHE HD1    H N N 323 
PHE HD2    H N N 324 
PHE HE1    H N N 325 
PHE HE2    H N N 326 
PHE HZ     H N N 327 
PHE HXT    H N N 328 
PRO N      N N N 329 
PRO CA     C N S 330 
PRO C      C N N 331 
PRO O      O N N 332 
PRO CB     C N N 333 
PRO CG     C N N 334 
PRO CD     C N N 335 
PRO OXT    O N N 336 
PRO H      H N N 337 
PRO HA     H N N 338 
PRO HB2    H N N 339 
PRO HB3    H N N 340 
PRO HG2    H N N 341 
PRO HG3    H N N 342 
PRO HD2    H N N 343 
PRO HD3    H N N 344 
PRO HXT    H N N 345 
SER N      N N N 346 
SER CA     C N S 347 
SER C      C N N 348 
SER O      O N N 349 
SER CB     C N N 350 
SER OG     O N N 351 
SER OXT    O N N 352 
SER H      H N N 353 
SER H2     H N N 354 
SER HA     H N N 355 
SER HB2    H N N 356 
SER HB3    H N N 357 
SER HG     H N N 358 
SER HXT    H N N 359 
THR N      N N N 360 
THR CA     C N S 361 
THR C      C N N 362 
THR O      O N N 363 
THR CB     C N R 364 
THR OG1    O N N 365 
THR CG2    C N N 366 
THR OXT    O N N 367 
THR H      H N N 368 
THR H2     H N N 369 
THR HA     H N N 370 
THR HB     H N N 371 
THR HG1    H N N 372 
THR HG21   H N N 373 
THR HG22   H N N 374 
THR HG23   H N N 375 
THR HXT    H N N 376 
TRP N      N N N 377 
TRP CA     C N S 378 
TRP C      C N N 379 
TRP O      O N N 380 
TRP CB     C N N 381 
TRP CG     C Y N 382 
TRP CD1    C Y N 383 
TRP CD2    C Y N 384 
TRP NE1    N Y N 385 
TRP CE2    C Y N 386 
TRP CE3    C Y N 387 
TRP CZ2    C Y N 388 
TRP CZ3    C Y N 389 
TRP CH2    C Y N 390 
TRP OXT    O N N 391 
TRP H      H N N 392 
TRP H2     H N N 393 
TRP HA     H N N 394 
TRP HB2    H N N 395 
TRP HB3    H N N 396 
TRP HD1    H N N 397 
TRP HE1    H N N 398 
TRP HE3    H N N 399 
TRP HZ2    H N N 400 
TRP HZ3    H N N 401 
TRP HH2    H N N 402 
TRP HXT    H N N 403 
TYR N      N N N 404 
TYR CA     C N S 405 
TYR C      C N N 406 
TYR O      O N N 407 
TYR CB     C N N 408 
TYR CG     C Y N 409 
TYR CD1    C Y N 410 
TYR CD2    C Y N 411 
TYR CE1    C Y N 412 
TYR CE2    C Y N 413 
TYR CZ     C Y N 414 
TYR OH     O N N 415 
TYR OXT    O N N 416 
TYR H      H N N 417 
TYR H2     H N N 418 
TYR HA     H N N 419 
TYR HB2    H N N 420 
TYR HB3    H N N 421 
TYR HD1    H N N 422 
TYR HD2    H N N 423 
TYR HE1    H N N 424 
TYR HE2    H N N 425 
TYR HH     H N N 426 
TYR HXT    H N N 427 
VAL N      N N N 428 
VAL CA     C N S 429 
VAL C      C N N 430 
VAL O      O N N 431 
VAL CB     C N N 432 
VAL CG1    C N N 433 
VAL CG2    C N N 434 
VAL OXT    O N N 435 
VAL H      H N N 436 
VAL H2     H N N 437 
VAL HA     H N N 438 
VAL HB     H N N 439 
VAL HG11   H N N 440 
VAL HG12   H N N 441 
VAL HG13   H N N 442 
VAL HG21   H N N 443 
VAL HG22   H N N 444 
VAL HG23   H N N 445 
VAL HXT    H N N 446 
# 
loop_
_chem_comp_bond.comp_id 
_chem_comp_bond.atom_id_1 
_chem_comp_bond.atom_id_2 
_chem_comp_bond.value_order 
_chem_comp_bond.pdbx_aromatic_flag 
_chem_comp_bond.pdbx_stereo_config 
_chem_comp_bond.pdbx_ordinal 
5GP P     O1P    doub N N 1   
5GP P     O2P    sing N N 2   
5GP P     O3P    sing N N 3   
5GP P     "O5'"  sing N N 4   
5GP O2P   HOP2   sing N N 5   
5GP O3P   HOP3   sing N N 6   
5GP "O5'" "C5'"  sing N N 7   
5GP "C5'" "C4'"  sing N N 8   
5GP "C5'" "H5'1" sing N N 9   
5GP "C5'" "H5'2" sing N N 10  
5GP "C4'" "O4'"  sing N N 11  
5GP "C4'" "C3'"  sing N N 12  
5GP "C4'" "H4'"  sing N N 13  
5GP "O4'" "C1'"  sing N N 14  
5GP "C3'" "O3'"  sing N N 15  
5GP "C3'" "C2'"  sing N N 16  
5GP "C3'" "H3'"  sing N N 17  
5GP "O3'" "HO3'" sing N N 18  
5GP "C2'" "O2'"  sing N N 19  
5GP "C2'" "C1'"  sing N N 20  
5GP "C2'" "H2'"  sing N N 21  
5GP "O2'" "HO2'" sing N N 22  
5GP "C1'" N9     sing N N 23  
5GP "C1'" "H1'"  sing N N 24  
5GP N9    C8     sing Y N 25  
5GP N9    C4     sing Y N 26  
5GP C8    N7     doub Y N 27  
5GP C8    H8     sing N N 28  
5GP N7    C5     sing Y N 29  
5GP C5    C6     sing N N 30  
5GP C5    C4     doub Y N 31  
5GP C6    O6     doub N N 32  
5GP C6    N1     sing N N 33  
5GP N1    C2     sing N N 34  
5GP N1    HN1    sing N N 35  
5GP C2    N2     sing N N 36  
5GP C2    N3     doub N N 37  
5GP N2    HN21   sing N N 38  
5GP N2    HN22   sing N N 39  
5GP N3    C4     sing N N 40  
ALA N     CA     sing N N 41  
ALA N     H      sing N N 42  
ALA N     H2     sing N N 43  
ALA CA    C      sing N N 44  
ALA CA    CB     sing N N 45  
ALA CA    HA     sing N N 46  
ALA C     O      doub N N 47  
ALA C     OXT    sing N N 48  
ALA CB    HB1    sing N N 49  
ALA CB    HB2    sing N N 50  
ALA CB    HB3    sing N N 51  
ALA OXT   HXT    sing N N 52  
ARG N     CA     sing N N 53  
ARG N     H      sing N N 54  
ARG N     H2     sing N N 55  
ARG CA    C      sing N N 56  
ARG CA    CB     sing N N 57  
ARG CA    HA     sing N N 58  
ARG C     O      doub N N 59  
ARG C     OXT    sing N N 60  
ARG CB    CG     sing N N 61  
ARG CB    HB2    sing N N 62  
ARG CB    HB3    sing N N 63  
ARG CG    CD     sing N N 64  
ARG CG    HG2    sing N N 65  
ARG CG    HG3    sing N N 66  
ARG CD    NE     sing N N 67  
ARG CD    HD2    sing N N 68  
ARG CD    HD3    sing N N 69  
ARG NE    CZ     sing N N 70  
ARG NE    HE     sing N N 71  
ARG CZ    NH1    sing N N 72  
ARG CZ    NH2    doub N N 73  
ARG NH1   HH11   sing N N 74  
ARG NH1   HH12   sing N N 75  
ARG NH2   HH21   sing N N 76  
ARG NH2   HH22   sing N N 77  
ARG OXT   HXT    sing N N 78  
ASN N     CA     sing N N 79  
ASN N     H      sing N N 80  
ASN N     H2     sing N N 81  
ASN CA    C      sing N N 82  
ASN CA    CB     sing N N 83  
ASN CA    HA     sing N N 84  
ASN C     O      doub N N 85  
ASN C     OXT    sing N N 86  
ASN CB    CG     sing N N 87  
ASN CB    HB2    sing N N 88  
ASN CB    HB3    sing N N 89  
ASN CG    OD1    doub N N 90  
ASN CG    ND2    sing N N 91  
ASN ND2   HD21   sing N N 92  
ASN ND2   HD22   sing N N 93  
ASN OXT   HXT    sing N N 94  
ASP N     CA     sing N N 95  
ASP N     H      sing N N 96  
ASP N     H2     sing N N 97  
ASP CA    C      sing N N 98  
ASP CA    CB     sing N N 99  
ASP CA    HA     sing N N 100 
ASP C     O      doub N N 101 
ASP C     OXT    sing N N 102 
ASP CB    CG     sing N N 103 
ASP CB    HB2    sing N N 104 
ASP CB    HB3    sing N N 105 
ASP CG    OD1    doub N N 106 
ASP CG    OD2    sing N N 107 
ASP OD2   HD2    sing N N 108 
ASP OXT   HXT    sing N N 109 
C5P O3P   P      sing N N 110 
C5P O3P   HOP3   sing N N 111 
C5P P     O1P    doub N N 112 
C5P P     O2P    sing N N 113 
C5P P     "O5'"  sing N N 114 
C5P O2P   HOP2   sing N N 115 
C5P "O5'" "C5'"  sing N N 116 
C5P "C5'" "C4'"  sing N N 117 
C5P "C5'" "H5'1" sing N N 118 
C5P "C5'" "H5'2" sing N N 119 
C5P "C4'" "O4'"  sing N N 120 
C5P "C4'" "C3'"  sing N N 121 
C5P "C4'" "H4'"  sing N N 122 
C5P "O4'" "C1'"  sing N N 123 
C5P "C3'" "O3'"  sing N N 124 
C5P "C3'" "C2'"  sing N N 125 
C5P "C3'" "H3'"  sing N N 126 
C5P "O3'" "HO3'" sing N N 127 
C5P "C2'" "O2'"  sing N N 128 
C5P "C2'" "C1'"  sing N N 129 
C5P "C2'" "H2'1" sing N N 130 
C5P "O2'" "HO2'" sing N N 131 
C5P "C1'" N1     sing N N 132 
C5P "C1'" "H1'"  sing N N 133 
C5P N1    C2     sing N N 134 
C5P N1    C6     sing N N 135 
C5P C2    N3     sing N N 136 
C5P C2    O2     doub N N 137 
C5P N3    C4     doub N N 138 
C5P C4    C5     sing N N 139 
C5P C4    N4     sing N N 140 
C5P C5    C6     doub N N 141 
C5P C5    H5     sing N N 142 
C5P C6    H6     sing N N 143 
C5P N4    HN41   sing N N 144 
C5P N4    HN42   sing N N 145 
GLN N     CA     sing N N 146 
GLN N     H      sing N N 147 
GLN N     H2     sing N N 148 
GLN CA    C      sing N N 149 
GLN CA    CB     sing N N 150 
GLN CA    HA     sing N N 151 
GLN C     O      doub N N 152 
GLN C     OXT    sing N N 153 
GLN CB    CG     sing N N 154 
GLN CB    HB2    sing N N 155 
GLN CB    HB3    sing N N 156 
GLN CG    CD     sing N N 157 
GLN CG    HG2    sing N N 158 
GLN CG    HG3    sing N N 159 
GLN CD    OE1    doub N N 160 
GLN CD    NE2    sing N N 161 
GLN NE2   HE21   sing N N 162 
GLN NE2   HE22   sing N N 163 
GLN OXT   HXT    sing N N 164 
GLU N     CA     sing N N 165 
GLU N     H      sing N N 166 
GLU N     H2     sing N N 167 
GLU CA    C      sing N N 168 
GLU CA    CB     sing N N 169 
GLU CA    HA     sing N N 170 
GLU C     O      doub N N 171 
GLU C     OXT    sing N N 172 
GLU CB    CG     sing N N 173 
GLU CB    HB2    sing N N 174 
GLU CB    HB3    sing N N 175 
GLU CG    CD     sing N N 176 
GLU CG    HG2    sing N N 177 
GLU CG    HG3    sing N N 178 
GLU CD    OE1    doub N N 179 
GLU CD    OE2    sing N N 180 
GLU OE2   HE2    sing N N 181 
GLU OXT   HXT    sing N N 182 
GLY N     CA     sing N N 183 
GLY N     H      sing N N 184 
GLY N     H2     sing N N 185 
GLY CA    C      sing N N 186 
GLY CA    HA2    sing N N 187 
GLY CA    HA3    sing N N 188 
GLY C     O      doub N N 189 
GLY C     OXT    sing N N 190 
GLY OXT   HXT    sing N N 191 
HIS N     CA     sing N N 192 
HIS N     H      sing N N 193 
HIS N     H2     sing N N 194 
HIS CA    C      sing N N 195 
HIS CA    CB     sing N N 196 
HIS CA    HA     sing N N 197 
HIS C     O      doub N N 198 
HIS C     OXT    sing N N 199 
HIS CB    CG     sing N N 200 
HIS CB    HB2    sing N N 201 
HIS CB    HB3    sing N N 202 
HIS CG    ND1    sing Y N 203 
HIS CG    CD2    doub Y N 204 
HIS ND1   CE1    doub Y N 205 
HIS ND1   HD1    sing N N 206 
HIS CD2   NE2    sing Y N 207 
HIS CD2   HD2    sing N N 208 
HIS CE1   NE2    sing Y N 209 
HIS CE1   HE1    sing N N 210 
HIS NE2   HE2    sing N N 211 
HIS OXT   HXT    sing N N 212 
ILE N     CA     sing N N 213 
ILE N     H      sing N N 214 
ILE N     H2     sing N N 215 
ILE CA    C      sing N N 216 
ILE CA    CB     sing N N 217 
ILE CA    HA     sing N N 218 
ILE C     O      doub N N 219 
ILE C     OXT    sing N N 220 
ILE CB    CG1    sing N N 221 
ILE CB    CG2    sing N N 222 
ILE CB    HB     sing N N 223 
ILE CG1   CD1    sing N N 224 
ILE CG1   HG12   sing N N 225 
ILE CG1   HG13   sing N N 226 
ILE CG2   HG21   sing N N 227 
ILE CG2   HG22   sing N N 228 
ILE CG2   HG23   sing N N 229 
ILE CD1   HD11   sing N N 230 
ILE CD1   HD12   sing N N 231 
ILE CD1   HD13   sing N N 232 
ILE OXT   HXT    sing N N 233 
LEU N     CA     sing N N 234 
LEU N     H      sing N N 235 
LEU N     H2     sing N N 236 
LEU CA    C      sing N N 237 
LEU CA    CB     sing N N 238 
LEU CA    HA     sing N N 239 
LEU C     O      doub N N 240 
LEU C     OXT    sing N N 241 
LEU CB    CG     sing N N 242 
LEU CB    HB2    sing N N 243 
LEU CB    HB3    sing N N 244 
LEU CG    CD1    sing N N 245 
LEU CG    CD2    sing N N 246 
LEU CG    HG     sing N N 247 
LEU CD1   HD11   sing N N 248 
LEU CD1   HD12   sing N N 249 
LEU CD1   HD13   sing N N 250 
LEU CD2   HD21   sing N N 251 
LEU CD2   HD22   sing N N 252 
LEU CD2   HD23   sing N N 253 
LEU OXT   HXT    sing N N 254 
LYS N     CA     sing N N 255 
LYS N     H      sing N N 256 
LYS N     H2     sing N N 257 
LYS CA    C      sing N N 258 
LYS CA    CB     sing N N 259 
LYS CA    HA     sing N N 260 
LYS C     O      doub N N 261 
LYS C     OXT    sing N N 262 
LYS CB    CG     sing N N 263 
LYS CB    HB2    sing N N 264 
LYS CB    HB3    sing N N 265 
LYS CG    CD     sing N N 266 
LYS CG    HG2    sing N N 267 
LYS CG    HG3    sing N N 268 
LYS CD    CE     sing N N 269 
LYS CD    HD2    sing N N 270 
LYS CD    HD3    sing N N 271 
LYS CE    NZ     sing N N 272 
LYS CE    HE2    sing N N 273 
LYS CE    HE3    sing N N 274 
LYS NZ    HZ1    sing N N 275 
LYS NZ    HZ2    sing N N 276 
LYS NZ    HZ3    sing N N 277 
LYS OXT   HXT    sing N N 278 
MET N     CA     sing N N 279 
MET N     H      sing N N 280 
MET N     H2     sing N N 281 
MET CA    C      sing N N 282 
MET CA    CB     sing N N 283 
MET CA    HA     sing N N 284 
MET C     O      doub N N 285 
MET C     OXT    sing N N 286 
MET CB    CG     sing N N 287 
MET CB    HB2    sing N N 288 
MET CB    HB3    sing N N 289 
MET CG    SD     sing N N 290 
MET CG    HG2    sing N N 291 
MET CG    HG3    sing N N 292 
MET SD    CE     sing N N 293 
MET CE    HE1    sing N N 294 
MET CE    HE2    sing N N 295 
MET CE    HE3    sing N N 296 
MET OXT   HXT    sing N N 297 
PHE N     CA     sing N N 298 
PHE N     H      sing N N 299 
PHE N     H2     sing N N 300 
PHE CA    C      sing N N 301 
PHE CA    CB     sing N N 302 
PHE CA    HA     sing N N 303 
PHE C     O      doub N N 304 
PHE C     OXT    sing N N 305 
PHE CB    CG     sing N N 306 
PHE CB    HB2    sing N N 307 
PHE CB    HB3    sing N N 308 
PHE CG    CD1    doub Y N 309 
PHE CG    CD2    sing Y N 310 
PHE CD1   CE1    sing Y N 311 
PHE CD1   HD1    sing N N 312 
PHE CD2   CE2    doub Y N 313 
PHE CD2   HD2    sing N N 314 
PHE CE1   CZ     doub Y N 315 
PHE CE1   HE1    sing N N 316 
PHE CE2   CZ     sing Y N 317 
PHE CE2   HE2    sing N N 318 
PHE CZ    HZ     sing N N 319 
PHE OXT   HXT    sing N N 320 
PRO N     CA     sing N N 321 
PRO N     CD     sing N N 322 
PRO N     H      sing N N 323 
PRO CA    C      sing N N 324 
PRO CA    CB     sing N N 325 
PRO CA    HA     sing N N 326 
PRO C     O      doub N N 327 
PRO C     OXT    sing N N 328 
PRO CB    CG     sing N N 329 
PRO CB    HB2    sing N N 330 
PRO CB    HB3    sing N N 331 
PRO CG    CD     sing N N 332 
PRO CG    HG2    sing N N 333 
PRO CG    HG3    sing N N 334 
PRO CD    HD2    sing N N 335 
PRO CD    HD3    sing N N 336 
PRO OXT   HXT    sing N N 337 
SER N     CA     sing N N 338 
SER N     H      sing N N 339 
SER N     H2     sing N N 340 
SER CA    C      sing N N 341 
SER CA    CB     sing N N 342 
SER CA    HA     sing N N 343 
SER C     O      doub N N 344 
SER C     OXT    sing N N 345 
SER CB    OG     sing N N 346 
SER CB    HB2    sing N N 347 
SER CB    HB3    sing N N 348 
SER OG    HG     sing N N 349 
SER OXT   HXT    sing N N 350 
THR N     CA     sing N N 351 
THR N     H      sing N N 352 
THR N     H2     sing N N 353 
THR CA    C      sing N N 354 
THR CA    CB     sing N N 355 
THR CA    HA     sing N N 356 
THR C     O      doub N N 357 
THR C     OXT    sing N N 358 
THR CB    OG1    sing N N 359 
THR CB    CG2    sing N N 360 
THR CB    HB     sing N N 361 
THR OG1   HG1    sing N N 362 
THR CG2   HG21   sing N N 363 
THR CG2   HG22   sing N N 364 
THR CG2   HG23   sing N N 365 
THR OXT   HXT    sing N N 366 
TRP N     CA     sing N N 367 
TRP N     H      sing N N 368 
TRP N     H2     sing N N 369 
TRP CA    C      sing N N 370 
TRP CA    CB     sing N N 371 
TRP CA    HA     sing N N 372 
TRP C     O      doub N N 373 
TRP C     OXT    sing N N 374 
TRP CB    CG     sing N N 375 
TRP CB    HB2    sing N N 376 
TRP CB    HB3    sing N N 377 
TRP CG    CD1    doub Y N 378 
TRP CG    CD2    sing Y N 379 
TRP CD1   NE1    sing Y N 380 
TRP CD1   HD1    sing N N 381 
TRP CD2   CE2    doub Y N 382 
TRP CD2   CE3    sing Y N 383 
TRP NE1   CE2    sing Y N 384 
TRP NE1   HE1    sing N N 385 
TRP CE2   CZ2    sing Y N 386 
TRP CE3   CZ3    doub Y N 387 
TRP CE3   HE3    sing N N 388 
TRP CZ2   CH2    doub Y N 389 
TRP CZ2   HZ2    sing N N 390 
TRP CZ3   CH2    sing Y N 391 
TRP CZ3   HZ3    sing N N 392 
TRP CH2   HH2    sing N N 393 
TRP OXT   HXT    sing N N 394 
TYR N     CA     sing N N 395 
TYR N     H      sing N N 396 
TYR N     H2     sing N N 397 
TYR CA    C      sing N N 398 
TYR CA    CB     sing N N 399 
TYR CA    HA     sing N N 400 
TYR C     O      doub N N 401 
TYR C     OXT    sing N N 402 
TYR CB    CG     sing N N 403 
TYR CB    HB2    sing N N 404 
TYR CB    HB3    sing N N 405 
TYR CG    CD1    doub Y N 406 
TYR CG    CD2    sing Y N 407 
TYR CD1   CE1    sing Y N 408 
TYR CD1   HD1    sing N N 409 
TYR CD2   CE2    doub Y N 410 
TYR CD2   HD2    sing N N 411 
TYR CE1   CZ     doub Y N 412 
TYR CE1   HE1    sing N N 413 
TYR CE2   CZ     sing Y N 414 
TYR CE2   HE2    sing N N 415 
TYR CZ    OH     sing N N 416 
TYR OH    HH     sing N N 417 
TYR OXT   HXT    sing N N 418 
VAL N     CA     sing N N 419 
VAL N     H      sing N N 420 
VAL N     H2     sing N N 421 
VAL CA    C      sing N N 422 
VAL CA    CB     sing N N 423 
VAL CA    HA     sing N N 424 
VAL C     O      doub N N 425 
VAL C     OXT    sing N N 426 
VAL CB    CG1    sing N N 427 
VAL CB    CG2    sing N N 428 
VAL CB    HB     sing N N 429 
VAL CG1   HG11   sing N N 430 
VAL CG1   HG12   sing N N 431 
VAL CG1   HG13   sing N N 432 
VAL CG2   HG21   sing N N 433 
VAL CG2   HG22   sing N N 434 
VAL CG2   HG23   sing N N 435 
VAL OXT   HXT    sing N N 436 
# 
loop_
_pdbx_entity_nonpoly.entity_id 
_pdbx_entity_nonpoly.name 
_pdbx_entity_nonpoly.comp_id 
2 "CYTIDINE-5'-MONOPHOSPHATE"  C5P 
3 "GUANOSINE-5'-MONOPHOSPHATE" 5GP 
# 
_pdbx_initial_refinement_model.id               1 
_pdbx_initial_refinement_model.entity_id_list   ? 
_pdbx_initial_refinement_model.type             'experimental model' 
_pdbx_initial_refinement_model.source_name      PDB 
_pdbx_initial_refinement_model.accession_code   3F1J 
_pdbx_initial_refinement_model.details          'PDB ENTRY 3F1J' 
# 
